data_8Q8H
#
_entry.id   8Q8H
#
_cell.length_a   173.640
_cell.length_b   195.570
_cell.length_c   82.040
_cell.angle_alpha   90.000
_cell.angle_beta   90.000
_cell.angle_gamma   90.000
#
_symmetry.space_group_name_H-M   'P 21 21 2'
#
loop_
_entity.id
_entity.type
_entity.pdbx_description
1 polymer 'beta-D-GalNAcase from Niabella aurantiaca DSM 17617'
2 non-polymer 'SULFATE ION'
3 non-polymer 'SODIUM ION'
4 water water
#
_entity_poly.entity_id   1
_entity_poly.type   'polypeptide(L)'
_entity_poly.pdbx_seq_one_letter_code
;DAPMAVWLQSSLQRIFPQSPAQTAAALELQAARNSRVSFQVAFRSNMKDQTHISCSTEGAETLHPRVRYVGLVPMPHFNT
DVSPEELDGVGYLPGWLPDPLYPVTKTEAHPFESRSFWITLQIPASLSPGIHDFHVRMRWQEGKEEKDKLLHVKVKVSAL
VLQPRSNFHVTHWWRGEAIALQYETKMFDEQWWKLTRACMKNLIEHGNDVAFIQNFFELRAVFKEPCQMLIVREPSPGKY
EFDWSRIKRFVDMCRELGYKKFEWAHLWLYWGVQDAMHVYKKEGNAYKLLWAENLSGTSDTYIHFLKQYLPQLHRFLLKE
NLLSDSYFHLSDEPWSEHVENYKKARNILRQLAPWMKVMDALSDVRYGREQLTDIPIPIISSDEAYRKEQIPHWVYFCTG
PRNKWLNRLYDTPLPKLRMSGWLFYKLKALGFLHWGYNFWYTLDKEQPGDPFTEGAAYAYPGIAYGDPFVVYPGPDGPYD
SIRWEVFSESLQDYAILQSAGIQPEDPMLAALHTYEDFPRSEQWINETLKKILEKA
;
_entity_poly.pdbx_strand_id   A,B,C,D
#
loop_
_chem_comp.id
_chem_comp.type
_chem_comp.name
_chem_comp.formula
NA non-polymer 'SODIUM ION' 'Na 1'
SO4 non-polymer 'SULFATE ION' 'O4 S -2'
#
# COMPACT_ATOMS: atom_id res chain seq x y z
N ASP A 1 24.10 10.39 1.31
CA ASP A 1 24.07 11.41 0.26
C ASP A 1 25.36 11.41 -0.61
N ALA A 2 26.08 10.29 -0.64
CA ALA A 2 27.32 10.20 -1.41
C ALA A 2 27.06 10.34 -2.90
N PRO A 3 27.92 11.04 -3.64
CA PRO A 3 27.71 11.17 -5.08
C PRO A 3 27.56 9.85 -5.80
N MET A 4 28.36 8.85 -5.43
CA MET A 4 28.37 7.51 -6.02
C MET A 4 28.42 6.50 -4.90
N ALA A 5 27.50 5.55 -4.87
CA ALA A 5 27.54 4.43 -3.94
C ALA A 5 28.07 3.21 -4.66
N VAL A 6 28.88 2.42 -3.94
CA VAL A 6 29.31 1.11 -4.42
C VAL A 6 29.30 0.15 -3.24
N TRP A 7 28.75 -1.05 -3.45
CA TRP A 7 28.66 -2.04 -2.37
C TRP A 7 28.82 -3.43 -2.97
N LEU A 8 28.97 -4.44 -2.09
CA LEU A 8 29.07 -5.85 -2.48
C LEU A 8 27.75 -6.54 -2.15
N GLN A 9 27.45 -7.59 -2.89
CA GLN A 9 26.16 -8.27 -2.71
C GLN A 9 26.31 -9.68 -3.23
N SER A 10 25.47 -10.59 -2.75
CA SER A 10 25.71 -11.97 -3.14
C SER A 10 25.12 -12.28 -4.51
N SER A 11 25.44 -13.47 -5.00
CA SER A 11 24.93 -13.97 -6.28
C SER A 11 23.51 -14.46 -6.20
N LEU A 12 22.82 -14.32 -5.06
CA LEU A 12 21.47 -14.83 -4.91
C LEU A 12 20.42 -13.74 -4.74
N GLN A 13 20.73 -12.49 -5.10
CA GLN A 13 19.84 -11.35 -4.90
C GLN A 13 19.82 -10.48 -6.15
N ARG A 14 18.67 -10.36 -6.79
CA ARG A 14 18.62 -9.47 -7.96
C ARG A 14 18.71 -8.02 -7.51
N ILE A 15 19.39 -7.20 -8.30
CA ILE A 15 19.45 -5.77 -8.09
C ILE A 15 18.66 -5.04 -9.17
N PHE A 16 17.58 -4.40 -8.77
CA PHE A 16 16.75 -3.73 -9.74
C PHE A 16 17.14 -2.26 -9.84
N PRO A 17 16.86 -1.65 -10.99
CA PRO A 17 17.41 -0.31 -11.26
C PRO A 17 17.05 0.70 -10.20
N GLN A 18 15.86 0.57 -9.66
CA GLN A 18 15.38 1.52 -8.68
C GLN A 18 15.60 1.03 -7.26
N SER A 19 16.41 -0.03 -7.08
CA SER A 19 16.87 -0.44 -5.74
C SER A 19 17.63 0.70 -5.06
N PRO A 20 17.49 0.82 -3.75
CA PRO A 20 18.27 1.82 -3.02
C PRO A 20 19.71 1.43 -2.83
N ALA A 21 20.54 2.47 -2.76
CA ALA A 21 21.95 2.28 -2.47
C ALA A 21 22.07 1.57 -1.14
N GLN A 22 23.13 0.78 -0.99
CA GLN A 22 23.49 0.18 0.29
C GLN A 22 24.92 0.54 0.55
N THR A 23 25.37 0.25 1.77
CA THR A 23 26.77 0.35 2.13
C THR A 23 27.28 -1.05 2.46
N ALA A 24 28.50 -1.36 2.06
CA ALA A 24 28.99 -2.72 2.33
C ALA A 24 30.48 -2.73 2.67
N ALA A 25 31.30 -2.81 1.64
CA ALA A 25 32.74 -2.76 1.75
C ALA A 25 33.31 -4.15 2.02
N ALA A 26 32.50 -5.07 2.55
CA ALA A 26 33.04 -6.35 2.99
C ALA A 26 32.07 -7.47 2.70
N LEU A 27 32.59 -8.55 2.11
CA LEU A 27 31.80 -9.72 1.76
C LEU A 27 32.66 -10.94 1.99
N GLU A 28 32.14 -11.91 2.72
CA GLU A 28 32.82 -13.19 2.86
C GLU A 28 32.03 -14.31 2.17
N LEU A 29 32.76 -15.13 1.43
CA LEU A 29 32.22 -16.25 0.71
C LEU A 29 32.82 -17.52 1.31
N GLN A 30 32.20 -18.64 0.98
CA GLN A 30 32.69 -19.96 1.36
C GLN A 30 32.67 -20.80 0.10
N ALA A 31 33.64 -21.70 0.00
CA ALA A 31 33.84 -22.43 -1.24
C ALA A 31 34.51 -23.77 -0.91
N ALA A 32 34.05 -24.79 -1.62
CA ALA A 32 34.85 -26.00 -1.69
C ALA A 32 36.00 -25.73 -2.65
N ARG A 33 37.04 -26.56 -2.54
CA ARG A 33 38.12 -26.49 -3.52
C ARG A 33 37.74 -27.28 -4.76
N ASN A 34 38.36 -26.89 -5.86
CA ASN A 34 37.97 -27.37 -7.18
C ASN A 34 36.52 -26.99 -7.44
N SER A 35 36.22 -25.71 -7.28
CA SER A 35 34.86 -25.25 -7.50
C SER A 35 34.87 -23.82 -8.03
N ARG A 36 33.69 -23.29 -8.25
CA ARG A 36 33.45 -22.00 -8.87
C ARG A 36 32.43 -21.26 -8.02
N VAL A 37 32.64 -19.97 -7.78
CA VAL A 37 31.76 -19.23 -6.87
C VAL A 37 31.64 -17.78 -7.36
N SER A 38 30.54 -17.10 -7.02
CA SER A 38 30.20 -15.82 -7.66
C SER A 38 29.72 -14.79 -6.65
N PHE A 39 29.78 -13.52 -7.08
CA PHE A 39 29.24 -12.42 -6.28
C PHE A 39 29.05 -11.21 -7.18
N GLN A 40 28.44 -10.15 -6.63
CA GLN A 40 28.15 -8.95 -7.41
C GLN A 40 28.78 -7.74 -6.73
N VAL A 41 29.20 -6.82 -7.60
CA VAL A 41 29.72 -5.52 -7.23
C VAL A 41 28.71 -4.52 -7.74
N ALA A 42 27.93 -3.92 -6.87
CA ALA A 42 26.87 -3.01 -7.23
C ALA A 42 27.32 -1.56 -7.10
N PHE A 43 26.57 -0.66 -7.75
CA PHE A 43 26.92 0.75 -7.83
C PHE A 43 25.64 1.51 -8.16
N ARG A 44 25.54 2.74 -7.63
CA ARG A 44 24.42 3.63 -7.93
C ARG A 44 24.91 5.05 -7.92
N SER A 45 24.81 5.74 -9.05
CA SER A 45 25.13 7.15 -9.07
C SER A 45 24.02 7.96 -8.42
N ASN A 46 24.42 8.91 -7.60
CA ASN A 46 23.51 9.90 -7.03
C ASN A 46 23.69 11.26 -7.69
N MET A 47 24.19 11.27 -8.92
CA MET A 47 24.63 12.45 -9.66
C MET A 47 23.70 12.67 -10.87
N LYS A 48 23.40 13.96 -11.13
CA LYS A 48 22.61 14.39 -12.29
C LYS A 48 23.24 13.99 -13.61
N ASP A 49 24.55 13.99 -13.66
CA ASP A 49 25.28 13.83 -14.90
C ASP A 49 25.83 12.43 -14.99
N GLN A 50 25.85 11.86 -16.18
CA GLN A 50 26.36 10.51 -16.27
C GLN A 50 27.90 10.52 -16.19
N THR A 51 28.45 9.37 -15.84
CA THR A 51 29.89 9.26 -15.68
C THR A 51 30.27 7.84 -16.08
N HIS A 52 31.56 7.59 -16.21
CA HIS A 52 32.00 6.23 -16.49
C HIS A 52 32.34 5.52 -15.19
N ILE A 53 32.23 4.19 -15.18
CA ILE A 53 32.66 3.43 -14.02
C ILE A 53 33.30 2.13 -14.49
N SER A 54 34.38 1.74 -13.79
CA SER A 54 35.24 0.61 -14.16
C SER A 54 35.45 -0.30 -12.95
N CYS A 55 35.38 -1.60 -13.19
CA CYS A 55 35.45 -2.63 -12.17
C CYS A 55 36.68 -3.50 -12.41
N SER A 56 37.43 -3.78 -11.36
CA SER A 56 38.59 -4.64 -11.56
C SER A 56 38.94 -5.31 -10.25
N THR A 57 39.76 -6.37 -10.34
CA THR A 57 40.23 -7.04 -9.14
C THR A 57 41.70 -6.74 -8.89
N GLU A 58 42.08 -6.84 -7.62
CA GLU A 58 43.46 -6.69 -7.20
C GLU A 58 43.75 -7.79 -6.21
N GLY A 59 44.80 -8.56 -6.49
CA GLY A 59 45.20 -9.64 -5.61
C GLY A 59 44.43 -10.92 -5.77
N ALA A 60 43.79 -11.13 -6.90
CA ALA A 60 42.96 -12.29 -7.15
C ALA A 60 43.54 -13.24 -8.20
N GLU A 61 44.82 -13.10 -8.52
CA GLU A 61 45.34 -13.78 -9.70
C GLU A 61 45.16 -15.29 -9.62
N THR A 62 45.33 -15.87 -8.41
CA THR A 62 45.23 -17.31 -8.21
C THR A 62 43.81 -17.84 -8.35
N LEU A 63 42.81 -16.97 -8.41
CA LEU A 63 41.42 -17.35 -8.53
C LEU A 63 40.86 -17.11 -9.92
N HIS A 64 41.72 -16.73 -10.87
CA HIS A 64 41.37 -16.43 -12.26
C HIS A 64 40.03 -15.72 -12.35
N PRO A 65 39.89 -14.54 -11.76
CA PRO A 65 38.63 -13.86 -11.75
C PRO A 65 38.16 -13.53 -13.14
N ARG A 66 36.85 -13.43 -13.26
CA ARG A 66 36.19 -13.03 -14.47
C ARG A 66 35.18 -11.95 -14.08
N VAL A 67 35.20 -10.81 -14.77
CA VAL A 67 34.39 -9.65 -14.46
C VAL A 67 33.47 -9.36 -15.64
N ARG A 68 32.16 -9.37 -15.41
CA ARG A 68 31.17 -9.11 -16.43
C ARG A 68 30.14 -8.13 -15.89
N TYR A 69 29.31 -7.60 -16.79
CA TYR A 69 28.34 -6.55 -16.48
C TYR A 69 26.96 -7.14 -16.59
N VAL A 70 26.11 -6.88 -15.60
CA VAL A 70 24.76 -7.40 -15.63
C VAL A 70 23.93 -6.48 -16.50
N GLY A 71 23.36 -7.04 -17.58
CA GLY A 71 22.43 -6.29 -18.39
C GLY A 71 20.98 -6.53 -17.98
N LEU A 72 20.12 -5.61 -18.40
CA LEU A 72 18.70 -5.68 -18.06
C LEU A 72 17.90 -6.02 -19.32
N VAL A 73 16.84 -6.76 -19.13
CA VAL A 73 15.89 -7.04 -20.20
C VAL A 73 14.52 -6.60 -19.73
N PRO A 74 13.62 -6.26 -20.64
CA PRO A 74 12.30 -5.79 -20.23
C PRO A 74 11.41 -6.96 -19.88
N MET A 75 10.79 -6.91 -18.70
CA MET A 75 9.78 -7.88 -18.29
C MET A 75 8.42 -7.18 -18.24
N PRO A 76 7.54 -7.43 -19.22
CA PRO A 76 6.30 -6.65 -19.33
C PRO A 76 5.27 -6.92 -18.24
N HIS A 77 5.21 -8.16 -17.77
CA HIS A 77 4.20 -8.59 -16.81
C HIS A 77 4.85 -9.65 -15.95
N PHE A 78 4.29 -9.87 -14.77
CA PHE A 78 4.65 -11.07 -14.05
C PHE A 78 4.11 -12.31 -14.76
N ASN A 79 4.76 -13.43 -14.54
CA ASN A 79 4.17 -14.69 -14.97
C ASN A 79 2.94 -14.99 -14.14
N THR A 80 1.93 -15.58 -14.77
CA THR A 80 0.70 -15.90 -14.07
C THR A 80 0.87 -17.16 -13.24
N ASP A 81 -0.12 -17.38 -12.34
CA ASP A 81 -0.17 -18.55 -11.46
C ASP A 81 1.08 -18.65 -10.58
N VAL A 82 1.50 -17.49 -10.07
CA VAL A 82 2.56 -17.41 -9.08
C VAL A 82 2.09 -16.41 -8.03
N SER A 83 1.89 -16.87 -6.81
CA SER A 83 1.48 -15.96 -5.76
C SER A 83 2.63 -15.02 -5.42
N PRO A 84 2.34 -13.88 -4.79
CA PRO A 84 3.42 -12.92 -4.52
C PRO A 84 4.50 -13.46 -3.61
N GLU A 85 4.14 -14.38 -2.71
CA GLU A 85 5.12 -14.99 -1.81
C GLU A 85 6.23 -15.70 -2.56
N GLU A 86 5.99 -16.04 -3.82
CA GLU A 86 6.89 -16.81 -4.66
C GLU A 86 7.47 -16.00 -5.81
N LEU A 87 7.16 -14.71 -5.91
CA LEU A 87 7.68 -13.87 -6.99
C LEU A 87 8.88 -13.07 -6.50
N ASP A 88 9.91 -12.98 -7.32
CA ASP A 88 10.97 -12.02 -7.08
C ASP A 88 10.52 -10.67 -7.62
N GLY A 89 11.10 -9.60 -7.10
CA GLY A 89 10.82 -8.28 -7.65
C GLY A 89 9.50 -7.63 -7.25
N VAL A 90 8.88 -8.15 -6.18
CA VAL A 90 7.68 -7.50 -5.67
C VAL A 90 8.05 -6.07 -5.33
N GLY A 91 7.31 -5.13 -5.88
CA GLY A 91 7.64 -3.72 -5.71
C GLY A 91 8.55 -3.16 -6.76
N TYR A 92 9.19 -3.99 -7.59
CA TYR A 92 10.08 -3.52 -8.62
C TYR A 92 9.66 -3.93 -10.02
N LEU A 93 9.05 -5.08 -10.18
CA LEU A 93 8.51 -5.50 -11.45
C LEU A 93 7.00 -5.30 -11.47
N PRO A 94 6.33 -5.32 -12.63
CA PRO A 94 6.84 -5.38 -14.00
C PRO A 94 7.82 -4.25 -14.25
N GLY A 95 8.83 -4.47 -15.09
CA GLY A 95 9.92 -3.52 -15.18
C GLY A 95 11.16 -4.12 -15.83
N TRP A 96 12.29 -3.50 -15.53
CA TRP A 96 13.57 -3.98 -16.02
C TRP A 96 14.08 -5.09 -15.13
N LEU A 97 14.55 -6.19 -15.73
CA LEU A 97 14.99 -7.39 -15.04
C LEU A 97 16.47 -7.66 -15.30
N PRO A 98 17.30 -7.85 -14.28
CA PRO A 98 18.67 -8.27 -14.52
C PRO A 98 18.70 -9.73 -15.00
N ASP A 99 19.51 -10.02 -16.01
CA ASP A 99 19.68 -11.43 -16.41
C ASP A 99 20.91 -11.65 -17.31
N PRO A 100 21.02 -11.06 -18.50
CA PRO A 100 22.22 -11.30 -19.29
C PRO A 100 23.48 -10.77 -18.61
N LEU A 101 24.57 -11.50 -18.84
CA LEU A 101 25.91 -11.15 -18.38
C LEU A 101 26.76 -10.84 -19.60
N TYR A 102 27.29 -9.60 -19.68
CA TYR A 102 28.00 -9.14 -20.87
C TYR A 102 29.49 -9.03 -20.57
N PRO A 103 30.35 -9.29 -21.53
CA PRO A 103 31.79 -9.28 -21.24
C PRO A 103 32.42 -7.90 -21.33
N VAL A 104 32.01 -7.02 -20.43
CA VAL A 104 32.63 -5.71 -20.26
C VAL A 104 32.88 -5.47 -18.78
N THR A 105 33.85 -4.60 -18.54
CA THR A 105 34.26 -4.21 -17.20
C THR A 105 34.16 -2.71 -16.95
N LYS A 106 33.74 -1.95 -17.96
CA LYS A 106 33.57 -0.50 -17.93
C LYS A 106 32.20 -0.25 -18.54
N THR A 107 31.44 0.65 -17.95
CA THR A 107 30.16 1.02 -18.55
C THR A 107 29.88 2.46 -18.18
N GLU A 108 28.78 2.99 -18.69
CA GLU A 108 28.34 4.30 -18.26
C GLU A 108 27.39 4.13 -17.09
N ALA A 109 27.72 4.80 -15.99
CA ALA A 109 26.79 4.90 -14.88
C ALA A 109 25.81 6.03 -15.19
N HIS A 110 24.51 5.68 -15.07
CA HIS A 110 23.39 6.55 -15.31
C HIS A 110 22.79 7.09 -14.01
N PRO A 111 22.14 8.25 -14.09
CA PRO A 111 21.59 8.90 -12.91
C PRO A 111 20.57 8.04 -12.20
N PHE A 112 20.85 7.79 -10.92
CA PHE A 112 19.87 7.28 -9.96
C PHE A 112 19.37 5.88 -10.33
N GLU A 113 20.30 5.08 -10.84
CA GLU A 113 20.02 3.76 -11.41
C GLU A 113 21.03 2.79 -10.80
N SER A 114 20.54 1.82 -10.05
CA SER A 114 21.39 0.82 -9.42
C SER A 114 21.68 -0.30 -10.41
N ARG A 115 22.97 -0.58 -10.63
CA ARG A 115 23.44 -1.63 -11.54
C ARG A 115 24.56 -2.43 -10.88
N SER A 116 25.00 -3.51 -11.54
CA SER A 116 26.02 -4.33 -10.90
C SER A 116 26.92 -5.00 -11.92
N PHE A 117 28.19 -5.26 -11.53
CA PHE A 117 28.97 -6.26 -12.20
C PHE A 117 28.85 -7.60 -11.47
N TRP A 118 29.03 -8.68 -12.24
CA TRP A 118 29.00 -10.06 -11.79
C TRP A 118 30.43 -10.63 -11.88
N ILE A 119 30.96 -11.14 -10.77
CA ILE A 119 32.34 -11.62 -10.72
C ILE A 119 32.34 -13.13 -10.41
N THR A 120 33.09 -13.87 -11.22
CA THR A 120 33.17 -15.33 -11.14
C THR A 120 34.60 -15.67 -10.71
N LEU A 121 34.72 -16.50 -9.65
CA LEU A 121 35.99 -16.92 -9.08
C LEU A 121 36.12 -18.43 -9.29
N GLN A 122 37.33 -18.88 -9.65
CA GLN A 122 37.67 -20.30 -9.75
C GLN A 122 38.49 -20.66 -8.51
N ILE A 123 37.97 -21.56 -7.67
CA ILE A 123 38.69 -22.01 -6.48
C ILE A 123 39.45 -23.27 -6.84
N PRO A 124 40.77 -23.21 -7.04
CA PRO A 124 41.52 -24.39 -7.47
C PRO A 124 41.65 -25.44 -6.38
N ALA A 125 41.77 -26.69 -6.83
CA ALA A 125 41.90 -27.83 -5.93
C ALA A 125 43.10 -27.70 -4.98
N SER A 126 44.18 -27.08 -5.46
CA SER A 126 45.47 -26.97 -4.78
C SER A 126 45.55 -25.81 -3.79
N LEU A 127 44.50 -25.04 -3.63
CA LEU A 127 44.61 -23.85 -2.78
C LEU A 127 44.74 -24.29 -1.32
N SER A 128 45.48 -23.51 -0.53
CA SER A 128 45.56 -23.87 0.89
C SER A 128 44.21 -23.59 1.55
N PRO A 129 43.71 -24.49 2.38
CA PRO A 129 42.45 -24.21 3.07
C PRO A 129 42.60 -23.00 3.98
N GLY A 130 41.45 -22.43 4.37
CA GLY A 130 41.43 -21.24 5.19
C GLY A 130 41.02 -20.02 4.38
N ILE A 131 41.31 -18.85 4.94
CA ILE A 131 40.80 -17.59 4.40
C ILE A 131 41.74 -17.04 3.34
N HIS A 132 41.19 -16.76 2.16
CA HIS A 132 41.89 -16.07 1.09
C HIS A 132 41.14 -14.77 0.84
N ASP A 133 41.85 -13.68 0.66
CA ASP A 133 41.18 -12.41 0.41
C ASP A 133 41.72 -11.76 -0.84
N PHE A 134 40.94 -10.84 -1.38
CA PHE A 134 41.39 -9.96 -2.44
C PHE A 134 40.54 -8.69 -2.36
N HIS A 135 40.84 -7.75 -3.22
CA HIS A 135 40.12 -6.50 -3.25
C HIS A 135 39.51 -6.28 -4.63
N VAL A 136 38.40 -5.55 -4.64
CA VAL A 136 37.75 -5.09 -5.86
C VAL A 136 37.89 -3.57 -5.90
N ARG A 137 38.27 -3.04 -7.05
CA ARG A 137 38.41 -1.60 -7.23
C ARG A 137 37.38 -1.08 -8.21
N MET A 138 36.68 -0.04 -7.80
CA MET A 138 35.75 0.69 -8.64
C MET A 138 36.32 2.08 -8.87
N ARG A 139 36.37 2.51 -10.13
CA ARG A 139 36.89 3.82 -10.51
C ARG A 139 35.87 4.59 -11.34
N TRP A 140 35.61 5.85 -10.99
CA TRP A 140 34.69 6.67 -11.77
C TRP A 140 35.16 8.13 -11.74
N GLN A 141 34.36 9.02 -12.34
CA GLN A 141 34.69 10.46 -12.42
C GLN A 141 33.57 11.27 -11.81
N GLU A 142 33.96 12.35 -11.11
CA GLU A 142 33.04 13.39 -10.66
C GLU A 142 33.58 14.70 -11.21
N GLY A 143 32.88 15.25 -12.21
CA GLY A 143 33.46 16.34 -12.98
C GLY A 143 34.78 15.84 -13.55
N LYS A 144 35.84 16.54 -13.23
CA LYS A 144 37.14 16.16 -13.76
C LYS A 144 37.99 15.43 -12.74
N GLU A 145 37.49 15.27 -11.52
CA GLU A 145 38.19 14.50 -10.49
C GLU A 145 37.99 13.00 -10.70
N GLU A 146 39.09 12.25 -10.64
CA GLU A 146 39.02 10.80 -10.61
C GLU A 146 38.76 10.34 -9.18
N LYS A 147 37.90 9.34 -9.04
CA LYS A 147 37.49 8.83 -7.73
C LYS A 147 37.57 7.30 -7.73
N ASP A 148 37.67 6.71 -6.54
CA ASP A 148 37.65 5.26 -6.51
C ASP A 148 37.29 4.75 -5.11
N LYS A 149 37.02 3.45 -5.06
CA LYS A 149 36.80 2.75 -3.80
C LYS A 149 37.30 1.33 -3.88
N LEU A 150 38.00 0.89 -2.83
CA LEU A 150 38.32 -0.51 -2.65
C LEU A 150 37.26 -1.17 -1.80
N LEU A 151 36.94 -2.41 -2.15
CA LEU A 151 36.06 -3.24 -1.37
C LEU A 151 36.84 -4.51 -1.10
N HIS A 152 36.49 -5.19 -0.03
CA HIS A 152 37.27 -6.28 0.50
C HIS A 152 36.43 -7.55 0.37
N VAL A 153 36.96 -8.55 -0.30
CA VAL A 153 36.29 -9.83 -0.38
C VAL A 153 37.13 -10.88 0.29
N LYS A 154 36.48 -11.73 1.08
CA LYS A 154 37.10 -12.90 1.71
C LYS A 154 36.41 -14.19 1.27
N VAL A 155 37.19 -15.24 1.04
CA VAL A 155 36.68 -16.55 0.69
C VAL A 155 37.22 -17.57 1.68
N LYS A 156 36.30 -18.28 2.36
CA LYS A 156 36.73 -19.33 3.30
C LYS A 156 36.72 -20.67 2.57
N VAL A 157 37.91 -21.18 2.28
CA VAL A 157 38.12 -22.34 1.42
C VAL A 157 38.17 -23.58 2.29
N SER A 158 37.26 -24.52 2.03
CA SER A 158 37.17 -25.76 2.76
C SER A 158 38.31 -26.72 2.38
N ALA A 159 38.55 -27.68 3.27
CA ALA A 159 39.39 -28.81 2.94
C ALA A 159 38.74 -29.66 1.86
N LEU A 160 37.41 -29.68 1.81
CA LEU A 160 36.71 -30.49 0.82
C LEU A 160 37.21 -30.15 -0.58
N VAL A 161 37.53 -31.18 -1.35
CA VAL A 161 37.82 -31.03 -2.76
C VAL A 161 36.71 -31.73 -3.53
N LEU A 162 36.09 -31.02 -4.48
CA LEU A 162 34.96 -31.59 -5.20
C LEU A 162 35.41 -32.65 -6.22
N GLN A 163 34.68 -33.75 -6.26
CA GLN A 163 34.84 -34.77 -7.29
C GLN A 163 33.81 -34.55 -8.40
N PRO A 164 34.11 -35.02 -9.59
CA PRO A 164 33.13 -34.93 -10.67
C PRO A 164 31.86 -35.60 -10.24
N ARG A 165 30.74 -34.96 -10.60
CA ARG A 165 29.42 -35.54 -10.29
C ARG A 165 29.32 -36.94 -10.90
N SER A 166 28.62 -37.82 -10.21
CA SER A 166 28.41 -39.17 -10.72
C SER A 166 26.99 -39.64 -10.44
N ASN A 167 26.48 -40.50 -11.36
CA ASN A 167 25.13 -41.05 -11.30
C ASN A 167 24.07 -39.94 -11.32
N PHE A 168 24.38 -38.83 -11.94
CA PHE A 168 23.36 -37.80 -12.08
C PHE A 168 23.61 -37.07 -13.39
N HIS A 169 22.67 -37.17 -14.31
CA HIS A 169 22.85 -36.68 -15.66
C HIS A 169 21.87 -35.57 -15.96
N VAL A 170 22.37 -34.55 -16.67
CA VAL A 170 21.66 -33.31 -16.94
C VAL A 170 21.73 -33.08 -18.43
N THR A 171 20.58 -32.92 -19.07
CA THR A 171 20.55 -32.61 -20.50
C THR A 171 19.63 -31.43 -20.80
N HIS A 172 20.06 -30.64 -21.78
CA HIS A 172 19.30 -29.54 -22.33
C HIS A 172 19.19 -29.72 -23.83
N TRP A 173 17.98 -29.51 -24.36
CA TRP A 173 17.68 -29.63 -25.79
C TRP A 173 18.08 -28.35 -26.52
N TRP A 174 19.39 -28.13 -26.63
CA TRP A 174 19.91 -27.01 -27.39
C TRP A 174 19.45 -27.11 -28.84
N ARG A 175 19.36 -25.96 -29.51
CA ARG A 175 18.66 -25.85 -30.79
C ARG A 175 19.55 -25.33 -31.88
N GLY A 176 19.93 -26.21 -32.79
CA GLY A 176 20.68 -25.80 -33.96
C GLY A 176 19.94 -24.82 -34.86
N GLU A 177 18.60 -24.95 -34.96
CA GLU A 177 17.86 -24.02 -35.80
C GLU A 177 17.84 -22.64 -35.17
N ALA A 178 17.95 -22.58 -33.84
CA ALA A 178 18.01 -21.29 -33.16
C ALA A 178 19.25 -20.51 -33.58
N ILE A 179 20.39 -21.20 -33.71
CA ILE A 179 21.61 -20.57 -34.17
C ILE A 179 21.43 -20.12 -35.61
N ALA A 180 20.90 -21.01 -36.45
CA ALA A 180 20.69 -20.64 -37.86
C ALA A 180 19.83 -19.40 -38.00
N LEU A 181 18.75 -19.31 -37.20
CA LEU A 181 17.82 -18.20 -37.29
C LEU A 181 18.37 -16.92 -36.69
N GLN A 182 18.94 -17.00 -35.50
CA GLN A 182 19.35 -15.77 -34.85
C GLN A 182 20.62 -15.18 -35.47
N TYR A 183 21.52 -16.00 -36.02
CA TYR A 183 22.71 -15.47 -36.67
C TYR A 183 22.59 -15.38 -38.19
N GLU A 184 21.49 -15.82 -38.79
CA GLU A 184 21.31 -15.74 -40.22
C GLU A 184 22.47 -16.38 -40.98
N THR A 185 22.75 -17.66 -40.67
CA THR A 185 23.67 -18.46 -41.46
C THR A 185 23.04 -19.78 -41.84
N LYS A 186 23.53 -20.35 -42.94
CA LYS A 186 23.07 -21.67 -43.38
C LYS A 186 23.33 -22.71 -42.31
N MET A 187 22.33 -23.57 -42.09
CA MET A 187 22.52 -24.71 -41.20
C MET A 187 23.78 -25.49 -41.62
N PHE A 188 24.60 -25.84 -40.63
CA PHE A 188 25.79 -26.68 -40.74
C PHE A 188 26.90 -25.99 -41.55
N ASP A 189 26.80 -24.69 -41.78
CA ASP A 189 27.97 -24.03 -42.33
C ASP A 189 29.01 -23.86 -41.23
N GLU A 190 30.13 -23.23 -41.55
CA GLU A 190 31.20 -23.33 -40.58
C GLU A 190 30.97 -22.41 -39.37
N GLN A 191 30.31 -21.27 -39.56
CA GLN A 191 29.89 -20.47 -38.42
C GLN A 191 28.95 -21.28 -37.52
N TRP A 192 28.05 -22.05 -38.14
CA TRP A 192 27.16 -22.89 -37.35
C TRP A 192 27.99 -23.79 -36.43
N TRP A 193 29.04 -24.42 -36.97
CA TRP A 193 29.81 -25.34 -36.15
C TRP A 193 30.58 -24.63 -35.04
N LYS A 194 31.08 -23.40 -35.28
CA LYS A 194 31.70 -22.65 -34.19
C LYS A 194 30.70 -22.37 -33.08
N LEU A 195 29.53 -21.86 -33.46
CA LEU A 195 28.56 -21.49 -32.43
C LEU A 195 28.05 -22.72 -31.69
N THR A 196 28.00 -23.87 -32.38
CA THR A 196 27.53 -25.08 -31.73
C THR A 196 28.56 -25.58 -30.74
N ARG A 197 29.84 -25.60 -31.14
CA ARG A 197 30.90 -25.94 -30.20
C ARG A 197 30.84 -25.02 -28.99
N ALA A 198 30.63 -23.72 -29.22
CA ALA A 198 30.62 -22.78 -28.10
C ALA A 198 29.47 -23.08 -27.14
N CYS A 199 28.28 -23.38 -27.68
CA CYS A 199 27.15 -23.76 -26.82
C CYS A 199 27.43 -25.05 -26.07
N MET A 200 27.95 -26.07 -26.76
CA MET A 200 28.14 -27.35 -26.10
C MET A 200 29.18 -27.22 -25.01
N LYS A 201 30.15 -26.36 -25.23
CA LYS A 201 31.19 -26.11 -24.23
C LYS A 201 30.61 -25.37 -23.04
N ASN A 202 29.81 -24.34 -23.32
CA ASN A 202 29.06 -23.65 -22.28
C ASN A 202 28.28 -24.63 -21.41
N LEU A 203 27.49 -25.50 -22.04
CA LEU A 203 26.68 -26.47 -21.30
C LEU A 203 27.56 -27.31 -20.38
N ILE A 204 28.66 -27.85 -20.90
CA ILE A 204 29.41 -28.74 -20.04
C ILE A 204 30.07 -27.94 -18.92
N GLU A 205 30.45 -26.70 -19.18
CA GLU A 205 30.96 -25.89 -18.08
C GLU A 205 29.89 -25.46 -17.09
N HIS A 206 28.61 -25.72 -17.37
CA HIS A 206 27.56 -25.41 -16.39
C HIS A 206 26.89 -26.65 -15.83
N GLY A 207 27.47 -27.82 -16.00
CA GLY A 207 26.95 -29.00 -15.36
C GLY A 207 26.13 -29.90 -16.24
N ASN A 208 25.90 -29.51 -17.49
CA ASN A 208 25.17 -30.32 -18.46
C ASN A 208 26.12 -31.39 -19.00
N ASP A 209 25.93 -32.67 -18.67
CA ASP A 209 26.91 -33.67 -19.10
C ASP A 209 26.36 -34.61 -20.17
N VAL A 210 25.23 -34.28 -20.79
CA VAL A 210 24.62 -35.05 -21.87
C VAL A 210 24.44 -34.17 -23.10
N ALA A 211 24.95 -34.64 -24.23
CA ALA A 211 24.85 -33.90 -25.49
C ALA A 211 23.66 -34.39 -26.30
N PHE A 212 22.68 -33.52 -26.48
CA PHE A 212 21.55 -33.79 -27.36
C PHE A 212 21.97 -33.68 -28.82
N ILE A 213 21.55 -34.67 -29.62
CA ILE A 213 21.73 -34.74 -31.07
C ILE A 213 20.34 -34.64 -31.67
N GLN A 214 20.01 -33.58 -32.40
CA GLN A 214 18.70 -33.70 -33.05
C GLN A 214 18.94 -34.23 -34.45
N ASN A 215 19.06 -35.58 -34.49
CA ASN A 215 19.15 -36.30 -35.77
C ASN A 215 17.92 -36.07 -36.61
N PHE A 216 16.74 -36.14 -35.99
CA PHE A 216 15.49 -35.73 -36.62
C PHE A 216 15.10 -34.38 -36.01
N PHE A 217 14.65 -33.48 -36.87
CA PHE A 217 14.13 -32.20 -36.42
C PHE A 217 12.89 -32.42 -35.58
N GLU A 218 12.81 -31.70 -34.45
CA GLU A 218 11.87 -32.00 -33.40
C GLU A 218 10.49 -31.36 -33.53
N LEU A 219 10.37 -30.20 -34.17
CA LEU A 219 9.11 -29.46 -34.14
C LEU A 219 8.06 -30.07 -35.07
N ARG A 220 6.79 -29.98 -34.66
CA ARG A 220 5.70 -30.32 -35.57
C ARG A 220 5.71 -29.39 -36.79
N ALA A 221 5.97 -28.11 -36.57
CA ALA A 221 5.95 -27.15 -37.67
C ALA A 221 6.94 -27.56 -38.75
N VAL A 222 6.58 -27.30 -40.00
CA VAL A 222 7.40 -27.65 -41.14
C VAL A 222 8.34 -26.48 -41.43
N PHE A 223 9.64 -26.75 -41.46
CA PHE A 223 10.60 -25.73 -41.83
C PHE A 223 11.15 -25.98 -43.23
N LYS A 224 11.57 -24.89 -43.88
CA LYS A 224 12.33 -24.96 -45.11
C LYS A 224 13.79 -25.31 -44.84
N GLU A 225 14.37 -24.76 -43.76
CA GLU A 225 15.69 -25.14 -43.26
C GLU A 225 15.58 -25.73 -41.86
N PRO A 226 15.21 -27.01 -41.77
CA PRO A 226 15.17 -27.68 -40.48
C PRO A 226 16.55 -28.07 -40.02
N CYS A 227 16.68 -28.22 -38.70
CA CYS A 227 17.88 -28.76 -38.11
C CYS A 227 17.70 -30.25 -37.98
N GLN A 228 18.00 -30.97 -39.07
CA GLN A 228 18.01 -32.44 -39.10
C GLN A 228 19.44 -32.90 -39.36
N MET A 229 20.11 -33.34 -38.30
CA MET A 229 21.54 -33.59 -38.41
C MET A 229 21.81 -34.87 -39.18
N LEU A 230 20.87 -35.81 -39.18
CA LEU A 230 21.01 -36.99 -40.03
C LEU A 230 20.69 -36.60 -41.47
N ILE A 231 21.58 -36.95 -42.38
CA ILE A 231 21.34 -36.67 -43.79
C ILE A 231 20.61 -37.88 -44.36
N VAL A 232 19.42 -37.66 -44.93
CA VAL A 232 18.59 -38.73 -45.48
C VAL A 232 18.32 -38.43 -46.94
N ARG A 233 18.52 -39.42 -47.81
CA ARG A 233 18.15 -39.27 -49.20
C ARG A 233 17.35 -40.49 -49.67
N GLU A 234 16.40 -40.26 -50.59
CA GLU A 234 15.42 -41.27 -51.01
C GLU A 234 15.51 -41.44 -52.52
N PRO A 235 16.49 -42.20 -53.00
CA PRO A 235 16.67 -42.31 -54.46
C PRO A 235 15.48 -42.93 -55.19
N SER A 236 14.91 -44.02 -54.69
CA SER A 236 13.73 -44.66 -55.27
C SER A 236 12.62 -44.76 -54.24
N PRO A 237 11.36 -44.89 -54.70
CA PRO A 237 10.23 -44.95 -53.76
C PRO A 237 10.44 -45.94 -52.62
N GLY A 238 10.41 -45.41 -51.40
CA GLY A 238 10.42 -46.21 -50.20
C GLY A 238 11.77 -46.78 -49.82
N LYS A 239 12.84 -46.49 -50.56
CA LYS A 239 14.17 -46.97 -50.23
C LYS A 239 15.09 -45.81 -49.86
N TYR A 240 15.58 -45.82 -48.63
CA TYR A 240 16.24 -44.68 -48.00
C TYR A 240 17.71 -45.01 -47.76
N GLU A 241 18.55 -43.98 -47.87
CA GLU A 241 19.94 -44.11 -47.47
C GLU A 241 20.36 -42.94 -46.58
N PHE A 242 21.37 -43.22 -45.77
CA PHE A 242 21.71 -42.38 -44.65
C PHE A 242 23.17 -41.99 -44.69
N ASP A 243 23.44 -40.71 -44.45
CA ASP A 243 24.79 -40.16 -44.29
C ASP A 243 24.88 -39.62 -42.86
N TRP A 244 25.80 -40.20 -42.08
CA TRP A 244 25.95 -39.92 -40.64
C TRP A 244 27.04 -38.89 -40.36
N SER A 245 27.50 -38.14 -41.39
CA SER A 245 28.72 -37.35 -41.27
C SER A 245 28.57 -36.19 -40.29
N ARG A 246 27.42 -35.50 -40.29
CA ARG A 246 27.24 -34.38 -39.34
C ARG A 246 27.14 -34.89 -37.91
N ILE A 247 26.40 -35.96 -37.71
CA ILE A 247 26.29 -36.55 -36.37
C ILE A 247 27.65 -37.03 -35.91
N LYS A 248 28.45 -37.56 -36.83
CA LYS A 248 29.77 -38.03 -36.42
C LYS A 248 30.66 -36.85 -36.03
N ARG A 249 30.59 -35.76 -36.79
CA ARG A 249 31.35 -34.57 -36.41
C ARG A 249 30.90 -34.04 -35.06
N PHE A 250 29.58 -34.01 -34.82
CA PHE A 250 29.04 -33.53 -33.54
C PHE A 250 29.53 -34.38 -32.38
N VAL A 251 29.58 -35.70 -32.58
CA VAL A 251 30.04 -36.61 -31.53
C VAL A 251 31.53 -36.44 -31.29
N ASP A 252 32.34 -36.38 -32.36
CA ASP A 252 33.76 -36.08 -32.15
C ASP A 252 33.92 -34.82 -31.33
N MET A 253 33.20 -33.76 -31.71
CA MET A 253 33.31 -32.47 -31.00
C MET A 253 32.95 -32.59 -29.52
N CYS A 254 31.79 -33.17 -29.21
CA CYS A 254 31.37 -33.23 -27.81
C CYS A 254 32.31 -34.09 -26.99
N ARG A 255 32.85 -35.16 -27.59
CA ARG A 255 33.87 -35.94 -26.91
C ARG A 255 35.12 -35.12 -26.64
N GLU A 256 35.51 -34.26 -27.58
CA GLU A 256 36.66 -33.39 -27.34
C GLU A 256 36.42 -32.42 -26.20
N LEU A 257 35.17 -31.97 -26.01
CA LEU A 257 34.84 -31.04 -24.95
C LEU A 257 34.69 -31.73 -23.59
N GLY A 258 34.60 -33.07 -23.56
CA GLY A 258 34.41 -33.80 -22.31
C GLY A 258 33.16 -34.62 -22.22
N TYR A 259 32.28 -34.66 -23.22
CA TYR A 259 31.09 -35.43 -23.00
C TYR A 259 31.36 -36.92 -23.17
N LYS A 260 30.54 -37.72 -22.50
CA LYS A 260 30.54 -39.17 -22.61
C LYS A 260 29.12 -39.60 -22.92
N LYS A 261 28.14 -38.83 -22.49
CA LYS A 261 26.76 -39.21 -22.67
C LYS A 261 26.11 -38.41 -23.79
N PHE A 262 25.25 -39.10 -24.57
CA PHE A 262 24.46 -38.42 -25.57
C PHE A 262 23.00 -38.88 -25.52
N GLU A 263 22.17 -38.08 -26.16
CA GLU A 263 20.72 -38.23 -26.18
C GLU A 263 20.22 -37.96 -27.59
N TRP A 264 19.31 -38.79 -28.05
CA TRP A 264 18.81 -38.78 -29.42
C TRP A 264 17.39 -38.20 -29.47
N ALA A 265 16.99 -37.78 -30.66
CA ALA A 265 15.71 -37.11 -30.85
C ALA A 265 14.55 -38.09 -30.76
N HIS A 266 13.35 -37.53 -30.70
CA HIS A 266 12.16 -38.35 -30.62
C HIS A 266 11.95 -39.07 -31.94
N LEU A 267 11.30 -40.24 -31.85
CA LEU A 267 10.94 -41.06 -33.01
C LEU A 267 9.48 -40.94 -33.41
N TRP A 268 8.64 -40.37 -32.54
CA TRP A 268 7.24 -40.11 -32.88
C TRP A 268 6.86 -38.71 -32.45
N LEU A 269 5.99 -38.12 -33.25
CA LEU A 269 5.69 -36.70 -33.13
C LEU A 269 4.67 -36.45 -32.04
N TYR A 270 4.88 -35.36 -31.32
CA TYR A 270 4.49 -35.17 -29.93
C TYR A 270 3.01 -34.83 -29.76
N TRP A 271 2.27 -34.63 -30.85
CA TRP A 271 0.82 -34.80 -30.82
C TRP A 271 0.43 -36.18 -30.31
N GLY A 272 0.35 -36.40 -28.99
CA GLY A 272 0.16 -37.75 -28.50
C GLY A 272 1.37 -38.60 -28.86
N VAL A 273 1.14 -39.78 -29.42
CA VAL A 273 2.17 -40.58 -30.07
C VAL A 273 1.68 -41.05 -31.44
N GLN A 274 0.88 -40.21 -32.10
CA GLN A 274 0.05 -40.65 -33.20
C GLN A 274 0.62 -40.29 -34.57
N ASP A 275 1.51 -39.31 -34.68
CA ASP A 275 2.06 -38.88 -35.95
C ASP A 275 3.49 -39.39 -36.09
N ALA A 276 3.92 -39.56 -37.33
CA ALA A 276 5.30 -39.90 -37.60
C ALA A 276 6.13 -38.61 -37.64
N MET A 277 7.44 -38.73 -37.38
CA MET A 277 8.31 -37.56 -37.45
C MET A 277 8.36 -37.03 -38.87
N HIS A 278 8.53 -35.72 -38.96
CA HIS A 278 8.82 -35.02 -40.20
C HIS A 278 10.29 -35.25 -40.53
N VAL A 279 10.57 -36.00 -41.61
CA VAL A 279 11.93 -36.31 -42.03
C VAL A 279 12.12 -35.76 -43.44
N TYR A 280 13.21 -35.02 -43.65
CA TYR A 280 13.35 -34.28 -44.89
C TYR A 280 14.53 -34.80 -45.70
N LYS A 281 14.50 -34.50 -47.01
CA LYS A 281 15.57 -34.81 -47.93
C LYS A 281 15.89 -33.53 -48.68
N LYS A 282 17.18 -33.34 -49.00
CA LYS A 282 17.61 -32.10 -49.63
C LYS A 282 16.97 -31.99 -51.04
N GLU A 283 16.81 -30.75 -51.48
CA GLU A 283 16.30 -30.44 -52.82
C GLU A 283 16.59 -28.97 -53.10
N GLY A 284 17.25 -28.69 -54.22
CA GLY A 284 17.64 -27.31 -54.49
C GLY A 284 18.32 -26.72 -53.27
N ASN A 285 17.85 -25.55 -52.85
CA ASN A 285 18.53 -24.81 -51.80
C ASN A 285 18.16 -25.25 -50.39
N ALA A 286 17.06 -25.99 -50.23
CA ALA A 286 16.59 -26.28 -48.88
C ALA A 286 15.95 -27.66 -48.94
N TYR A 287 15.19 -28.03 -47.91
CA TYR A 287 14.80 -29.41 -47.77
C TYR A 287 13.30 -29.56 -47.94
N LYS A 288 12.89 -30.77 -48.28
CA LYS A 288 11.49 -31.05 -48.52
C LYS A 288 11.12 -32.36 -47.86
N LEU A 289 9.87 -32.44 -47.38
CA LEU A 289 9.43 -33.63 -46.66
C LEU A 289 9.48 -34.89 -47.52
N LEU A 290 9.73 -36.02 -46.87
CA LEU A 290 9.66 -37.31 -47.54
C LEU A 290 8.24 -37.81 -47.72
N TRP A 291 7.31 -37.31 -46.91
CA TRP A 291 5.95 -37.81 -46.88
C TRP A 291 5.07 -36.73 -46.26
N ALA A 292 3.80 -37.07 -46.07
CA ALA A 292 2.77 -36.09 -45.71
C ALA A 292 2.94 -35.56 -44.29
N GLU A 293 2.54 -34.30 -44.09
CA GLU A 293 2.65 -33.69 -42.76
C GLU A 293 1.93 -34.50 -41.72
N ASN A 294 0.81 -35.12 -42.13
CA ASN A 294 -0.12 -35.78 -41.23
C ASN A 294 0.07 -37.30 -41.19
N LEU A 295 1.12 -37.83 -41.84
CA LEU A 295 1.40 -39.25 -41.83
C LEU A 295 1.39 -39.83 -40.41
N SER A 296 0.80 -41.03 -40.27
CA SER A 296 0.59 -41.62 -38.94
C SER A 296 1.81 -42.37 -38.42
N GLY A 297 1.88 -42.48 -37.09
CA GLY A 297 2.95 -43.26 -36.47
C GLY A 297 2.92 -44.70 -36.89
N THR A 298 1.73 -45.24 -37.17
CA THR A 298 1.56 -46.64 -37.55
C THR A 298 1.36 -46.82 -39.05
N SER A 299 1.52 -45.76 -39.84
CA SER A 299 1.56 -45.88 -41.30
C SER A 299 2.39 -47.07 -41.78
N ASP A 300 2.07 -47.58 -42.97
CA ASP A 300 3.01 -48.51 -43.62
C ASP A 300 4.31 -47.79 -44.02
N THR A 301 4.21 -46.59 -44.59
CA THR A 301 5.39 -45.88 -45.07
C THR A 301 6.42 -45.65 -43.96
N TYR A 302 5.96 -45.15 -42.81
CA TYR A 302 6.90 -44.81 -41.75
C TYR A 302 7.49 -46.06 -41.10
N ILE A 303 6.73 -47.14 -41.00
CA ILE A 303 7.31 -48.36 -40.46
C ILE A 303 8.27 -48.99 -41.46
N HIS A 304 8.00 -48.84 -42.76
CA HIS A 304 8.95 -49.30 -43.75
C HIS A 304 10.24 -48.50 -43.67
N PHE A 305 10.16 -47.21 -43.32
CA PHE A 305 11.40 -46.46 -43.10
C PHE A 305 12.09 -46.87 -41.80
N LEU A 306 11.35 -47.09 -40.72
CA LEU A 306 12.03 -47.50 -39.51
C LEU A 306 12.74 -48.85 -39.70
N LYS A 307 12.14 -49.76 -40.50
CA LYS A 307 12.80 -51.04 -40.77
C LYS A 307 14.20 -50.84 -41.34
N GLN A 308 14.42 -49.75 -42.06
CA GLN A 308 15.72 -49.50 -42.65
C GLN A 308 16.60 -48.63 -41.76
N TYR A 309 16.00 -47.63 -41.11
CA TYR A 309 16.73 -46.68 -40.29
C TYR A 309 17.25 -47.29 -38.99
N LEU A 310 16.42 -48.03 -38.27
CA LEU A 310 16.87 -48.50 -36.96
C LEU A 310 18.09 -49.41 -37.05
N PRO A 311 18.21 -50.33 -38.01
CA PRO A 311 19.47 -51.10 -38.10
C PRO A 311 20.67 -50.24 -38.47
N GLN A 312 20.47 -49.19 -39.29
CA GLN A 312 21.56 -48.25 -39.57
C GLN A 312 21.95 -47.49 -38.30
N LEU A 313 20.97 -47.12 -37.48
CA LEU A 313 21.25 -46.49 -36.20
C LEU A 313 22.11 -47.39 -35.33
N HIS A 314 21.73 -48.67 -35.26
CA HIS A 314 22.48 -49.62 -34.44
C HIS A 314 23.92 -49.76 -34.96
N ARG A 315 24.09 -49.87 -36.28
CA ARG A 315 25.45 -50.00 -36.84
C ARG A 315 26.28 -48.77 -36.53
N PHE A 316 25.67 -47.58 -36.62
CA PHE A 316 26.42 -46.39 -36.28
C PHE A 316 26.85 -46.46 -34.83
N LEU A 317 25.92 -46.81 -33.95
CA LEU A 317 26.21 -46.85 -32.51
C LEU A 317 27.36 -47.82 -32.21
N LEU A 318 27.37 -48.98 -32.85
CA LEU A 318 28.50 -49.88 -32.71
C LEU A 318 29.77 -49.24 -33.23
N LYS A 319 29.74 -48.75 -34.47
CA LYS A 319 30.97 -48.28 -35.09
C LYS A 319 31.61 -47.22 -34.23
N GLU A 320 30.80 -46.36 -33.62
CA GLU A 320 31.26 -45.19 -32.88
C GLU A 320 31.22 -45.40 -31.38
N ASN A 321 30.90 -46.61 -30.94
CA ASN A 321 31.02 -46.94 -29.53
C ASN A 321 30.09 -46.08 -28.67
N LEU A 322 28.78 -46.15 -28.98
CA LEU A 322 27.76 -45.31 -28.36
C LEU A 322 26.56 -46.03 -27.73
N LEU A 323 26.47 -47.36 -27.80
CA LEU A 323 25.29 -48.03 -27.26
C LEU A 323 25.16 -47.80 -25.76
N SER A 324 26.17 -48.17 -24.98
CA SER A 324 26.03 -48.03 -23.54
C SER A 324 26.05 -46.57 -23.07
N ASP A 325 26.38 -45.60 -23.93
CA ASP A 325 26.46 -44.20 -23.51
C ASP A 325 25.37 -43.32 -24.12
N SER A 326 24.25 -43.89 -24.58
CA SER A 326 23.19 -43.13 -25.26
C SER A 326 21.84 -43.27 -24.58
N TYR A 327 21.09 -42.17 -24.54
CA TYR A 327 19.71 -42.17 -24.09
C TYR A 327 18.80 -41.99 -25.29
N PHE A 328 17.66 -42.68 -25.30
CA PHE A 328 16.77 -42.68 -26.45
C PHE A 328 15.36 -42.24 -26.07
N HIS A 329 14.69 -41.59 -27.01
CA HIS A 329 13.35 -41.07 -26.81
C HIS A 329 12.36 -41.71 -27.79
N LEU A 330 11.12 -41.82 -27.35
CA LEU A 330 10.03 -42.28 -28.22
C LEU A 330 9.13 -41.10 -28.56
N SER A 331 8.27 -40.70 -27.62
CA SER A 331 7.42 -39.53 -27.75
C SER A 331 6.97 -39.09 -26.36
N ASP A 332 6.54 -37.83 -26.28
CA ASP A 332 6.22 -37.22 -25.01
C ASP A 332 4.75 -37.35 -24.61
N GLU A 333 4.55 -37.35 -23.30
CA GLU A 333 3.28 -37.19 -22.60
C GLU A 333 2.08 -37.70 -23.37
N PRO A 334 1.83 -39.02 -23.38
CA PRO A 334 0.51 -39.52 -23.77
C PRO A 334 -0.41 -39.44 -22.56
N TRP A 335 -1.59 -38.86 -22.74
CA TRP A 335 -2.59 -38.94 -21.67
C TRP A 335 -3.03 -40.40 -21.52
N SER A 336 -3.97 -40.66 -20.61
CA SER A 336 -4.51 -42.02 -20.46
C SER A 336 -5.04 -42.56 -21.79
N GLU A 337 -5.90 -41.79 -22.45
CA GLU A 337 -6.48 -42.18 -23.74
C GLU A 337 -5.40 -42.47 -24.79
N HIS A 338 -4.37 -41.63 -24.87
CA HIS A 338 -3.29 -41.86 -25.83
C HIS A 338 -2.50 -43.13 -25.55
N VAL A 339 -2.69 -43.76 -24.38
CA VAL A 339 -1.78 -44.82 -23.93
C VAL A 339 -1.61 -45.88 -25.02
N GLU A 340 -2.71 -46.35 -25.63
CA GLU A 340 -2.58 -47.43 -26.61
C GLU A 340 -1.78 -46.98 -27.83
N ASN A 341 -1.95 -45.73 -28.29
CA ASN A 341 -1.00 -45.16 -29.24
C ASN A 341 0.43 -45.56 -28.89
N TYR A 342 0.90 -45.06 -27.74
CA TYR A 342 2.29 -45.26 -27.36
C TYR A 342 2.58 -46.74 -27.16
N LYS A 343 1.61 -47.50 -26.62
CA LYS A 343 1.82 -48.94 -26.49
C LYS A 343 2.15 -49.55 -27.85
N LYS A 344 1.35 -49.24 -28.88
CA LYS A 344 1.63 -49.83 -30.18
C LYS A 344 3.03 -49.42 -30.63
N ALA A 345 3.33 -48.11 -30.54
CA ALA A 345 4.64 -47.65 -30.96
C ALA A 345 5.73 -48.37 -30.18
N ARG A 346 5.56 -48.51 -28.86
CA ARG A 346 6.62 -49.15 -28.09
C ARG A 346 6.83 -50.57 -28.58
N ASN A 347 5.76 -51.33 -28.81
CA ASN A 347 5.96 -52.70 -29.24
C ASN A 347 6.64 -52.71 -30.60
N ILE A 348 6.31 -51.75 -31.46
CA ILE A 348 6.98 -51.68 -32.76
C ILE A 348 8.49 -51.58 -32.54
N LEU A 349 8.92 -50.67 -31.66
CA LEU A 349 10.35 -50.58 -31.33
C LEU A 349 10.89 -51.91 -30.83
N ARG A 350 10.16 -52.58 -29.91
CA ARG A 350 10.65 -53.86 -29.40
C ARG A 350 10.90 -54.83 -30.53
N GLN A 351 10.07 -54.78 -31.60
CA GLN A 351 10.25 -55.67 -32.74
C GLN A 351 11.42 -55.24 -33.62
N LEU A 352 11.64 -53.95 -33.78
CA LEU A 352 12.62 -53.43 -34.73
C LEU A 352 13.92 -53.01 -34.09
N ALA A 353 13.93 -52.82 -32.78
CA ALA A 353 15.08 -52.33 -32.06
C ALA A 353 15.01 -52.83 -30.62
N PRO A 354 15.03 -54.14 -30.41
CA PRO A 354 14.93 -54.65 -29.03
C PRO A 354 16.09 -54.26 -28.14
N TRP A 355 17.24 -53.93 -28.73
CA TRP A 355 18.39 -53.41 -28.02
C TRP A 355 18.16 -52.02 -27.44
N MET A 356 17.13 -51.31 -27.93
CA MET A 356 16.92 -49.90 -27.59
C MET A 356 16.05 -49.81 -26.35
N LYS A 357 16.58 -49.19 -25.29
CA LYS A 357 15.80 -48.82 -24.12
C LYS A 357 15.43 -47.36 -24.24
N VAL A 358 14.21 -47.01 -23.80
CA VAL A 358 13.63 -45.69 -24.02
C VAL A 358 13.41 -44.99 -22.70
N MET A 359 13.49 -43.67 -22.73
CA MET A 359 13.08 -42.84 -21.61
C MET A 359 12.23 -41.72 -22.17
N ASP A 360 11.12 -41.43 -21.50
CA ASP A 360 10.21 -40.41 -21.96
C ASP A 360 9.42 -39.83 -20.82
N ALA A 361 9.03 -38.57 -21.01
CA ALA A 361 8.12 -37.89 -20.11
C ALA A 361 6.80 -38.65 -20.02
N LEU A 362 6.61 -39.37 -18.91
CA LEU A 362 5.31 -39.91 -18.52
C LEU A 362 5.03 -39.39 -17.11
N SER A 363 4.09 -38.44 -16.99
CA SER A 363 3.71 -37.91 -15.69
C SER A 363 2.62 -38.72 -15.01
N ASP A 364 1.89 -39.54 -15.76
CA ASP A 364 0.86 -40.42 -15.18
C ASP A 364 1.57 -41.64 -14.59
N VAL A 365 1.53 -41.80 -13.25
CA VAL A 365 2.30 -42.85 -12.58
C VAL A 365 1.70 -44.22 -12.83
N ARG A 366 0.37 -44.30 -12.92
CA ARG A 366 -0.30 -45.55 -13.24
C ARG A 366 0.00 -46.03 -14.66
N TYR A 367 0.52 -45.15 -15.53
CA TYR A 367 0.95 -45.54 -16.87
C TYR A 367 2.46 -45.36 -17.07
N GLY A 368 3.23 -45.39 -15.98
CA GLY A 368 4.67 -45.60 -16.01
C GLY A 368 5.01 -46.80 -15.14
N ARG A 369 4.09 -47.09 -14.22
CA ARG A 369 4.01 -48.36 -13.51
C ARG A 369 3.69 -49.53 -14.45
N GLU A 370 2.91 -49.28 -15.52
CA GLU A 370 2.57 -50.32 -16.50
C GLU A 370 3.71 -50.66 -17.47
N GLN A 371 4.91 -50.08 -17.32
CA GLN A 371 6.09 -50.36 -18.16
C GLN A 371 6.09 -49.69 -19.54
N LEU A 372 5.17 -48.77 -19.84
CA LEU A 372 5.13 -48.16 -21.17
C LEU A 372 6.52 -47.74 -21.62
N THR A 373 7.22 -47.01 -20.76
CA THR A 373 8.60 -46.60 -21.00
C THR A 373 9.54 -47.46 -20.13
N ASP A 374 10.84 -47.36 -20.40
CA ASP A 374 11.86 -48.10 -19.65
C ASP A 374 12.41 -47.28 -18.49
N ILE A 375 12.67 -45.99 -18.71
CA ILE A 375 13.11 -45.04 -17.67
C ILE A 375 12.21 -43.80 -17.76
N PRO A 376 11.26 -43.60 -16.84
CA PRO A 376 10.28 -42.52 -17.02
C PRO A 376 10.80 -41.16 -16.53
N ILE A 377 10.21 -40.10 -17.10
CA ILE A 377 10.59 -38.72 -16.79
C ILE A 377 9.39 -37.90 -16.36
N PRO A 378 8.89 -38.07 -15.14
CA PRO A 378 7.79 -37.22 -14.69
C PRO A 378 8.18 -35.75 -14.58
N ILE A 379 7.19 -34.90 -14.81
CA ILE A 379 7.32 -33.51 -14.42
C ILE A 379 7.41 -33.48 -12.89
N ILE A 380 8.06 -32.44 -12.35
CA ILE A 380 8.40 -32.47 -10.92
C ILE A 380 7.18 -32.63 -10.01
N SER A 381 6.03 -32.05 -10.40
CA SER A 381 4.80 -32.12 -9.61
C SER A 381 4.19 -33.52 -9.54
N SER A 382 4.65 -34.46 -10.36
CA SER A 382 4.29 -35.86 -10.26
C SER A 382 5.36 -36.69 -9.57
N ASP A 383 6.53 -36.09 -9.31
CA ASP A 383 7.60 -36.78 -8.62
C ASP A 383 7.12 -37.57 -7.40
N GLU A 384 6.39 -36.92 -6.50
CA GLU A 384 5.99 -37.57 -5.26
C GLU A 384 5.35 -38.93 -5.54
N ALA A 385 4.43 -38.99 -6.52
CA ALA A 385 3.75 -40.25 -6.79
C ALA A 385 4.75 -41.33 -7.20
N TYR A 386 5.65 -41.00 -8.14
CA TYR A 386 6.67 -41.95 -8.56
C TYR A 386 7.59 -42.38 -7.41
N ARG A 387 7.81 -41.52 -6.39
CA ARG A 387 8.66 -41.97 -5.29
C ARG A 387 7.93 -42.92 -4.35
N LYS A 388 6.60 -42.80 -4.22
CA LYS A 388 5.90 -43.70 -3.32
C LYS A 388 5.77 -45.09 -3.93
N GLU A 389 5.69 -45.18 -5.27
CA GLU A 389 5.90 -46.42 -6.00
C GLU A 389 7.35 -46.89 -5.92
N GLN A 390 8.24 -46.06 -5.36
CA GLN A 390 9.69 -46.14 -5.53
C GLN A 390 10.10 -46.71 -6.90
N ILE A 391 9.69 -45.97 -7.94
CA ILE A 391 10.11 -46.19 -9.33
C ILE A 391 11.27 -45.24 -9.64
N PRO A 392 12.42 -45.73 -10.11
CA PRO A 392 13.50 -44.81 -10.51
C PRO A 392 13.14 -44.00 -11.76
N HIS A 393 13.51 -42.72 -11.76
CA HIS A 393 13.04 -41.79 -12.77
C HIS A 393 13.92 -40.56 -12.80
N TRP A 394 13.88 -39.89 -13.97
CA TRP A 394 14.34 -38.52 -14.22
C TRP A 394 13.20 -37.55 -13.91
N VAL A 395 13.52 -36.26 -13.82
CA VAL A 395 12.52 -35.23 -13.57
C VAL A 395 12.76 -34.09 -14.52
N TYR A 396 11.67 -33.43 -14.92
CA TYR A 396 11.80 -32.24 -15.76
C TYR A 396 10.82 -31.19 -15.25
N PHE A 397 10.95 -29.99 -15.80
CA PHE A 397 10.03 -28.89 -15.53
C PHE A 397 10.17 -27.98 -16.75
N CYS A 398 9.16 -27.11 -16.95
CA CYS A 398 9.04 -26.26 -18.14
C CYS A 398 8.29 -24.97 -17.78
N THR A 399 7.40 -24.45 -18.64
CA THR A 399 6.56 -23.33 -18.21
C THR A 399 5.84 -23.64 -16.92
N GLY A 400 5.57 -24.93 -16.65
CA GLY A 400 4.99 -25.37 -15.41
C GLY A 400 5.76 -26.49 -14.75
N PRO A 401 5.40 -26.82 -13.50
CA PRO A 401 4.37 -26.15 -12.69
C PRO A 401 4.89 -24.84 -12.15
N ARG A 402 4.07 -24.08 -11.43
CA ARG A 402 4.51 -22.79 -10.92
C ARG A 402 4.17 -22.63 -9.44
N ASN A 403 3.73 -21.43 -9.06
CA ASN A 403 3.53 -21.09 -7.67
C ASN A 403 4.63 -21.68 -6.77
N LYS A 404 4.27 -22.54 -5.80
CA LYS A 404 5.27 -23.04 -4.85
C LYS A 404 6.35 -23.93 -5.49
N TRP A 405 6.14 -24.43 -6.71
CA TRP A 405 7.07 -25.42 -7.27
C TRP A 405 8.37 -24.79 -7.78
N LEU A 406 9.43 -25.58 -7.69
CA LEU A 406 10.71 -25.21 -8.27
C LEU A 406 10.58 -24.83 -9.74
N ASN A 407 11.37 -23.85 -10.17
CA ASN A 407 11.42 -23.52 -11.60
C ASN A 407 12.54 -22.51 -11.83
N ARG A 408 12.64 -22.02 -13.05
CA ARG A 408 13.80 -21.27 -13.47
C ARG A 408 13.40 -20.01 -14.24
N LEU A 409 12.34 -19.36 -13.80
CA LEU A 409 11.74 -18.31 -14.60
C LEU A 409 12.39 -16.97 -14.31
N TYR A 410 12.06 -15.99 -15.15
CA TYR A 410 12.54 -14.64 -14.92
C TYR A 410 12.18 -14.14 -13.52
N ASP A 411 11.01 -14.51 -13.02
CA ASP A 411 10.56 -14.02 -11.72
C ASP A 411 10.60 -15.12 -10.67
N THR A 412 11.40 -16.16 -10.88
CA THR A 412 11.67 -17.10 -9.81
C THR A 412 12.81 -16.60 -8.92
N PRO A 413 12.58 -16.45 -7.61
CA PRO A 413 13.67 -15.99 -6.74
C PRO A 413 14.89 -16.90 -6.84
N LEU A 414 16.07 -16.28 -6.81
CA LEU A 414 17.28 -17.04 -7.04
C LEU A 414 17.56 -18.05 -5.92
N PRO A 415 17.25 -17.79 -4.64
CA PRO A 415 17.51 -18.88 -3.66
C PRO A 415 16.67 -20.10 -3.94
N LYS A 416 15.43 -19.87 -4.37
CA LYS A 416 14.56 -20.96 -4.78
C LYS A 416 15.22 -21.77 -5.91
N LEU A 417 15.70 -21.07 -6.96
CA LEU A 417 16.39 -21.73 -8.06
C LEU A 417 17.63 -22.48 -7.57
N ARG A 418 18.37 -21.86 -6.63
CA ARG A 418 19.58 -22.45 -6.09
C ARG A 418 19.33 -23.78 -5.39
N MET A 419 18.10 -24.01 -4.91
CA MET A 419 17.78 -25.33 -4.32
C MET A 419 17.71 -26.49 -5.34
N SER A 420 17.79 -26.24 -6.64
CA SER A 420 17.53 -27.31 -7.62
C SER A 420 18.35 -28.56 -7.32
N GLY A 421 19.69 -28.43 -7.25
CA GLY A 421 20.54 -29.58 -7.05
C GLY A 421 20.37 -30.22 -5.68
N TRP A 422 20.06 -29.42 -4.64
CA TRP A 422 19.76 -29.98 -3.31
C TRP A 422 18.55 -30.90 -3.38
N LEU A 423 17.52 -30.47 -4.12
CA LEU A 423 16.30 -31.26 -4.30
C LEU A 423 16.55 -32.49 -5.18
N PHE A 424 17.21 -32.32 -6.34
CA PHE A 424 17.62 -33.46 -7.15
C PHE A 424 18.33 -34.51 -6.31
N TYR A 425 19.24 -34.07 -5.43
CA TYR A 425 20.03 -34.99 -4.63
C TYR A 425 19.17 -35.68 -3.59
N LYS A 426 18.45 -34.89 -2.78
CA LYS A 426 17.73 -35.45 -1.65
C LYS A 426 16.58 -36.33 -2.11
N LEU A 427 15.90 -35.95 -3.18
CA LEU A 427 14.77 -36.73 -3.71
C LEU A 427 15.23 -37.74 -4.77
N LYS A 428 16.55 -37.90 -4.92
CA LYS A 428 17.15 -39.01 -5.62
C LYS A 428 16.74 -39.12 -7.07
N ALA A 429 16.68 -38.00 -7.77
CA ALA A 429 16.48 -38.09 -9.20
C ALA A 429 17.67 -38.74 -9.88
N LEU A 430 17.39 -39.53 -10.92
CA LEU A 430 18.44 -40.04 -11.80
C LEU A 430 19.00 -38.97 -12.71
N GLY A 431 18.24 -37.91 -12.96
CA GLY A 431 18.67 -36.88 -13.88
C GLY A 431 17.61 -35.83 -14.07
N PHE A 432 17.99 -34.80 -14.83
CA PHE A 432 17.19 -33.62 -15.08
C PHE A 432 17.27 -33.28 -16.56
N LEU A 433 16.11 -32.90 -17.12
CA LEU A 433 15.95 -32.58 -18.54
C LEU A 433 15.24 -31.24 -18.66
N HIS A 434 15.64 -30.44 -19.65
CA HIS A 434 14.93 -29.18 -19.88
C HIS A 434 14.97 -28.84 -21.38
N TRP A 435 13.88 -28.22 -21.86
CA TRP A 435 13.70 -28.02 -23.31
C TRP A 435 14.30 -26.72 -23.80
N GLY A 436 14.61 -25.81 -22.87
CA GLY A 436 14.80 -24.42 -23.18
C GLY A 436 16.14 -23.92 -22.69
N TYR A 437 17.18 -24.32 -23.39
CA TYR A 437 18.49 -23.72 -23.23
C TYR A 437 18.64 -22.50 -24.13
N ASN A 438 18.46 -22.66 -25.44
CA ASN A 438 18.64 -21.54 -26.36
C ASN A 438 17.53 -21.48 -27.39
N PHE A 439 16.30 -21.54 -26.95
CA PHE A 439 15.16 -21.43 -27.87
C PHE A 439 14.83 -19.94 -27.93
N TRP A 440 15.54 -19.28 -28.85
CA TRP A 440 15.64 -17.84 -29.00
C TRP A 440 14.65 -17.26 -30.00
N TYR A 441 13.93 -18.08 -30.72
CA TYR A 441 13.13 -17.58 -31.82
C TYR A 441 11.65 -17.72 -31.48
N THR A 442 10.80 -17.41 -32.46
CA THR A 442 9.36 -17.35 -32.28
C THR A 442 8.78 -18.75 -32.17
N LEU A 443 7.96 -18.98 -31.15
CA LEU A 443 7.51 -20.35 -30.87
C LEU A 443 6.79 -20.98 -32.09
N ASP A 444 7.26 -22.18 -32.45
CA ASP A 444 6.67 -23.03 -33.49
C ASP A 444 6.61 -22.36 -34.87
N LYS A 445 7.60 -21.52 -35.20
CA LYS A 445 7.64 -20.81 -36.48
C LYS A 445 9.08 -20.59 -36.94
N GLU A 446 9.27 -20.61 -38.25
CA GLU A 446 10.60 -20.39 -38.82
C GLU A 446 10.82 -18.87 -38.97
N GLN A 447 10.94 -18.23 -37.84
CA GLN A 447 10.94 -16.78 -37.74
C GLN A 447 11.77 -16.37 -36.54
N PRO A 448 12.88 -15.68 -36.72
CA PRO A 448 13.72 -15.36 -35.56
C PRO A 448 13.01 -14.42 -34.59
N GLY A 449 13.51 -14.39 -33.36
CA GLY A 449 13.02 -13.47 -32.36
C GLY A 449 14.08 -12.49 -31.90
N ASP A 450 13.87 -11.90 -30.72
CA ASP A 450 14.85 -11.01 -30.09
C ASP A 450 14.92 -11.35 -28.61
N PRO A 451 15.83 -12.23 -28.22
CA PRO A 451 15.93 -12.62 -26.81
C PRO A 451 16.21 -11.47 -25.87
N PHE A 452 16.69 -10.34 -26.40
CA PHE A 452 17.00 -9.22 -25.54
C PHE A 452 15.75 -8.41 -25.16
N THR A 453 14.62 -8.58 -25.87
CA THR A 453 13.38 -7.87 -25.55
C THR A 453 12.16 -8.74 -25.39
N GLU A 454 12.24 -10.03 -25.69
CA GLU A 454 11.11 -10.95 -25.61
C GLU A 454 11.61 -12.21 -24.94
N GLY A 455 11.05 -12.52 -23.77
CA GLY A 455 11.54 -13.61 -22.97
C GLY A 455 10.64 -14.83 -22.95
N ALA A 456 9.58 -14.83 -23.73
CA ALA A 456 8.67 -15.97 -23.75
C ALA A 456 8.34 -16.41 -25.17
N ALA A 457 9.27 -16.22 -26.12
CA ALA A 457 9.07 -16.75 -27.47
C ALA A 457 7.76 -16.26 -28.04
N TYR A 458 7.33 -15.06 -27.64
CA TYR A 458 6.14 -14.38 -28.15
C TYR A 458 4.87 -15.10 -27.77
N ALA A 459 4.89 -15.94 -26.73
CA ALA A 459 3.76 -16.81 -26.39
C ALA A 459 3.30 -16.64 -24.93
N TYR A 460 3.53 -15.50 -24.34
CA TYR A 460 3.03 -15.37 -22.99
C TYR A 460 1.53 -15.16 -22.97
N PRO A 461 0.84 -15.70 -21.94
CA PRO A 461 1.41 -16.31 -20.74
C PRO A 461 1.61 -17.84 -20.76
N GLY A 462 1.13 -18.50 -21.81
CA GLY A 462 1.33 -19.94 -21.92
C GLY A 462 2.79 -20.36 -21.79
N ILE A 463 3.66 -19.62 -22.44
CA ILE A 463 5.10 -19.68 -22.18
C ILE A 463 5.46 -18.61 -21.16
N ALA A 464 6.06 -19.02 -20.04
CA ALA A 464 6.50 -18.08 -19.01
C ALA A 464 7.78 -17.39 -19.43
N TYR A 465 7.87 -16.10 -19.15
CA TYR A 465 9.14 -15.40 -19.32
C TYR A 465 10.24 -16.14 -18.57
N GLY A 466 11.32 -16.45 -19.29
CA GLY A 466 12.44 -17.18 -18.77
C GLY A 466 12.46 -18.65 -19.16
N ASP A 467 11.35 -19.18 -19.62
CA ASP A 467 11.32 -20.62 -19.85
C ASP A 467 12.09 -21.05 -21.09
N PRO A 468 12.06 -20.32 -22.21
CA PRO A 468 12.71 -20.80 -23.43
C PRO A 468 14.23 -20.78 -23.41
N PHE A 469 14.88 -19.99 -22.56
CA PHE A 469 16.33 -19.82 -22.76
C PHE A 469 16.99 -19.27 -21.50
N VAL A 470 18.18 -19.82 -21.20
CA VAL A 470 19.01 -19.38 -20.09
C VAL A 470 20.27 -18.70 -20.55
N VAL A 471 20.55 -18.66 -21.85
CA VAL A 471 21.68 -17.91 -22.38
C VAL A 471 21.14 -16.98 -23.46
N TYR A 472 21.93 -15.96 -23.79
CA TYR A 472 21.54 -15.04 -24.83
C TYR A 472 22.51 -15.17 -26.01
N PRO A 473 22.08 -14.85 -27.23
CA PRO A 473 23.01 -14.96 -28.38
C PRO A 473 24.07 -13.88 -28.34
N GLY A 474 25.32 -14.31 -28.27
CA GLY A 474 26.41 -13.40 -28.30
C GLY A 474 27.09 -13.45 -29.65
N PRO A 475 27.96 -12.49 -29.96
CA PRO A 475 28.59 -12.48 -31.30
C PRO A 475 29.39 -13.73 -31.64
N ASP A 476 30.01 -14.42 -30.67
CA ASP A 476 30.84 -15.60 -30.93
C ASP A 476 30.39 -16.86 -30.14
N GLY A 477 29.19 -16.84 -29.54
CA GLY A 477 28.69 -17.92 -28.72
C GLY A 477 27.71 -17.35 -27.72
N PRO A 478 27.34 -18.13 -26.72
CA PRO A 478 26.35 -17.65 -25.73
C PRO A 478 26.91 -16.65 -24.73
N TYR A 479 26.09 -15.67 -24.38
CA TYR A 479 26.25 -14.95 -23.14
C TYR A 479 25.56 -15.73 -22.04
N ASP A 480 26.23 -15.90 -20.90
CA ASP A 480 25.58 -16.52 -19.76
C ASP A 480 24.51 -15.55 -19.22
N SER A 481 23.61 -16.07 -18.38
CA SER A 481 22.70 -15.26 -17.58
C SER A 481 22.86 -15.57 -16.09
N ILE A 482 22.32 -14.68 -15.26
CA ILE A 482 22.32 -14.90 -13.82
C ILE A 482 21.68 -16.24 -13.48
N ARG A 483 20.51 -16.51 -14.06
CA ARG A 483 19.82 -17.76 -13.75
C ARG A 483 20.70 -18.95 -14.07
N TRP A 484 21.44 -18.87 -15.17
CA TRP A 484 22.28 -19.99 -15.58
C TRP A 484 23.45 -20.16 -14.61
N GLU A 485 24.03 -19.07 -14.13
CA GLU A 485 25.14 -19.22 -13.18
C GLU A 485 24.63 -19.82 -11.89
N VAL A 486 23.45 -19.38 -11.45
CA VAL A 486 22.87 -19.90 -10.22
C VAL A 486 22.53 -21.36 -10.36
N PHE A 487 21.89 -21.73 -11.47
CA PHE A 487 21.53 -23.12 -11.69
C PHE A 487 22.78 -23.98 -11.68
N SER A 488 23.83 -23.48 -12.31
CA SER A 488 25.09 -24.19 -12.35
C SER A 488 25.66 -24.34 -10.96
N GLU A 489 25.58 -23.30 -10.17
CA GLU A 489 26.07 -23.40 -8.80
C GLU A 489 25.22 -24.38 -8.00
N SER A 490 23.96 -24.58 -8.39
CA SER A 490 23.11 -25.55 -7.71
C SER A 490 23.52 -26.97 -8.05
N LEU A 491 23.86 -27.21 -9.31
CA LEU A 491 24.43 -28.50 -9.65
C LEU A 491 25.77 -28.71 -8.94
N GLN A 492 26.51 -27.62 -8.74
CA GLN A 492 27.73 -27.73 -7.96
C GLN A 492 27.43 -28.11 -6.51
N ASP A 493 26.35 -27.58 -5.92
CA ASP A 493 26.01 -27.99 -4.54
C ASP A 493 25.68 -29.47 -4.50
N TYR A 494 25.10 -30.00 -5.56
CA TYR A 494 24.92 -31.45 -5.60
C TYR A 494 26.26 -32.16 -5.55
N ALA A 495 27.27 -31.64 -6.25
CA ALA A 495 28.60 -32.24 -6.13
C ALA A 495 29.17 -32.07 -4.70
N ILE A 496 28.82 -30.98 -4.01
CA ILE A 496 29.31 -30.81 -2.65
C ILE A 496 28.75 -31.89 -1.74
N LEU A 497 27.43 -32.07 -1.78
CA LEU A 497 26.78 -33.13 -0.99
C LEU A 497 27.38 -34.50 -1.30
N GLN A 498 27.70 -34.76 -2.57
CA GLN A 498 28.22 -36.08 -2.92
C GLN A 498 29.65 -36.23 -2.41
N SER A 499 30.50 -35.26 -2.73
CA SER A 499 31.91 -35.32 -2.35
C SER A 499 32.09 -35.29 -0.84
N ALA A 500 31.20 -34.61 -0.11
CA ALA A 500 31.32 -34.59 1.34
C ALA A 500 30.76 -35.85 2.01
N GLY A 501 30.10 -36.74 1.28
CA GLY A 501 29.51 -37.93 1.88
C GLY A 501 28.17 -37.74 2.58
N ILE A 502 27.48 -36.65 2.34
CA ILE A 502 26.20 -36.41 2.97
C ILE A 502 25.15 -37.31 2.34
N GLN A 503 24.41 -38.01 3.18
CA GLN A 503 23.37 -38.93 2.72
C GLN A 503 22.06 -38.19 2.53
N PRO A 504 21.28 -38.56 1.52
CA PRO A 504 19.95 -37.94 1.36
C PRO A 504 19.13 -38.01 2.64
N GLU A 505 19.34 -39.04 3.43
CA GLU A 505 18.62 -39.22 4.67
C GLU A 505 19.19 -38.38 5.80
N ASP A 506 20.29 -37.65 5.56
CA ASP A 506 20.93 -36.91 6.63
C ASP A 506 19.96 -35.87 7.20
N PRO A 507 19.87 -35.75 8.51
CA PRO A 507 18.93 -34.79 9.09
C PRO A 507 19.08 -33.36 8.59
N MET A 508 20.26 -32.93 8.15
CA MET A 508 20.37 -31.55 7.73
C MET A 508 19.56 -31.28 6.47
N LEU A 509 19.08 -32.31 5.78
CA LEU A 509 18.34 -32.18 4.53
C LEU A 509 16.88 -32.56 4.65
N ALA A 510 16.40 -32.79 5.86
CA ALA A 510 15.13 -33.46 6.03
C ALA A 510 13.94 -32.56 5.75
N ALA A 511 14.15 -31.24 5.72
CA ALA A 511 13.08 -30.30 5.39
C ALA A 511 12.79 -30.27 3.90
N LEU A 512 13.67 -30.85 3.11
CA LEU A 512 13.45 -30.99 1.67
C LEU A 512 12.47 -32.15 1.49
N HIS A 513 11.17 -31.82 1.47
CA HIS A 513 10.13 -32.83 1.37
C HIS A 513 9.67 -33.14 -0.04
N THR A 514 9.39 -32.11 -0.83
CA THR A 514 8.96 -32.31 -2.20
C THR A 514 9.57 -31.23 -3.04
N TYR A 515 9.40 -31.35 -4.34
CA TYR A 515 9.84 -30.25 -5.21
C TYR A 515 8.96 -29.01 -5.10
N GLU A 516 8.05 -29.01 -4.13
CA GLU A 516 7.22 -27.88 -3.77
C GLU A 516 7.46 -27.41 -2.34
N ASP A 517 7.64 -28.34 -1.41
CA ASP A 517 7.71 -28.08 0.03
C ASP A 517 9.17 -28.21 0.46
N PHE A 518 9.85 -27.08 0.65
CA PHE A 518 11.30 -27.17 0.75
C PHE A 518 11.78 -25.78 1.13
N PRO A 519 12.83 -25.65 1.94
CA PRO A 519 13.31 -24.31 2.31
C PRO A 519 13.86 -23.53 1.11
N ARG A 520 13.75 -22.21 1.16
CA ARG A 520 14.08 -21.39 0.00
C ARG A 520 14.64 -20.04 0.42
N SER A 521 15.44 -20.01 1.47
CA SER A 521 16.09 -18.79 1.89
C SER A 521 17.58 -18.86 1.60
N GLU A 522 18.17 -17.69 1.35
CA GLU A 522 19.61 -17.62 1.25
C GLU A 522 20.27 -18.08 2.55
N GLN A 523 19.64 -17.78 3.68
CA GLN A 523 20.21 -18.14 4.98
C GLN A 523 20.33 -19.65 5.15
N TRP A 524 19.27 -20.40 4.79
CA TRP A 524 19.33 -21.86 4.92
C TRP A 524 20.48 -22.44 4.11
N ILE A 525 20.57 -22.04 2.83
CA ILE A 525 21.67 -22.48 1.99
C ILE A 525 23.00 -22.19 2.66
N ASN A 526 23.20 -20.94 3.10
CA ASN A 526 24.50 -20.54 3.64
C ASN A 526 24.85 -21.30 4.91
N GLU A 527 23.90 -21.43 5.84
CA GLU A 527 24.17 -22.13 7.09
C GLU A 527 24.46 -23.59 6.84
N THR A 528 23.72 -24.22 5.92
CA THR A 528 23.94 -25.64 5.69
C THR A 528 25.28 -25.87 5.02
N LEU A 529 25.64 -25.02 4.06
CA LEU A 529 26.94 -25.17 3.44
C LEU A 529 28.03 -24.95 4.47
N LYS A 530 27.86 -23.97 5.35
CA LYS A 530 28.86 -23.70 6.35
C LYS A 530 29.08 -24.96 7.18
N LYS A 531 28.00 -25.60 7.63
CA LYS A 531 28.15 -26.87 8.35
C LYS A 531 28.97 -27.88 7.54
N ILE A 532 28.51 -28.16 6.31
CA ILE A 532 29.13 -29.21 5.51
C ILE A 532 30.62 -28.93 5.32
N LEU A 533 30.94 -27.70 4.95
CA LEU A 533 32.27 -27.33 4.49
C LEU A 533 33.26 -27.19 5.64
N GLU A 534 32.78 -26.80 6.81
CA GLU A 534 33.67 -26.71 7.94
C GLU A 534 33.83 -28.05 8.66
N LYS A 535 33.01 -29.07 8.36
CA LYS A 535 33.31 -30.40 8.90
C LYS A 535 34.55 -31.01 8.25
N ALA A 536 34.59 -31.05 6.91
CA ALA A 536 35.86 -31.19 6.16
C ALA A 536 36.79 -32.31 6.65
N ASP B 1 -25.30 9.04 -3.43
CA ASP B 1 -25.55 10.20 -2.57
C ASP B 1 -26.86 10.09 -1.73
N ALA B 2 -27.39 8.88 -1.53
CA ALA B 2 -28.63 8.70 -0.75
C ALA B 2 -28.41 9.07 0.71
N PRO B 3 -29.38 9.70 1.37
CA PRO B 3 -29.22 10.07 2.79
C PRO B 3 -28.92 8.92 3.72
N MET B 4 -29.56 7.76 3.49
CA MET B 4 -29.38 6.54 4.27
C MET B 4 -29.17 5.34 3.35
N ALA B 5 -28.10 4.61 3.56
CA ALA B 5 -27.85 3.35 2.85
C ALA B 5 -28.17 2.18 3.76
N VAL B 6 -28.76 1.13 3.22
CA VAL B 6 -28.97 -0.13 3.94
C VAL B 6 -28.72 -1.25 2.96
N TRP B 7 -28.03 -2.29 3.39
CA TRP B 7 -27.74 -3.39 2.48
C TRP B 7 -27.67 -4.68 3.30
N LEU B 8 -27.60 -5.81 2.60
CA LEU B 8 -27.47 -7.12 3.23
C LEU B 8 -26.06 -7.64 3.03
N GLN B 9 -25.60 -8.47 3.95
CA GLN B 9 -24.23 -8.96 3.86
C GLN B 9 -24.13 -10.26 4.65
N SER B 10 -23.17 -11.09 4.27
CA SER B 10 -23.16 -12.41 4.87
C SER B 10 -22.49 -12.36 6.24
N SER B 11 -22.59 -13.48 6.96
CA SER B 11 -22.07 -13.61 8.32
C SER B 11 -20.57 -13.84 8.38
N LEU B 12 -19.87 -13.76 7.23
CA LEU B 12 -18.44 -14.04 7.20
C LEU B 12 -17.62 -12.81 6.80
N GLN B 13 -18.16 -11.60 6.97
CA GLN B 13 -17.44 -10.40 6.54
C GLN B 13 -17.62 -9.32 7.60
N ARG B 14 -16.54 -8.94 8.26
CA ARG B 14 -16.66 -7.87 9.23
C ARG B 14 -16.96 -6.55 8.51
N ILE B 15 -17.82 -5.73 9.10
CA ILE B 15 -18.15 -4.40 8.60
C ILE B 15 -17.57 -3.36 9.55
N PHE B 16 -16.60 -2.56 9.06
CA PHE B 16 -15.98 -1.58 9.93
C PHE B 16 -16.62 -0.20 9.80
N PRO B 17 -16.55 0.60 10.88
CA PRO B 17 -17.32 1.84 10.92
C PRO B 17 -17.09 2.73 9.72
N GLN B 18 -15.88 2.72 9.20
CA GLN B 18 -15.49 3.61 8.11
C GLN B 18 -15.52 2.87 6.78
N SER B 19 -16.12 1.69 6.75
CA SER B 19 -16.44 0.99 5.52
C SER B 19 -17.34 1.89 4.69
N PRO B 20 -17.26 1.77 3.37
CA PRO B 20 -18.20 2.48 2.49
C PRO B 20 -19.54 1.76 2.39
N ALA B 21 -20.59 2.55 2.18
CA ALA B 21 -21.90 1.99 1.91
C ALA B 21 -21.84 1.11 0.67
N GLN B 22 -22.71 0.09 0.65
CA GLN B 22 -22.90 -0.78 -0.50
C GLN B 22 -24.38 -0.79 -0.87
N THR B 23 -24.69 -1.37 -2.02
CA THR B 23 -26.07 -1.59 -2.39
C THR B 23 -26.28 -3.10 -2.48
N ALA B 24 -27.44 -3.58 -2.01
CA ALA B 24 -27.74 -5.01 -2.05
C ALA B 24 -29.20 -5.22 -2.38
N ALA B 25 -30.00 -5.35 -1.32
CA ALA B 25 -31.44 -5.55 -1.40
C ALA B 25 -31.76 -7.04 -1.41
N ALA B 26 -30.81 -7.89 -1.83
CA ALA B 26 -31.10 -9.32 -1.99
C ALA B 26 -29.90 -10.19 -1.60
N LEU B 27 -30.18 -11.26 -0.88
CA LEU B 27 -29.16 -12.18 -0.38
C LEU B 27 -29.72 -13.59 -0.41
N GLU B 28 -28.96 -14.55 -0.94
CA GLU B 28 -29.39 -15.93 -0.87
C GLU B 28 -28.50 -16.73 0.07
N LEU B 29 -29.14 -17.56 0.88
CA LEU B 29 -28.50 -18.37 1.89
C LEU B 29 -28.81 -19.82 1.58
N GLN B 30 -28.00 -20.71 2.14
CA GLN B 30 -28.23 -22.14 2.02
C GLN B 30 -28.09 -22.75 3.40
N ALA B 31 -28.85 -23.81 3.62
CA ALA B 31 -29.01 -24.35 4.96
C ALA B 31 -29.52 -25.77 4.84
N ALA B 32 -28.95 -26.66 5.65
CA ALA B 32 -29.54 -27.94 5.89
C ALA B 32 -30.74 -27.75 6.82
N ARG B 33 -31.63 -28.74 6.84
CA ARG B 33 -32.73 -28.69 7.80
C ARG B 33 -32.24 -29.12 9.19
N ASN B 34 -32.95 -28.67 10.21
CA ASN B 34 -32.50 -28.79 11.59
C ASN B 34 -31.14 -28.11 11.77
N SER B 35 -31.05 -26.84 11.34
CA SER B 35 -29.78 -26.13 11.50
C SER B 35 -30.05 -24.66 11.77
N ARG B 36 -28.97 -23.89 11.89
CA ARG B 36 -29.01 -22.49 12.26
C ARG B 36 -28.10 -21.72 11.32
N VAL B 37 -28.57 -20.57 10.82
CA VAL B 37 -27.80 -19.85 9.80
C VAL B 37 -27.97 -18.34 10.01
N SER B 38 -27.00 -17.55 9.56
CA SER B 38 -26.93 -16.14 9.99
C SER B 38 -26.66 -15.21 8.83
N PHE B 39 -26.96 -13.93 9.03
CA PHE B 39 -26.59 -12.90 8.06
C PHE B 39 -26.66 -11.55 8.75
N GLN B 40 -26.22 -10.48 8.04
CA GLN B 40 -26.19 -9.14 8.60
C GLN B 40 -26.99 -8.17 7.75
N VAL B 41 -27.55 -7.19 8.44
CA VAL B 41 -28.29 -6.10 7.85
C VAL B 41 -27.52 -4.83 8.17
N ALA B 42 -26.84 -4.27 7.17
CA ALA B 42 -25.95 -3.14 7.41
C ALA B 42 -26.60 -1.82 7.03
N PHE B 43 -26.06 -0.74 7.60
CA PHE B 43 -26.69 0.57 7.42
C PHE B 43 -25.58 1.60 7.60
N ARG B 44 -25.72 2.68 6.85
CA ARG B 44 -24.78 3.78 6.96
C ARG B 44 -25.54 5.07 6.71
N SER B 45 -25.60 5.93 7.72
CA SER B 45 -26.20 7.24 7.55
C SER B 45 -25.27 8.18 6.81
N ASN B 46 -25.82 8.92 5.85
CA ASN B 46 -25.12 9.97 5.14
C ASN B 46 -25.61 11.36 5.55
N MET B 47 -26.11 11.51 6.77
CA MET B 47 -26.74 12.72 7.28
C MET B 47 -25.93 13.30 8.43
N LYS B 48 -25.79 14.64 8.43
CA LYS B 48 -25.11 15.39 9.50
C LYS B 48 -25.74 15.10 10.86
N ASP B 49 -27.03 14.89 10.89
CA ASP B 49 -27.81 14.80 12.11
C ASP B 49 -28.06 13.33 12.42
N GLN B 50 -28.01 12.97 13.69
CA GLN B 50 -28.21 11.57 13.98
C GLN B 50 -29.70 11.24 13.96
N THR B 51 -30.01 9.98 13.72
CA THR B 51 -31.41 9.58 13.57
C THR B 51 -31.62 8.20 14.18
N HIS B 52 -32.86 7.76 14.32
CA HIS B 52 -33.07 6.41 14.83
C HIS B 52 -33.18 5.43 13.68
N ILE B 53 -32.86 4.15 13.95
CA ILE B 53 -33.07 3.12 12.96
C ILE B 53 -33.47 1.81 13.65
N SER B 54 -34.45 1.12 13.02
CA SER B 54 -35.09 -0.10 13.51
C SER B 54 -35.06 -1.22 12.48
N CYS B 55 -34.77 -2.41 12.97
CA CYS B 55 -34.63 -3.61 12.14
C CYS B 55 -35.68 -4.62 12.52
N SER B 56 -36.35 -5.18 11.51
CA SER B 56 -37.38 -6.17 11.80
C SER B 56 -37.57 -7.10 10.60
N THR B 57 -38.15 -8.28 10.85
CA THR B 57 -38.42 -9.22 9.78
C THR B 57 -39.92 -9.28 9.53
N GLU B 58 -40.25 -9.70 8.30
CA GLU B 58 -41.61 -9.89 7.82
C GLU B 58 -41.65 -11.16 7.00
N GLY B 59 -42.56 -12.05 7.36
CA GLY B 59 -42.74 -13.29 6.66
C GLY B 59 -41.78 -14.36 7.04
N ALA B 60 -41.14 -14.23 8.19
CA ALA B 60 -40.14 -15.18 8.63
C ALA B 60 -40.57 -15.98 9.86
N GLU B 61 -41.86 -15.96 10.23
CA GLU B 61 -42.24 -16.49 11.54
C GLU B 61 -41.79 -17.94 11.73
N THR B 62 -41.78 -18.74 10.66
CA THR B 62 -41.41 -20.15 10.78
C THR B 62 -39.92 -20.40 10.99
N LEU B 63 -39.09 -19.37 10.89
CA LEU B 63 -37.66 -19.45 11.09
C LEU B 63 -37.25 -18.86 12.44
N HIS B 64 -38.22 -18.53 13.27
CA HIS B 64 -38.04 -17.94 14.59
C HIS B 64 -36.83 -17.01 14.57
N PRO B 65 -36.87 -15.97 13.74
CA PRO B 65 -35.73 -15.10 13.60
C PRO B 65 -35.41 -14.46 14.93
N ARG B 66 -34.13 -14.10 15.06
CA ARG B 66 -33.60 -13.39 16.19
C ARG B 66 -32.76 -12.24 15.64
N VAL B 67 -32.99 -11.05 16.16
CA VAL B 67 -32.39 -9.82 15.67
C VAL B 67 -31.58 -9.18 16.78
N ARG B 68 -30.29 -8.97 16.54
CA ARG B 68 -29.39 -8.37 17.50
C ARG B 68 -28.57 -7.29 16.81
N TYR B 69 -27.87 -6.47 17.61
CA TYR B 69 -27.09 -5.34 17.13
C TYR B 69 -25.61 -5.64 17.30
N VAL B 70 -24.81 -5.36 16.27
CA VAL B 70 -23.38 -5.59 16.38
C VAL B 70 -22.71 -4.41 17.09
N GLY B 71 -22.08 -4.68 18.22
CA GLY B 71 -21.32 -3.69 18.94
C GLY B 71 -19.85 -3.68 18.56
N LEU B 72 -19.19 -2.59 18.92
CA LEU B 72 -17.80 -2.39 18.61
C LEU B 72 -16.96 -2.40 19.89
N VAL B 73 -15.75 -2.94 19.78
CA VAL B 73 -14.77 -2.85 20.86
C VAL B 73 -13.47 -2.24 20.31
N PRO B 74 -12.68 -1.58 21.15
CA PRO B 74 -11.45 -0.97 20.64
C PRO B 74 -10.39 -2.04 20.46
N MET B 75 -9.76 -2.04 19.29
CA MET B 75 -8.62 -2.90 19.06
C MET B 75 -7.41 -2.00 18.93
N PRO B 76 -6.59 -1.92 19.98
CA PRO B 76 -5.49 -0.95 20.01
C PRO B 76 -4.42 -1.22 18.98
N HIS B 77 -4.14 -2.50 18.71
CA HIS B 77 -3.06 -2.90 17.83
C HIS B 77 -3.49 -4.17 17.12
N PHE B 78 -2.86 -4.45 15.99
CA PHE B 78 -2.94 -5.80 15.48
C PHE B 78 -2.16 -6.73 16.41
N ASN B 79 -2.58 -7.99 16.43
CA ASN B 79 -1.79 -9.03 17.05
C ASN B 79 -0.48 -9.25 16.28
N THR B 80 0.57 -9.60 17.01
CA THR B 80 1.87 -9.81 16.41
C THR B 80 2.00 -11.22 15.83
N ASP B 81 3.00 -11.37 14.96
CA ASP B 81 3.28 -12.63 14.28
C ASP B 81 2.09 -13.08 13.44
N VAL B 82 1.45 -12.12 12.76
CA VAL B 82 0.42 -12.43 11.78
C VAL B 82 0.73 -11.55 10.58
N SER B 83 1.10 -12.18 9.45
CA SER B 83 1.38 -11.39 8.27
C SER B 83 0.08 -10.75 7.77
N PRO B 84 0.20 -9.70 6.98
CA PRO B 84 -1.01 -9.02 6.49
C PRO B 84 -1.90 -9.90 5.66
N GLU B 85 -1.34 -10.87 4.92
CA GLU B 85 -2.19 -11.77 4.16
C GLU B 85 -3.19 -12.50 5.03
N GLU B 86 -2.90 -12.63 6.32
CA GLU B 86 -3.71 -13.42 7.23
C GLU B 86 -4.46 -12.53 8.21
N LEU B 87 -4.41 -11.22 8.03
CA LEU B 87 -5.11 -10.31 8.91
C LEU B 87 -6.44 -9.92 8.30
N ASP B 88 -7.46 -9.91 9.14
CA ASP B 88 -8.71 -9.22 8.81
C ASP B 88 -8.56 -7.73 9.14
N GLY B 89 -9.29 -6.89 8.41
CA GLY B 89 -9.28 -5.47 8.69
C GLY B 89 -8.10 -4.64 8.16
N VAL B 90 -7.35 -5.15 7.19
CA VAL B 90 -6.29 -4.35 6.58
C VAL B 90 -6.90 -3.11 5.97
N GLY B 91 -6.38 -1.94 6.36
CA GLY B 91 -6.96 -0.69 5.94
C GLY B 91 -7.99 -0.11 6.89
N TYR B 92 -8.44 -0.86 7.87
CA TYR B 92 -9.45 -0.39 8.81
C TYR B 92 -9.01 -0.47 10.26
N LEU B 93 -8.19 -1.41 10.63
CA LEU B 93 -7.63 -1.54 11.96
C LEU B 93 -6.18 -1.04 11.95
N PRO B 94 -5.58 -0.73 13.11
CA PRO B 94 -6.17 -0.68 14.45
C PRO B 94 -7.33 0.28 14.48
N GLY B 95 -8.33 0.01 15.30
CA GLY B 95 -9.56 0.78 15.20
C GLY B 95 -10.68 0.10 15.97
N TRP B 96 -11.91 0.45 15.63
CA TRP B 96 -13.07 -0.18 16.23
C TRP B 96 -13.34 -1.49 15.51
N LEU B 97 -13.63 -2.54 16.28
CA LEU B 97 -13.82 -3.88 15.76
C LEU B 97 -15.24 -4.38 16.05
N PRO B 98 -15.97 -4.87 15.05
CA PRO B 98 -17.24 -5.53 15.35
C PRO B 98 -17.00 -6.86 16.06
N ASP B 99 -17.79 -7.14 17.12
CA ASP B 99 -17.71 -8.45 17.78
C ASP B 99 -18.89 -8.74 18.72
N PRO B 100 -19.15 -7.99 19.80
CA PRO B 100 -20.29 -8.34 20.67
C PRO B 100 -21.64 -8.19 19.95
N LEU B 101 -22.59 -9.05 20.35
CA LEU B 101 -23.96 -9.02 19.86
C LEU B 101 -24.92 -8.61 20.97
N TYR B 102 -25.61 -7.50 20.77
CA TYR B 102 -26.47 -6.99 21.86
C TYR B 102 -27.94 -7.25 21.56
N PRO B 103 -28.75 -7.52 22.57
CA PRO B 103 -30.16 -7.87 22.28
C PRO B 103 -31.05 -6.64 22.12
N VAL B 104 -30.79 -5.86 21.07
CA VAL B 104 -31.64 -4.73 20.71
C VAL B 104 -31.90 -4.77 19.21
N THR B 105 -33.04 -4.19 18.82
CA THR B 105 -33.44 -4.11 17.43
C THR B 105 -33.59 -2.69 16.93
N LYS B 106 -33.28 -1.70 17.77
CA LYS B 106 -33.34 -0.28 17.48
C LYS B 106 -32.06 0.34 18.02
N THR B 107 -31.48 1.27 17.28
CA THR B 107 -30.34 2.01 17.80
C THR B 107 -30.33 3.42 17.20
N GLU B 108 -29.38 4.22 17.63
CA GLU B 108 -29.17 5.50 17.00
C GLU B 108 -28.18 5.30 15.86
N ALA B 109 -28.57 5.73 14.66
CA ALA B 109 -27.66 5.84 13.54
C ALA B 109 -26.89 7.14 13.67
N HIS B 110 -25.59 7.01 13.61
CA HIS B 110 -24.60 8.05 13.78
C HIS B 110 -24.06 8.51 12.43
N PRO B 111 -23.58 9.74 12.32
CA PRO B 111 -23.13 10.25 11.03
C PRO B 111 -21.96 9.46 10.47
N PHE B 112 -22.16 8.97 9.25
CA PHE B 112 -21.10 8.51 8.38
C PHE B 112 -20.43 7.28 8.96
N GLU B 113 -21.24 6.43 9.59
CA GLU B 113 -20.75 5.29 10.37
C GLU B 113 -21.52 4.05 9.94
N SER B 114 -20.80 3.10 9.33
CA SER B 114 -21.41 1.85 8.88
C SER B 114 -21.48 0.88 10.05
N ARG B 115 -22.69 0.40 10.34
CA ARG B 115 -22.97 -0.55 11.41
C ARG B 115 -23.91 -1.64 10.90
N SER B 116 -24.18 -2.64 11.70
CA SER B 116 -25.05 -3.69 11.20
C SER B 116 -25.82 -4.31 12.33
N PHE B 117 -27.01 -4.82 12.01
CA PHE B 117 -27.62 -5.82 12.86
C PHE B 117 -27.27 -7.23 12.38
N TRP B 118 -27.27 -8.17 13.32
CA TRP B 118 -26.97 -9.58 13.08
C TRP B 118 -28.26 -10.39 13.26
N ILE B 119 -28.63 -11.19 12.25
CA ILE B 119 -29.88 -11.94 12.25
C ILE B 119 -29.56 -13.42 12.23
N THR B 120 -30.24 -14.16 13.13
CA THR B 120 -30.06 -15.59 13.32
C THR B 120 -31.38 -16.29 12.96
N LEU B 121 -31.29 -17.31 12.09
CA LEU B 121 -32.41 -18.11 11.62
C LEU B 121 -32.30 -19.55 12.13
N GLN B 122 -33.45 -20.11 12.51
CA GLN B 122 -33.61 -21.51 12.89
C GLN B 122 -34.31 -22.22 11.74
N ILE B 123 -33.62 -23.13 11.08
CA ILE B 123 -34.20 -23.88 9.97
C ILE B 123 -34.71 -25.20 10.53
N PRO B 124 -36.04 -25.36 10.74
CA PRO B 124 -36.56 -26.55 11.40
C PRO B 124 -36.45 -27.77 10.52
N ALA B 125 -36.34 -28.94 11.18
CA ALA B 125 -36.30 -30.22 10.47
C ALA B 125 -37.52 -30.45 9.59
N SER B 126 -38.69 -29.99 10.01
CA SER B 126 -39.94 -30.28 9.33
C SER B 126 -40.22 -29.37 8.14
N LEU B 127 -39.36 -28.40 7.86
CA LEU B 127 -39.64 -27.46 6.80
C LEU B 127 -39.57 -28.19 5.46
N SER B 128 -40.39 -27.76 4.51
CA SER B 128 -40.27 -28.35 3.18
C SER B 128 -38.95 -27.91 2.54
N PRO B 129 -38.26 -28.80 1.86
CA PRO B 129 -37.05 -28.39 1.13
C PRO B 129 -37.40 -27.38 0.05
N GLY B 130 -36.38 -26.68 -0.43
CA GLY B 130 -36.55 -25.67 -1.46
C GLY B 130 -36.42 -24.23 -0.96
N ILE B 131 -36.94 -23.32 -1.77
CA ILE B 131 -36.73 -21.89 -1.53
C ILE B 131 -37.76 -21.39 -0.53
N HIS B 132 -37.29 -20.75 0.54
CA HIS B 132 -38.11 -20.02 1.49
C HIS B 132 -37.62 -18.60 1.52
N ASP B 133 -38.48 -17.63 1.37
CA ASP B 133 -37.99 -16.25 1.38
C ASP B 133 -38.71 -15.43 2.44
N PHE B 134 -38.10 -14.31 2.83
CA PHE B 134 -38.75 -13.37 3.72
C PHE B 134 -38.18 -11.97 3.46
N HIS B 135 -38.71 -10.98 4.17
CA HIS B 135 -38.26 -9.61 4.00
C HIS B 135 -37.71 -9.08 5.30
N VAL B 136 -36.77 -8.14 5.17
CA VAL B 136 -36.25 -7.34 6.28
C VAL B 136 -36.68 -5.91 6.05
N ARG B 137 -37.20 -5.30 7.09
CA ARG B 137 -37.61 -3.91 7.03
C ARG B 137 -36.75 -3.07 7.95
N MET B 138 -36.19 -2.01 7.40
CA MET B 138 -35.43 -1.01 8.12
C MET B 138 -36.24 0.28 8.13
N ARG B 139 -36.38 0.89 9.31
CA ARG B 139 -37.17 2.11 9.46
C ARG B 139 -36.36 3.20 10.15
N TRP B 140 -36.36 4.40 9.57
CA TRP B 140 -35.61 5.51 10.15
C TRP B 140 -36.30 6.84 9.83
N GLN B 141 -35.69 7.95 10.26
CA GLN B 141 -36.25 9.28 10.06
C GLN B 141 -35.28 10.18 9.32
N GLU B 142 -35.83 11.01 8.44
CA GLU B 142 -35.11 12.12 7.83
C GLU B 142 -35.91 13.37 8.16
N GLY B 143 -35.37 14.18 9.03
CA GLY B 143 -36.15 15.25 9.63
C GLY B 143 -37.34 14.63 10.33
N LYS B 144 -38.53 15.04 9.92
CA LYS B 144 -39.74 14.55 10.54
C LYS B 144 -40.42 13.52 9.67
N GLU B 145 -39.87 13.27 8.48
CA GLU B 145 -40.38 12.25 7.57
C GLU B 145 -39.91 10.86 7.99
N GLU B 146 -40.85 9.92 8.06
CA GLU B 146 -40.50 8.52 8.24
C GLU B 146 -40.09 7.89 6.91
N LYS B 147 -39.06 7.05 6.95
CA LYS B 147 -38.56 6.38 5.77
C LYS B 147 -38.38 4.91 6.11
N ASP B 148 -38.34 4.07 5.05
CA ASP B 148 -38.08 2.65 5.24
C ASP B 148 -37.53 2.07 3.96
N LYS B 149 -36.99 0.87 4.10
CA LYS B 149 -36.61 0.07 2.96
C LYS B 149 -36.87 -1.39 3.29
N LEU B 150 -37.40 -2.11 2.31
CA LEU B 150 -37.46 -3.57 2.37
C LEU B 150 -36.27 -4.17 1.66
N LEU B 151 -35.74 -5.25 2.23
CA LEU B 151 -34.70 -6.04 1.60
C LEU B 151 -35.17 -7.48 1.59
N HIS B 152 -34.65 -8.27 0.64
CA HIS B 152 -35.17 -9.60 0.34
C HIS B 152 -34.15 -10.67 0.71
N VAL B 153 -34.55 -11.65 1.51
CA VAL B 153 -33.67 -12.75 1.84
C VAL B 153 -34.32 -14.03 1.34
N LYS B 154 -33.52 -14.89 0.72
CA LYS B 154 -33.97 -16.21 0.30
C LYS B 154 -33.08 -17.25 0.96
N VAL B 155 -33.68 -18.33 1.43
CA VAL B 155 -32.96 -19.45 2.02
C VAL B 155 -33.27 -20.66 1.17
N LYS B 156 -32.24 -21.28 0.60
CA LYS B 156 -32.43 -22.51 -0.17
C LYS B 156 -32.17 -23.69 0.75
N VAL B 157 -33.24 -24.39 1.10
CA VAL B 157 -33.25 -25.42 2.13
C VAL B 157 -33.08 -26.80 1.50
N SER B 158 -32.03 -27.50 1.92
CA SER B 158 -31.68 -28.84 1.47
C SER B 158 -32.63 -29.91 2.02
N ALA B 159 -32.67 -31.05 1.33
CA ALA B 159 -33.36 -32.22 1.89
C ALA B 159 -32.61 -32.78 3.11
N LEU B 160 -31.30 -32.61 3.17
CA LEU B 160 -30.51 -33.12 4.28
C LEU B 160 -31.05 -32.61 5.60
N VAL B 161 -31.22 -33.53 6.56
CA VAL B 161 -31.56 -33.15 7.93
C VAL B 161 -30.37 -33.43 8.81
N LEU B 162 -29.98 -32.46 9.61
CA LEU B 162 -28.78 -32.66 10.42
C LEU B 162 -29.07 -33.58 11.59
N GLN B 163 -28.15 -34.51 11.81
CA GLN B 163 -28.17 -35.37 12.98
C GLN B 163 -27.21 -34.82 14.05
N PRO B 164 -27.45 -35.12 15.32
CA PRO B 164 -26.53 -34.66 16.36
C PRO B 164 -25.14 -35.17 16.06
N ARG B 165 -24.19 -34.29 16.26
CA ARG B 165 -22.80 -34.66 16.06
C ARG B 165 -22.46 -35.87 16.94
N SER B 166 -21.57 -36.73 16.45
CA SER B 166 -21.16 -37.90 17.21
C SER B 166 -19.67 -38.16 17.04
N ASN B 167 -19.07 -38.73 18.10
CA ASN B 167 -17.63 -39.07 18.19
C ASN B 167 -16.76 -37.85 17.96
N PHE B 168 -17.25 -36.67 18.31
CA PHE B 168 -16.44 -35.44 18.28
C PHE B 168 -16.88 -34.54 19.42
N HIS B 169 -15.97 -34.28 20.35
CA HIS B 169 -16.26 -33.60 21.61
C HIS B 169 -15.52 -32.28 21.71
N VAL B 170 -16.19 -31.27 22.25
CA VAL B 170 -15.68 -29.91 22.31
C VAL B 170 -15.80 -29.46 23.74
N THR B 171 -14.71 -28.93 24.28
CA THR B 171 -14.76 -28.37 25.62
C THR B 171 -14.10 -27.00 25.68
N HIS B 172 -14.69 -26.15 26.53
CA HIS B 172 -14.14 -24.84 26.88
C HIS B 172 -14.04 -24.74 28.39
N TRP B 173 -12.93 -24.21 28.86
CA TRP B 173 -12.68 -24.06 30.30
C TRP B 173 -13.34 -22.77 30.79
N TRP B 174 -14.67 -22.79 30.83
CA TRP B 174 -15.42 -21.67 31.43
C TRP B 174 -14.96 -21.47 32.88
N ARG B 175 -15.05 -20.22 33.35
CA ARG B 175 -14.39 -19.80 34.59
C ARG B 175 -15.39 -19.26 35.61
N GLY B 176 -15.64 -20.03 36.67
CA GLY B 176 -16.52 -19.53 37.72
C GLY B 176 -15.98 -18.26 38.39
N GLU B 177 -14.65 -18.15 38.51
CA GLU B 177 -14.09 -16.96 39.17
C GLU B 177 -14.27 -15.72 38.29
N ALA B 178 -14.39 -15.92 36.97
CA ALA B 178 -14.69 -14.78 36.12
C ALA B 178 -16.08 -14.22 36.38
N ILE B 179 -17.07 -15.07 36.63
CA ILE B 179 -18.39 -14.58 36.99
C ILE B 179 -18.32 -13.83 38.32
N ALA B 180 -17.66 -14.44 39.32
CA ALA B 180 -17.55 -13.77 40.61
C ALA B 180 -16.91 -12.40 40.45
N LEU B 181 -15.80 -12.33 39.72
CA LEU B 181 -15.11 -11.06 39.62
C LEU B 181 -15.92 -10.04 38.82
N GLN B 182 -16.41 -10.42 37.64
CA GLN B 182 -17.04 -9.40 36.81
C GLN B 182 -18.40 -8.98 37.31
N TYR B 183 -19.18 -9.86 37.97
CA TYR B 183 -20.46 -9.42 38.51
C TYR B 183 -20.39 -8.99 40.00
N GLU B 184 -19.25 -9.14 40.67
CA GLU B 184 -19.11 -8.77 42.08
C GLU B 184 -20.14 -9.49 42.96
N THR B 185 -20.24 -10.82 42.83
CA THR B 185 -21.02 -11.67 43.74
C THR B 185 -20.15 -12.74 44.34
N LYS B 186 -20.56 -13.20 45.53
CA LYS B 186 -19.87 -14.28 46.19
C LYS B 186 -19.92 -15.52 45.35
N MET B 187 -18.79 -16.20 45.25
CA MET B 187 -18.73 -17.48 44.59
C MET B 187 -19.83 -18.40 45.12
N PHE B 188 -20.54 -19.01 44.19
CA PHE B 188 -21.56 -20.03 44.47
C PHE B 188 -22.78 -19.48 45.16
N ASP B 189 -22.97 -18.17 45.18
CA ASP B 189 -24.28 -17.69 45.58
C ASP B 189 -25.25 -17.93 44.45
N GLU B 190 -26.48 -17.50 44.64
CA GLU B 190 -27.52 -17.89 43.73
C GLU B 190 -27.43 -17.10 42.42
N GLN B 191 -26.94 -15.86 42.47
CA GLN B 191 -26.65 -15.15 41.23
C GLN B 191 -25.56 -15.89 40.44
N TRP B 192 -24.51 -16.36 41.12
CA TRP B 192 -23.47 -17.15 40.48
C TRP B 192 -24.07 -18.34 39.75
N TRP B 193 -25.03 -19.04 40.41
CA TRP B 193 -25.64 -20.22 39.81
C TRP B 193 -26.52 -19.86 38.61
N LYS B 194 -27.21 -18.69 38.60
CA LYS B 194 -27.95 -18.30 37.39
C LYS B 194 -27.02 -18.07 36.25
N LEU B 195 -25.98 -17.29 36.52
CA LEU B 195 -25.07 -16.92 35.46
C LEU B 195 -24.35 -18.15 34.95
N THR B 196 -24.11 -19.13 35.82
CA THR B 196 -23.42 -20.35 35.42
C THR B 196 -24.30 -21.24 34.58
N ARG B 197 -25.57 -21.39 34.95
CA ARG B 197 -26.55 -22.08 34.09
C ARG B 197 -26.63 -21.39 32.73
N ALA B 198 -26.66 -20.05 32.71
CA ALA B 198 -26.75 -19.31 31.46
C ALA B 198 -25.52 -19.56 30.58
N CYS B 199 -24.34 -19.63 31.20
CA CYS B 199 -23.13 -19.91 30.47
C CYS B 199 -23.12 -21.31 29.87
N MET B 200 -23.46 -22.31 30.67
CA MET B 200 -23.37 -23.70 30.19
C MET B 200 -24.43 -23.97 29.14
N LYS B 201 -25.57 -23.29 29.25
CA LYS B 201 -26.59 -23.39 28.21
C LYS B 201 -26.10 -22.74 26.93
N ASN B 202 -25.50 -21.56 27.03
CA ASN B 202 -24.86 -20.94 25.87
C ASN B 202 -23.90 -21.89 25.18
N LEU B 203 -22.98 -22.47 25.97
CA LEU B 203 -21.99 -23.39 25.43
C LEU B 203 -22.63 -24.53 24.67
N ILE B 204 -23.61 -25.21 25.27
CA ILE B 204 -24.15 -26.39 24.58
C ILE B 204 -24.96 -25.95 23.36
N GLU B 205 -25.58 -24.78 23.40
CA GLU B 205 -26.24 -24.25 22.21
C GLU B 205 -25.27 -23.77 21.13
N HIS B 206 -23.99 -23.69 21.42
CA HIS B 206 -23.01 -23.36 20.39
C HIS B 206 -22.11 -24.55 20.05
N GLY B 207 -22.49 -25.77 20.45
CA GLY B 207 -21.76 -26.93 19.99
C GLY B 207 -20.77 -27.54 20.97
N ASN B 208 -20.64 -26.97 22.16
CA ASN B 208 -19.76 -27.44 23.21
C ASN B 208 -20.47 -28.56 23.97
N ASP B 209 -20.08 -29.82 23.83
CA ASP B 209 -20.85 -30.87 24.48
C ASP B 209 -20.16 -31.46 25.71
N VAL B 210 -19.13 -30.80 26.24
CA VAL B 210 -18.42 -31.27 27.43
C VAL B 210 -18.44 -30.18 28.49
N ALA B 211 -18.89 -30.53 29.70
CA ALA B 211 -19.03 -29.59 30.78
C ALA B 211 -17.82 -29.67 31.71
N PHE B 212 -17.03 -28.61 31.76
CA PHE B 212 -15.88 -28.52 32.64
C PHE B 212 -16.30 -28.29 34.09
N ILE B 213 -15.68 -29.05 35.00
CA ILE B 213 -15.87 -28.94 36.44
C ILE B 213 -14.56 -28.45 37.02
N GLN B 214 -14.45 -27.23 37.56
CA GLN B 214 -13.17 -26.97 38.21
C GLN B 214 -13.30 -27.29 39.70
N ASN B 215 -13.17 -28.58 39.98
CA ASN B 215 -13.12 -29.04 41.37
C ASN B 215 -11.93 -28.46 42.13
N PHE B 216 -10.76 -28.40 41.51
CA PHE B 216 -9.63 -27.63 42.03
C PHE B 216 -9.48 -26.37 41.20
N PHE B 217 -9.24 -25.26 41.86
CA PHE B 217 -9.00 -24.00 41.16
C PHE B 217 -7.70 -24.10 40.36
N GLU B 218 -7.79 -23.69 39.08
CA GLU B 218 -6.77 -24.03 38.08
C GLU B 218 -5.53 -23.15 38.10
N LEU B 219 -5.62 -21.90 38.56
CA LEU B 219 -4.52 -20.96 38.43
C LEU B 219 -3.39 -21.24 39.42
N ARG B 220 -2.17 -20.89 39.01
CA ARG B 220 -1.05 -20.88 39.96
C ARG B 220 -1.26 -19.82 41.04
N ALA B 221 -1.71 -18.63 40.64
CA ALA B 221 -1.88 -17.54 41.58
C ALA B 221 -2.84 -17.89 42.70
N VAL B 222 -2.53 -17.40 43.89
CA VAL B 222 -3.36 -17.65 45.05
C VAL B 222 -4.45 -16.60 45.10
N PHE B 223 -5.70 -17.07 45.18
CA PHE B 223 -6.85 -16.21 45.35
C PHE B 223 -7.37 -16.26 46.79
N LYS B 224 -7.99 -15.16 47.20
CA LYS B 224 -8.78 -15.15 48.43
C LYS B 224 -10.12 -15.85 48.25
N GLU B 225 -10.82 -15.62 47.12
CA GLU B 225 -12.04 -16.34 46.76
C GLU B 225 -11.83 -17.14 45.48
N PRO B 226 -11.21 -18.32 45.61
CA PRO B 226 -11.03 -19.19 44.46
C PRO B 226 -12.32 -19.92 44.08
N CYS B 227 -12.34 -20.32 42.80
CA CYS B 227 -13.38 -21.20 42.29
C CYS B 227 -12.85 -22.62 42.44
N GLN B 228 -13.02 -23.15 43.64
CA GLN B 228 -12.75 -24.56 43.91
C GLN B 228 -14.11 -25.22 44.20
N MET B 229 -14.68 -25.92 43.21
CA MET B 229 -16.05 -26.40 43.37
C MET B 229 -16.14 -27.56 44.36
N LEU B 230 -15.06 -28.30 44.57
CA LEU B 230 -15.02 -29.29 45.63
C LEU B 230 -14.80 -28.60 46.97
N ILE B 231 -15.63 -28.96 47.96
CA ILE B 231 -15.47 -28.44 49.32
C ILE B 231 -14.53 -29.39 50.07
N VAL B 232 -13.42 -28.87 50.60
CA VAL B 232 -12.43 -29.66 51.32
C VAL B 232 -12.26 -29.07 52.70
N ARG B 233 -12.32 -29.90 53.73
CA ARG B 233 -12.05 -29.43 55.08
C ARG B 233 -11.07 -30.39 55.75
N GLU B 234 -10.26 -29.85 56.67
CA GLU B 234 -9.15 -30.59 57.27
C GLU B 234 -9.27 -30.57 58.80
N PRO B 235 -10.13 -31.41 59.38
CA PRO B 235 -10.36 -31.31 60.83
C PRO B 235 -9.11 -31.57 61.67
N SER B 236 -8.31 -32.57 61.33
CA SER B 236 -7.04 -32.80 62.00
C SER B 236 -5.91 -32.85 60.97
N PRO B 237 -4.66 -32.60 61.41
CA PRO B 237 -3.53 -32.62 60.47
C PRO B 237 -3.51 -33.88 59.60
N GLY B 238 -3.54 -33.65 58.29
CA GLY B 238 -3.39 -34.68 57.28
C GLY B 238 -4.59 -35.55 57.03
N LYS B 239 -5.73 -35.31 57.69
CA LYS B 239 -6.95 -36.06 57.43
C LYS B 239 -8.00 -35.10 56.88
N TYR B 240 -8.44 -35.39 55.65
CA TYR B 240 -9.26 -34.50 54.85
C TYR B 240 -10.63 -35.12 54.72
N GLU B 241 -11.65 -34.27 54.66
CA GLU B 241 -12.98 -34.74 54.29
C GLU B 241 -13.54 -33.85 53.19
N PHE B 242 -14.39 -34.46 52.37
CA PHE B 242 -14.80 -33.91 51.10
C PHE B 242 -16.31 -33.82 51.02
N ASP B 243 -16.81 -32.65 50.63
CA ASP B 243 -18.22 -32.40 50.37
C ASP B 243 -18.37 -32.05 48.89
N TRP B 244 -19.14 -32.88 48.17
CA TRP B 244 -19.32 -32.83 46.73
C TRP B 244 -20.59 -32.08 46.34
N SER B 245 -21.23 -31.35 47.26
CA SER B 245 -22.59 -30.88 47.00
C SER B 245 -22.65 -29.88 45.84
N ARG B 246 -21.65 -29.00 45.71
CA ARG B 246 -21.63 -28.06 44.56
C ARG B 246 -21.41 -28.78 43.24
N ILE B 247 -20.51 -29.76 43.22
CA ILE B 247 -20.29 -30.52 41.99
C ILE B 247 -21.54 -31.30 41.61
N LYS B 248 -22.25 -31.81 42.60
CA LYS B 248 -23.47 -32.55 42.29
C LYS B 248 -24.52 -31.61 41.71
N ARG B 249 -24.62 -30.38 42.24
CA ARG B 249 -25.54 -29.42 41.65
C ARG B 249 -25.14 -29.06 40.23
N PHE B 250 -23.84 -28.84 40.01
CA PHE B 250 -23.37 -28.52 38.67
C PHE B 250 -23.73 -29.63 37.68
N VAL B 251 -23.58 -30.88 38.10
CA VAL B 251 -23.85 -32.03 37.25
C VAL B 251 -25.34 -32.18 36.98
N ASP B 252 -26.17 -32.05 38.02
CA ASP B 252 -27.61 -32.06 37.79
C ASP B 252 -27.98 -31.01 36.74
N MET B 253 -27.44 -29.79 36.89
CA MET B 253 -27.77 -28.71 35.98
C MET B 253 -27.37 -29.04 34.54
N CYS B 254 -26.11 -29.45 34.35
CA CYS B 254 -25.62 -29.71 33.01
C CYS B 254 -26.41 -30.84 32.36
N ARG B 255 -26.78 -31.86 33.12
CA ARG B 255 -27.61 -32.92 32.59
C ARG B 255 -28.99 -32.44 32.22
N GLU B 256 -29.57 -31.52 33.00
CA GLU B 256 -30.86 -30.95 32.60
C GLU B 256 -30.77 -30.21 31.29
N LEU B 257 -29.61 -29.55 30.99
CA LEU B 257 -29.37 -28.77 29.78
C LEU B 257 -29.02 -29.63 28.60
N GLY B 258 -28.65 -30.89 28.82
CA GLY B 258 -28.31 -31.81 27.73
C GLY B 258 -26.93 -32.41 27.78
N TYR B 259 -26.04 -32.07 28.73
CA TYR B 259 -24.70 -32.62 28.64
C TYR B 259 -24.62 -34.07 29.09
N LYS B 260 -23.67 -34.80 28.51
CA LYS B 260 -23.45 -36.20 28.89
C LYS B 260 -22.00 -36.37 29.28
N LYS B 261 -21.13 -35.55 28.73
CA LYS B 261 -19.72 -35.66 29.02
C LYS B 261 -19.28 -34.57 30.01
N PHE B 262 -18.38 -34.92 30.91
CA PHE B 262 -17.80 -33.92 31.78
C PHE B 262 -16.29 -34.05 31.76
N GLU B 263 -15.64 -32.99 32.25
CA GLU B 263 -14.20 -32.84 32.22
C GLU B 263 -13.78 -32.30 33.57
N TRP B 264 -12.70 -32.85 34.11
CA TRP B 264 -12.26 -32.55 35.46
C TRP B 264 -10.98 -31.73 35.46
N ALA B 265 -10.76 -31.04 36.58
CA ALA B 265 -9.62 -30.16 36.68
C ALA B 265 -8.30 -30.93 36.77
N HIS B 266 -7.22 -30.20 36.57
CA HIS B 266 -5.89 -30.81 36.65
C HIS B 266 -5.55 -31.23 38.08
N LEU B 267 -4.70 -32.26 38.15
CA LEU B 267 -4.18 -32.77 39.40
C LEU B 267 -2.78 -32.27 39.73
N TRP B 268 -2.04 -31.68 38.77
CA TRP B 268 -0.73 -31.11 39.06
C TRP B 268 -0.61 -29.75 38.39
N LEU B 269 0.14 -28.89 39.05
CA LEU B 269 0.19 -27.49 38.66
C LEU B 269 1.20 -27.29 37.53
N TYR B 270 0.83 -26.42 36.60
CA TYR B 270 1.22 -26.38 35.20
C TYR B 270 2.61 -25.78 34.96
N TRP B 271 3.27 -25.27 36.01
CA TRP B 271 4.73 -25.16 36.01
C TRP B 271 5.36 -26.53 35.75
N GLY B 272 5.53 -26.93 34.50
CA GLY B 272 5.96 -28.30 34.25
C GLY B 272 4.90 -29.27 34.76
N VAL B 273 5.33 -30.31 35.50
CA VAL B 273 4.42 -31.16 36.28
C VAL B 273 4.94 -31.30 37.70
N GLN B 274 5.55 -30.23 38.20
CA GLN B 274 6.42 -30.29 39.35
C GLN B 274 5.76 -29.86 40.65
N ASP B 275 4.66 -29.09 40.61
CA ASP B 275 4.01 -28.58 41.81
C ASP B 275 2.70 -29.27 42.10
N ALA B 276 2.32 -29.29 43.36
CA ALA B 276 0.99 -29.76 43.72
C ALA B 276 -0.01 -28.63 43.50
N MET B 277 -1.28 -29.01 43.29
CA MET B 277 -2.33 -28.03 43.10
C MET B 277 -2.55 -27.23 44.38
N HIS B 278 -2.99 -25.98 44.22
CA HIS B 278 -3.46 -25.15 45.32
C HIS B 278 -4.86 -25.61 45.71
N VAL B 279 -5.02 -26.14 46.92
CA VAL B 279 -6.30 -26.60 47.43
C VAL B 279 -6.60 -25.83 48.69
N TYR B 280 -7.82 -25.32 48.80
CA TYR B 280 -8.11 -24.42 49.90
C TYR B 280 -9.19 -25.00 50.79
N LYS B 281 -9.29 -24.46 52.00
CA LYS B 281 -10.33 -24.79 52.96
C LYS B 281 -10.94 -23.50 53.47
N LYS B 282 -12.25 -23.51 53.73
CA LYS B 282 -12.92 -22.29 54.15
C LYS B 282 -12.36 -21.83 55.50
N GLU B 283 -12.39 -20.52 55.73
CA GLU B 283 -11.95 -19.90 56.98
C GLU B 283 -12.42 -18.46 56.97
N GLY B 284 -13.14 -18.08 58.01
CA GLY B 284 -13.78 -16.78 58.01
C GLY B 284 -14.56 -16.56 56.73
N ASN B 285 -14.35 -15.39 56.12
CA ASN B 285 -15.13 -14.96 54.97
C ASN B 285 -14.64 -15.56 53.66
N ALA B 286 -13.46 -16.14 53.66
CA ALA B 286 -12.85 -16.58 52.40
C ALA B 286 -12.02 -17.83 52.71
N TYR B 287 -11.14 -18.21 51.80
CA TYR B 287 -10.54 -19.52 51.87
C TYR B 287 -9.05 -19.37 52.12
N LYS B 288 -8.42 -20.44 52.61
CA LYS B 288 -7.01 -20.41 52.92
C LYS B 288 -6.36 -21.73 52.50
N LEU B 289 -5.12 -21.65 52.04
CA LEU B 289 -4.47 -22.84 51.52
C LEU B 289 -4.30 -23.93 52.58
N LEU B 290 -4.37 -25.20 52.13
CA LEU B 290 -4.09 -26.34 52.99
C LEU B 290 -2.62 -26.56 53.23
N TRP B 291 -1.77 -26.05 52.37
CA TRP B 291 -0.35 -26.30 52.46
C TRP B 291 0.38 -25.20 51.68
N ALA B 292 1.70 -25.29 51.63
CA ALA B 292 2.56 -24.24 51.10
C ALA B 292 2.38 -24.05 49.59
N GLU B 293 2.48 -22.79 49.15
CA GLU B 293 2.31 -22.46 47.73
C GLU B 293 3.23 -23.28 46.84
N ASN B 294 4.43 -23.57 47.33
CA ASN B 294 5.50 -24.18 46.55
C ASN B 294 5.61 -25.68 46.77
N LEU B 295 4.64 -26.29 47.47
CA LEU B 295 4.63 -27.73 47.71
C LEU B 295 4.81 -28.52 46.43
N SER B 296 5.65 -29.56 46.48
CA SER B 296 6.01 -30.30 45.29
C SER B 296 4.96 -31.36 44.93
N GLY B 297 4.92 -31.69 43.63
CA GLY B 297 4.03 -32.72 43.15
C GLY B 297 4.26 -34.06 43.80
N THR B 298 5.51 -34.35 44.21
CA THR B 298 5.83 -35.63 44.81
C THR B 298 5.94 -35.57 46.32
N SER B 299 5.61 -34.44 46.93
CA SER B 299 5.55 -34.32 48.39
C SER B 299 4.98 -35.51 49.12
N ASP B 300 5.40 -35.71 50.38
CA ASP B 300 4.66 -36.65 51.21
C ASP B 300 3.25 -36.14 51.45
N THR B 301 3.12 -34.84 51.72
CA THR B 301 1.81 -34.26 52.03
C THR B 301 0.84 -34.42 50.88
N TYR B 302 1.24 -34.05 49.68
CA TYR B 302 0.26 -34.09 48.59
C TYR B 302 -0.09 -35.53 48.24
N ILE B 303 0.87 -36.46 48.34
CA ILE B 303 0.52 -37.83 48.04
C ILE B 303 -0.38 -38.41 49.10
N HIS B 304 -0.19 -38.00 50.36
CA HIS B 304 -1.10 -38.43 51.42
C HIS B 304 -2.49 -37.88 51.20
N PHE B 305 -2.61 -36.68 50.64
CA PHE B 305 -3.94 -36.19 50.32
C PHE B 305 -4.51 -36.90 49.12
N LEU B 306 -3.70 -37.21 48.11
CA LEU B 306 -4.23 -37.93 46.96
C LEU B 306 -4.70 -39.33 47.37
N LYS B 307 -3.99 -39.95 48.33
CA LYS B 307 -4.42 -41.25 48.84
C LYS B 307 -5.85 -41.21 49.37
N GLN B 308 -6.28 -40.07 49.93
CA GLN B 308 -7.64 -39.93 50.46
C GLN B 308 -8.63 -39.38 49.41
N TYR B 309 -8.18 -38.43 48.58
CA TYR B 309 -9.05 -37.78 47.60
C TYR B 309 -9.43 -38.73 46.46
N LEU B 310 -8.49 -39.47 45.88
CA LEU B 310 -8.82 -40.25 44.70
C LEU B 310 -9.86 -41.34 44.96
N PRO B 311 -9.83 -42.08 46.05
CA PRO B 311 -10.90 -43.06 46.28
C PRO B 311 -12.26 -42.42 46.50
N GLN B 312 -12.26 -41.22 47.10
CA GLN B 312 -13.49 -40.44 47.24
C GLN B 312 -14.00 -40.02 45.87
N LEU B 313 -13.10 -39.60 44.98
CA LEU B 313 -13.49 -39.29 43.61
C LEU B 313 -14.12 -40.50 42.94
N HIS B 314 -13.51 -41.67 43.10
CA HIS B 314 -14.07 -42.85 42.47
C HIS B 314 -15.48 -43.12 43.00
N ARG B 315 -15.67 -42.99 44.32
CA ARG B 315 -17.00 -43.21 44.90
C ARG B 315 -18.02 -42.22 44.37
N PHE B 316 -17.63 -40.96 44.24
CA PHE B 316 -18.55 -39.98 43.70
C PHE B 316 -18.94 -40.35 42.28
N LEU B 317 -17.95 -40.72 41.47
CA LEU B 317 -18.20 -41.06 40.08
C LEU B 317 -19.13 -42.26 39.96
N LEU B 318 -18.96 -43.26 40.83
CA LEU B 318 -19.89 -44.39 40.86
C LEU B 318 -21.30 -43.93 41.21
N LYS B 319 -21.41 -43.17 42.29
CA LYS B 319 -22.72 -42.79 42.79
C LYS B 319 -23.51 -42.03 41.75
N GLU B 320 -22.83 -41.16 41.00
CA GLU B 320 -23.50 -40.27 40.06
C GLU B 320 -23.45 -40.78 38.63
N ASN B 321 -22.95 -41.99 38.39
CA ASN B 321 -22.95 -42.60 37.05
C ASN B 321 -22.16 -41.71 36.08
N LEU B 322 -20.90 -41.46 36.44
CA LEU B 322 -20.04 -40.52 35.72
C LEU B 322 -18.70 -41.05 35.23
N LEU B 323 -18.29 -42.28 35.56
CA LEU B 323 -16.98 -42.80 35.17
C LEU B 323 -16.79 -42.89 33.66
N SER B 324 -17.67 -43.61 32.97
CA SER B 324 -17.51 -43.71 31.53
C SER B 324 -17.75 -42.37 30.81
N ASP B 325 -18.28 -41.37 31.50
CA ASP B 325 -18.62 -40.11 30.85
C ASP B 325 -17.73 -38.95 31.28
N SER B 326 -16.55 -39.23 31.84
CA SER B 326 -15.67 -38.20 32.37
C SER B 326 -14.27 -38.26 31.74
N TYR B 327 -13.72 -37.09 31.48
CA TYR B 327 -12.36 -36.92 31.00
C TYR B 327 -11.52 -36.40 32.14
N PHE B 328 -10.30 -36.87 32.26
CA PHE B 328 -9.45 -36.49 33.40
C PHE B 328 -8.13 -35.92 32.91
N HIS B 329 -7.61 -34.96 33.64
CA HIS B 329 -6.37 -34.29 33.26
C HIS B 329 -5.33 -34.49 34.36
N LEU B 330 -4.07 -34.59 33.94
CA LEU B 330 -2.95 -34.66 34.87
C LEU B 330 -2.28 -33.31 34.93
N SER B 331 -1.49 -32.97 33.91
CA SER B 331 -0.87 -31.66 33.85
C SER B 331 -0.51 -31.33 32.41
N ASP B 332 -0.29 -30.05 32.15
CA ASP B 332 -0.04 -29.55 30.81
C ASP B 332 1.44 -29.47 30.46
N GLU B 333 1.71 -29.66 29.16
CA GLU B 333 2.94 -29.42 28.42
C GLU B 333 4.23 -29.54 29.23
N PRO B 334 4.68 -30.76 29.53
CA PRO B 334 6.06 -30.94 30.01
C PRO B 334 7.01 -30.95 28.83
N TRP B 335 8.04 -30.11 28.86
CA TRP B 335 9.05 -30.18 27.81
C TRP B 335 9.76 -31.53 27.91
N SER B 336 10.77 -31.78 27.06
CA SER B 336 11.55 -33.02 27.16
C SER B 336 12.14 -33.21 28.56
N GLU B 337 12.83 -32.19 29.07
CA GLU B 337 13.42 -32.25 30.40
C GLU B 337 12.40 -32.57 31.49
N HIS B 338 11.23 -31.92 31.44
CA HIS B 338 10.18 -32.17 32.42
C HIS B 338 9.65 -33.60 32.34
N VAL B 339 9.97 -34.35 31.29
CA VAL B 339 9.24 -35.60 31.01
C VAL B 339 9.19 -36.48 32.26
N GLU B 340 10.32 -36.62 32.95
CA GLU B 340 10.34 -37.53 34.10
C GLU B 340 9.43 -37.04 35.22
N ASN B 341 9.38 -35.72 35.45
CA ASN B 341 8.32 -35.16 36.29
C ASN B 341 7.01 -35.87 35.98
N TYR B 342 6.52 -35.69 34.75
CA TYR B 342 5.20 -36.22 34.39
C TYR B 342 5.18 -37.74 34.51
N LYS B 343 6.26 -38.43 34.13
CA LYS B 343 6.26 -39.87 34.27
C LYS B 343 5.97 -40.25 35.72
N LYS B 344 6.69 -39.65 36.68
CA LYS B 344 6.49 -40.04 38.07
C LYS B 344 5.04 -39.79 38.46
N ALA B 345 4.53 -38.59 38.13
CA ALA B 345 3.14 -38.30 38.46
C ALA B 345 2.21 -39.33 37.83
N ARG B 346 2.44 -39.66 36.56
CA ARG B 346 1.54 -40.60 35.93
C ARG B 346 1.55 -41.92 36.68
N ASN B 347 2.74 -42.41 37.05
CA ASN B 347 2.79 -43.70 37.72
C ASN B 347 2.08 -43.61 39.05
N ILE B 348 2.20 -42.47 39.74
CA ILE B 348 1.48 -42.29 40.99
C ILE B 348 -0.01 -42.51 40.78
N LEU B 349 -0.56 -41.87 39.74
CA LEU B 349 -1.97 -42.10 39.41
C LEU B 349 -2.23 -43.58 39.16
N ARG B 350 -1.36 -44.25 38.38
CA ARG B 350 -1.57 -45.68 38.14
C ARG B 350 -1.63 -46.42 39.46
N GLN B 351 -0.79 -46.00 40.43
CA GLN B 351 -0.76 -46.67 41.72
C GLN B 351 -2.00 -46.36 42.55
N LEU B 352 -2.49 -45.13 42.47
CA LEU B 352 -3.57 -44.71 43.34
C LEU B 352 -4.94 -44.74 42.68
N ALA B 353 -5.01 -44.76 41.36
CA ALA B 353 -6.27 -44.70 40.63
C ALA B 353 -6.08 -45.40 39.30
N PRO B 354 -5.75 -46.69 39.32
CA PRO B 354 -5.52 -47.40 38.06
C PRO B 354 -6.72 -47.36 37.12
N TRP B 355 -7.91 -47.06 37.64
CA TRP B 355 -9.09 -46.86 36.79
C TRP B 355 -9.03 -45.61 35.92
N MET B 356 -8.17 -44.64 36.26
CA MET B 356 -8.27 -43.32 35.66
C MET B 356 -7.38 -43.22 34.43
N LYS B 357 -8.00 -42.95 33.29
CA LYS B 357 -7.28 -42.63 32.07
C LYS B 357 -7.26 -41.12 31.95
N VAL B 358 -6.15 -40.61 31.43
CA VAL B 358 -5.83 -39.19 31.44
C VAL B 358 -5.74 -38.69 30.01
N MET B 359 -6.03 -37.40 29.83
CA MET B 359 -5.77 -36.70 28.59
C MET B 359 -5.17 -35.34 28.91
N ASP B 360 -4.12 -34.98 28.17
CA ASP B 360 -3.38 -33.77 28.43
C ASP B 360 -2.65 -33.29 27.19
N ALA B 361 -2.44 -31.98 27.16
CA ALA B 361 -1.60 -31.35 26.16
C ALA B 361 -0.20 -31.91 26.17
N LEU B 362 0.11 -32.82 25.26
CA LEU B 362 1.48 -33.22 24.97
C LEU B 362 1.71 -32.95 23.49
N SER B 363 2.42 -31.87 23.18
CA SER B 363 2.67 -31.50 21.80
C SER B 363 3.94 -32.13 21.25
N ASP B 364 4.83 -32.61 22.12
CA ASP B 364 6.03 -33.32 21.71
C ASP B 364 5.60 -34.75 21.37
N VAL B 365 5.70 -35.12 20.08
CA VAL B 365 5.16 -36.40 19.63
C VAL B 365 6.01 -37.58 20.12
N ARG B 366 7.33 -37.38 20.24
CA ARG B 366 8.23 -38.40 20.76
C ARG B 366 7.98 -38.73 22.23
N TYR B 367 7.26 -37.87 22.96
CA TYR B 367 6.86 -38.14 24.34
C TYR B 367 5.33 -38.23 24.49
N GLY B 368 4.62 -38.52 23.39
CA GLY B 368 3.23 -38.94 23.41
C GLY B 368 3.09 -40.27 22.71
N ARG B 369 4.10 -40.56 21.87
CA ARG B 369 4.37 -41.92 21.39
C ARG B 369 4.80 -42.86 22.52
N GLU B 370 5.54 -42.34 23.53
CA GLU B 370 6.02 -43.11 24.68
C GLU B 370 4.91 -43.49 25.69
N GLN B 371 3.63 -43.17 25.42
CA GLN B 371 2.47 -43.49 26.29
C GLN B 371 2.34 -42.61 27.53
N LEU B 372 3.09 -41.52 27.68
CA LEU B 372 3.01 -40.72 28.90
C LEU B 372 1.55 -40.49 29.30
N THR B 373 0.74 -40.00 28.36
CA THR B 373 -0.69 -39.80 28.54
C THR B 373 -1.47 -40.89 27.81
N ASP B 374 -2.78 -40.97 28.06
CA ASP B 374 -3.64 -41.98 27.46
C ASP B 374 -4.32 -41.49 26.19
N ILE B 375 -4.77 -40.23 26.19
CA ILE B 375 -5.33 -39.58 25.02
C ILE B 375 -4.64 -38.22 24.87
N PRO B 376 -3.74 -38.03 23.92
CA PRO B 376 -3.00 -36.77 23.89
C PRO B 376 -3.79 -35.66 23.19
N ILE B 377 -3.40 -34.42 23.55
CA ILE B 377 -3.99 -33.22 22.97
C ILE B 377 -2.88 -32.34 22.41
N PRO B 378 -2.32 -32.63 21.25
CA PRO B 378 -1.36 -31.71 20.68
C PRO B 378 -2.01 -30.37 20.32
N ILE B 379 -1.19 -29.33 20.41
CA ILE B 379 -1.54 -28.05 19.81
C ILE B 379 -1.59 -28.30 18.29
N ILE B 380 -2.36 -27.48 17.57
CA ILE B 380 -2.61 -27.81 16.15
C ILE B 380 -1.32 -27.88 15.35
N SER B 381 -0.30 -27.10 15.70
CA SER B 381 0.92 -27.10 14.88
C SER B 381 1.72 -28.38 14.99
N SER B 382 1.41 -29.25 15.96
CA SER B 382 2.00 -30.59 16.08
C SER B 382 1.07 -31.69 15.58
N ASP B 383 -0.16 -31.32 15.22
CA ASP B 383 -1.10 -32.28 14.65
C ASP B 383 -0.46 -33.15 13.56
N GLU B 384 0.24 -32.51 12.59
CA GLU B 384 0.78 -33.29 11.48
C GLU B 384 1.58 -34.48 11.99
N ALA B 385 2.48 -34.24 12.95
CA ALA B 385 3.32 -35.33 13.43
C ALA B 385 2.46 -36.43 14.05
N TYR B 386 1.52 -36.05 14.90
CA TYR B 386 0.68 -37.06 15.52
C TYR B 386 -0.11 -37.85 14.47
N ARG B 387 -0.43 -37.24 13.31
CA ARG B 387 -1.12 -38.02 12.29
C ARG B 387 -0.17 -38.96 11.53
N LYS B 388 1.11 -38.62 11.40
CA LYS B 388 2.01 -39.49 10.66
C LYS B 388 2.37 -40.72 11.49
N GLU B 389 2.43 -40.59 12.83
CA GLU B 389 2.47 -41.71 13.77
C GLU B 389 1.15 -42.50 13.81
N GLN B 390 0.12 -42.00 13.12
CA GLN B 390 -1.28 -42.36 13.34
C GLN B 390 -1.63 -42.70 14.79
N ILE B 391 -1.44 -41.70 15.65
CA ILE B 391 -1.85 -41.68 17.04
C ILE B 391 -3.17 -40.90 17.13
N PRO B 392 -4.24 -41.49 17.66
CA PRO B 392 -5.49 -40.72 17.80
C PRO B 392 -5.37 -39.62 18.85
N HIS B 393 -5.97 -38.46 18.57
CA HIS B 393 -5.68 -37.30 19.40
C HIS B 393 -6.76 -36.26 19.27
N TRP B 394 -6.84 -35.43 20.32
CA TRP B 394 -7.52 -34.14 20.34
C TRP B 394 -6.54 -33.06 19.87
N VAL B 395 -7.07 -31.87 19.62
CA VAL B 395 -6.26 -30.73 19.19
C VAL B 395 -6.69 -29.51 19.98
N TYR B 396 -5.75 -28.58 20.20
CA TYR B 396 -6.15 -27.32 20.80
C TYR B 396 -5.40 -26.19 20.15
N PHE B 397 -5.78 -24.95 20.51
CA PHE B 397 -5.05 -23.76 20.11
C PHE B 397 -5.40 -22.71 21.16
N CYS B 398 -4.58 -21.68 21.21
CA CYS B 398 -4.62 -20.64 22.25
C CYS B 398 -4.13 -19.30 21.67
N THR B 399 -3.32 -18.53 22.41
CA THR B 399 -2.72 -17.34 21.79
C THR B 399 -1.98 -17.67 20.53
N GLY B 400 -1.47 -18.90 20.44
CA GLY B 400 -0.82 -19.40 19.25
C GLY B 400 -1.30 -20.78 18.90
N PRO B 401 -0.81 -21.27 17.77
CA PRO B 401 0.11 -20.56 16.88
C PRO B 401 -0.62 -19.50 16.08
N ARG B 402 0.13 -18.74 15.27
CA ARG B 402 -0.51 -17.70 14.49
C ARG B 402 -0.11 -17.72 13.02
N ASN B 403 0.09 -16.53 12.45
CA ASN B 403 0.27 -16.38 11.02
C ASN B 403 -0.70 -17.30 10.26
N LYS B 404 -0.17 -18.21 9.41
CA LYS B 404 -1.02 -19.05 8.56
C LYS B 404 -1.95 -19.98 9.36
N TRP B 405 -1.69 -20.19 10.64
CA TRP B 405 -2.40 -21.23 11.38
C TRP B 405 -3.84 -20.81 11.71
N LEU B 406 -4.72 -21.81 11.77
CA LEU B 406 -6.09 -21.60 12.24
C LEU B 406 -6.10 -20.92 13.61
N ASN B 407 -7.07 -20.06 13.84
CA ASN B 407 -7.23 -19.46 15.17
C ASN B 407 -8.53 -18.66 15.19
N ARG B 408 -8.78 -17.97 16.30
CA ARG B 408 -10.05 -17.38 16.60
C ARG B 408 -9.90 -15.97 17.14
N LEU B 409 -8.96 -15.20 16.58
CA LEU B 409 -8.56 -13.97 17.23
C LEU B 409 -9.41 -12.81 16.70
N TYR B 410 -9.28 -11.65 17.37
CA TYR B 410 -9.99 -10.45 16.90
C TYR B 410 -9.69 -10.12 15.45
N ASP B 411 -8.46 -10.40 14.99
CA ASP B 411 -8.02 -10.08 13.63
C ASP B 411 -7.82 -11.35 12.79
N THR B 412 -8.45 -12.46 13.20
CA THR B 412 -8.53 -13.67 12.39
C THR B 412 -9.72 -13.55 11.43
N PRO B 413 -9.52 -13.67 10.12
CA PRO B 413 -10.65 -13.53 9.18
C PRO B 413 -11.75 -14.57 9.38
N LEU B 414 -12.97 -14.14 9.19
CA LEU B 414 -14.04 -15.04 9.58
C LEU B 414 -14.07 -16.30 8.74
N PRO B 415 -13.79 -16.27 7.42
CA PRO B 415 -13.80 -17.54 6.66
C PRO B 415 -12.74 -18.52 7.12
N LYS B 416 -11.58 -18.01 7.49
CA LYS B 416 -10.55 -18.85 8.08
C LYS B 416 -11.09 -19.56 9.34
N LEU B 417 -11.71 -18.81 10.25
CA LEU B 417 -12.31 -19.39 11.44
C LEU B 417 -13.38 -20.40 11.07
N ARG B 418 -14.18 -20.09 10.06
CA ARG B 418 -15.25 -20.99 9.61
C ARG B 418 -14.69 -22.32 9.12
N MET B 419 -13.45 -22.35 8.67
CA MET B 419 -12.92 -23.65 8.32
C MET B 419 -12.66 -24.56 9.55
N SER B 420 -12.87 -24.13 10.79
CA SER B 420 -12.46 -24.95 11.94
C SER B 420 -13.02 -26.36 11.88
N GLY B 421 -14.35 -26.49 11.73
CA GLY B 421 -14.98 -27.81 11.78
C GLY B 421 -14.67 -28.68 10.56
N TRP B 422 -14.49 -28.04 9.40
CA TRP B 422 -14.02 -28.76 8.23
C TRP B 422 -12.66 -29.39 8.50
N LEU B 423 -11.77 -28.65 9.15
CA LEU B 423 -10.44 -29.20 9.43
C LEU B 423 -10.52 -30.29 10.50
N PHE B 424 -11.24 -30.05 11.60
CA PHE B 424 -11.45 -31.10 12.61
C PHE B 424 -11.95 -32.36 11.91
N TYR B 425 -12.89 -32.21 10.98
CA TYR B 425 -13.48 -33.38 10.35
C TYR B 425 -12.48 -34.08 9.47
N LYS B 426 -11.86 -33.32 8.57
CA LYS B 426 -10.98 -33.94 7.59
C LYS B 426 -9.73 -34.50 8.26
N LEU B 427 -9.15 -33.79 9.22
CA LEU B 427 -7.95 -34.28 9.89
C LEU B 427 -8.27 -35.18 11.09
N LYS B 428 -9.55 -35.54 11.25
CA LYS B 428 -10.02 -36.61 12.12
C LYS B 428 -9.65 -36.36 13.59
N ALA B 429 -9.72 -35.14 14.04
CA ALA B 429 -9.53 -34.95 15.46
C ALA B 429 -10.62 -35.67 16.23
N LEU B 430 -10.24 -36.18 17.39
CA LEU B 430 -11.20 -36.69 18.34
C LEU B 430 -11.99 -35.59 19.03
N GLY B 431 -11.45 -34.39 19.10
CA GLY B 431 -12.11 -33.32 19.83
C GLY B 431 -11.23 -32.09 19.92
N PHE B 432 -11.83 -31.03 20.43
CA PHE B 432 -11.18 -29.72 20.48
C PHE B 432 -11.39 -29.12 21.86
N LEU B 433 -10.32 -28.54 22.40
CA LEU B 433 -10.25 -27.96 23.73
C LEU B 433 -9.79 -26.51 23.60
N HIS B 434 -10.36 -25.60 24.40
CA HIS B 434 -9.91 -24.21 24.39
C HIS B 434 -10.01 -23.62 25.80
N TRP B 435 -9.07 -22.75 26.15
CA TRP B 435 -8.97 -22.27 27.53
C TRP B 435 -9.82 -21.04 27.79
N GLY B 436 -10.27 -20.37 26.74
CA GLY B 436 -10.78 -19.00 26.83
C GLY B 436 -12.19 -18.78 26.31
N TYR B 437 -13.17 -19.26 27.08
CA TYR B 437 -14.57 -18.95 26.82
C TYR B 437 -14.95 -17.60 27.44
N ASN B 438 -14.73 -17.43 28.73
CA ASN B 438 -15.11 -16.21 29.39
C ASN B 438 -14.04 -15.75 30.37
N PHE B 439 -12.77 -15.74 29.94
CA PHE B 439 -11.71 -15.28 30.84
C PHE B 439 -11.60 -13.78 30.64
N TRP B 440 -12.48 -13.12 31.41
CA TRP B 440 -12.88 -11.73 31.32
C TRP B 440 -12.04 -10.82 32.19
N TYR B 441 -11.18 -11.37 33.04
CA TYR B 441 -10.50 -10.56 34.04
C TYR B 441 -9.01 -10.44 33.73
N THR B 442 -8.27 -9.86 34.67
CA THR B 442 -6.85 -9.60 34.49
C THR B 442 -6.04 -10.88 34.61
N LEU B 443 -5.16 -11.13 33.64
CA LEU B 443 -4.44 -12.40 33.59
C LEU B 443 -3.65 -12.64 34.88
N ASP B 444 -3.87 -13.82 35.47
CA ASP B 444 -3.14 -14.34 36.65
C ASP B 444 -3.29 -13.46 37.90
N LYS B 445 -4.41 -12.76 38.04
CA LYS B 445 -4.64 -11.88 39.18
C LYS B 445 -6.11 -11.84 39.55
N GLU B 446 -6.38 -11.75 40.85
CA GLU B 446 -7.75 -11.68 41.36
C GLU B 446 -8.20 -10.22 41.31
N GLN B 447 -8.40 -9.74 40.10
CA GLN B 447 -8.70 -8.34 39.81
C GLN B 447 -9.58 -8.30 38.56
N PRO B 448 -10.81 -7.83 38.64
CA PRO B 448 -11.68 -7.88 37.44
C PRO B 448 -11.14 -7.03 36.32
N GLY B 449 -11.62 -7.33 35.11
CA GLY B 449 -11.26 -6.57 33.95
C GLY B 449 -12.44 -5.82 33.36
N ASP B 450 -12.28 -5.44 32.08
CA ASP B 450 -13.38 -4.85 31.33
C ASP B 450 -13.33 -5.44 29.93
N PRO B 451 -13.99 -6.55 29.71
CA PRO B 451 -13.95 -7.18 28.38
C PRO B 451 -14.42 -6.30 27.26
N PHE B 452 -15.18 -5.25 27.55
CA PHE B 452 -15.67 -4.39 26.48
C PHE B 452 -14.63 -3.40 25.97
N THR B 453 -13.49 -3.17 26.69
CA THR B 453 -12.41 -2.29 26.25
C THR B 453 -11.02 -2.94 26.20
N GLU B 454 -10.87 -4.14 26.74
CA GLU B 454 -9.59 -4.85 26.83
C GLU B 454 -9.84 -6.29 26.43
N GLY B 455 -9.20 -6.71 25.33
CA GLY B 455 -9.45 -8.01 24.76
C GLY B 455 -8.33 -9.02 24.91
N ALA B 456 -7.26 -8.72 25.66
CA ALA B 456 -6.16 -9.66 25.85
C ALA B 456 -5.81 -9.82 27.32
N ALA B 457 -6.78 -9.70 28.21
CA ALA B 457 -6.54 -9.93 29.63
C ALA B 457 -5.40 -9.06 30.15
N TYR B 458 -5.20 -7.91 29.50
CA TYR B 458 -4.17 -6.94 29.85
C TYR B 458 -2.77 -7.46 29.65
N ALA B 459 -2.60 -8.46 28.78
CA ALA B 459 -1.33 -9.13 28.61
C ALA B 459 -0.89 -9.13 27.14
N TYR B 460 -1.36 -8.16 26.33
CA TYR B 460 -0.86 -8.11 24.96
C TYR B 460 0.58 -7.64 24.95
N PRO B 461 1.41 -8.20 24.04
CA PRO B 461 1.02 -9.11 22.96
C PRO B 461 1.11 -10.62 23.22
N GLY B 462 1.68 -11.01 24.36
CA GLY B 462 1.73 -12.43 24.69
C GLY B 462 0.37 -13.10 24.63
N ILE B 463 -0.65 -12.45 25.19
CA ILE B 463 -2.04 -12.84 24.98
C ILE B 463 -2.58 -12.05 23.80
N ALA B 464 -3.05 -12.74 22.76
CA ALA B 464 -3.63 -12.07 21.61
C ALA B 464 -5.04 -11.61 21.89
N TYR B 465 -5.35 -10.42 21.41
CA TYR B 465 -6.72 -9.95 21.43
C TYR B 465 -7.63 -11.00 20.83
N GLY B 466 -8.64 -11.37 21.59
CA GLY B 466 -9.62 -12.36 21.17
C GLY B 466 -9.41 -13.74 21.75
N ASP B 467 -8.24 -14.01 22.33
CA ASP B 467 -7.90 -15.33 22.84
C ASP B 467 -8.58 -15.63 24.16
N PRO B 468 -8.71 -14.65 25.08
CA PRO B 468 -9.28 -14.97 26.40
C PRO B 468 -10.78 -15.25 26.43
N PHE B 469 -11.59 -14.79 25.46
CA PHE B 469 -13.05 -14.90 25.63
C PHE B 469 -13.75 -14.70 24.29
N VAL B 470 -14.78 -15.52 24.03
CA VAL B 470 -15.65 -15.39 22.86
C VAL B 470 -17.04 -14.93 23.22
N VAL B 471 -17.35 -14.75 24.50
CA VAL B 471 -18.61 -14.13 24.89
C VAL B 471 -18.29 -12.96 25.83
N TYR B 472 -19.27 -12.07 26.00
CA TYR B 472 -19.10 -10.91 26.84
C TYR B 472 -20.07 -10.97 28.02
N PRO B 473 -19.79 -10.28 29.14
CA PRO B 473 -20.72 -10.34 30.29
C PRO B 473 -21.93 -9.44 30.10
N GLY B 474 -23.11 -10.06 30.07
CA GLY B 474 -24.36 -9.37 29.99
C GLY B 474 -25.05 -9.39 31.36
N PRO B 475 -26.08 -8.55 31.53
CA PRO B 475 -26.74 -8.48 32.84
C PRO B 475 -27.28 -9.79 33.37
N ASP B 476 -27.70 -10.72 32.51
CA ASP B 476 -28.30 -11.99 32.93
C ASP B 476 -27.56 -13.21 32.40
N GLY B 477 -26.36 -13.06 31.86
CA GLY B 477 -25.69 -14.14 31.21
C GLY B 477 -24.78 -13.58 30.12
N PRO B 478 -24.28 -14.46 29.28
CA PRO B 478 -23.32 -14.06 28.24
C PRO B 478 -24.01 -13.40 27.05
N TYR B 479 -23.36 -12.37 26.50
CA TYR B 479 -23.62 -11.91 25.14
C TYR B 479 -22.77 -12.74 24.23
N ASP B 480 -23.35 -13.18 23.12
CA ASP B 480 -22.59 -13.86 22.08
C ASP B 480 -21.70 -12.84 21.38
N SER B 481 -20.77 -13.33 20.56
CA SER B 481 -20.00 -12.52 19.63
C SER B 481 -20.09 -13.09 18.21
N ILE B 482 -19.66 -12.27 17.23
CA ILE B 482 -19.58 -12.74 15.85
C ILE B 482 -18.71 -13.98 15.76
N ARG B 483 -17.54 -13.92 16.42
CA ARG B 483 -16.62 -15.04 16.39
C ARG B 483 -17.30 -16.30 16.92
N TRP B 484 -18.11 -16.15 17.97
CA TRP B 484 -18.74 -17.31 18.59
C TRP B 484 -19.78 -17.92 17.68
N GLU B 485 -20.51 -17.07 16.94
CA GLU B 485 -21.49 -17.58 16.00
C GLU B 485 -20.81 -18.23 14.81
N VAL B 486 -19.69 -17.67 14.36
CA VAL B 486 -19.03 -18.30 13.21
C VAL B 486 -18.43 -19.63 13.62
N PHE B 487 -17.77 -19.69 14.78
CA PHE B 487 -17.21 -20.95 15.27
C PHE B 487 -18.29 -22.00 15.43
N SER B 488 -19.45 -21.57 15.98
CA SER B 488 -20.55 -22.49 16.16
C SER B 488 -21.08 -23.01 14.83
N GLU B 489 -21.22 -22.13 13.86
CA GLU B 489 -21.65 -22.58 12.53
C GLU B 489 -20.58 -23.47 11.91
N SER B 490 -19.33 -23.33 12.35
CA SER B 490 -18.27 -24.19 11.87
C SER B 490 -18.46 -25.62 12.41
N LEU B 491 -18.84 -25.73 13.68
CA LEU B 491 -19.17 -27.05 14.22
C LEU B 491 -20.41 -27.64 13.55
N GLN B 492 -21.34 -26.79 13.15
CA GLN B 492 -22.46 -27.27 12.36
C GLN B 492 -22.03 -27.79 10.99
N ASP B 493 -21.05 -27.16 10.36
CA ASP B 493 -20.56 -27.70 9.08
C ASP B 493 -19.99 -29.08 9.30
N TYR B 494 -19.36 -29.30 10.45
CA TYR B 494 -18.92 -30.66 10.72
C TYR B 494 -20.09 -31.62 10.80
N ALA B 495 -21.21 -31.15 11.37
CA ALA B 495 -22.41 -31.99 11.36
C ALA B 495 -22.99 -32.16 9.94
N ILE B 496 -22.82 -31.18 9.06
CA ILE B 496 -23.29 -31.34 7.70
C ILE B 496 -22.50 -32.44 7.00
N LEU B 497 -21.18 -32.34 7.05
CA LEU B 497 -20.33 -33.38 6.46
C LEU B 497 -20.70 -34.75 7.01
N GLN B 498 -20.94 -34.83 8.31
CA GLN B 498 -21.20 -36.13 8.91
C GLN B 498 -22.56 -36.65 8.48
N SER B 499 -23.59 -35.80 8.60
CA SER B 499 -24.95 -36.23 8.30
C SER B 499 -25.12 -36.60 6.82
N ALA B 500 -24.37 -35.95 5.93
CA ALA B 500 -24.38 -36.20 4.51
C ALA B 500 -23.52 -37.37 4.07
N GLY B 501 -22.70 -37.93 4.97
CA GLY B 501 -21.90 -39.08 4.62
C GLY B 501 -20.64 -38.79 3.87
N ILE B 502 -20.16 -37.55 3.91
CA ILE B 502 -18.94 -37.22 3.19
C ILE B 502 -17.74 -37.82 3.91
N GLN B 503 -16.90 -38.47 3.18
CA GLN B 503 -15.75 -39.06 3.82
C GLN B 503 -14.58 -38.07 3.91
N PRO B 504 -13.76 -38.11 4.97
CA PRO B 504 -12.58 -37.23 5.01
C PRO B 504 -11.72 -37.33 3.79
N GLU B 505 -11.67 -38.51 3.20
CA GLU B 505 -10.88 -38.78 2.01
C GLU B 505 -11.57 -38.30 0.75
N ASP B 506 -12.79 -37.78 0.87
CA ASP B 506 -13.52 -37.34 -0.31
C ASP B 506 -12.70 -36.28 -1.05
N PRO B 507 -12.62 -36.36 -2.37
CA PRO B 507 -11.88 -35.33 -3.12
C PRO B 507 -12.32 -33.90 -2.88
N MET B 508 -13.59 -33.64 -2.53
CA MET B 508 -13.98 -32.26 -2.36
C MET B 508 -13.29 -31.59 -1.17
N LEU B 509 -12.63 -32.37 -0.30
CA LEU B 509 -11.95 -31.88 0.90
C LEU B 509 -10.43 -31.98 0.80
N ALA B 510 -9.89 -32.23 -0.39
CA ALA B 510 -8.50 -32.64 -0.48
C ALA B 510 -7.52 -31.50 -0.32
N ALA B 511 -7.98 -30.26 -0.50
CA ALA B 511 -7.10 -29.12 -0.30
C ALA B 511 -6.84 -28.80 1.16
N LEU B 512 -7.62 -29.38 2.06
CA LEU B 512 -7.39 -29.26 3.50
C LEU B 512 -6.21 -30.17 3.85
N HIS B 513 -4.99 -29.61 3.89
CA HIS B 513 -3.80 -30.41 4.17
C HIS B 513 -3.38 -30.43 5.65
N THR B 514 -3.32 -29.29 6.30
CA THR B 514 -2.97 -29.21 7.71
C THR B 514 -3.82 -28.11 8.35
N TYR B 515 -3.64 -27.91 9.63
CA TYR B 515 -4.22 -26.75 10.31
C TYR B 515 -3.56 -25.43 9.92
N GLU B 516 -2.69 -25.46 8.92
CA GLU B 516 -2.05 -24.30 8.36
C GLU B 516 -2.33 -24.12 6.88
N ASP B 517 -2.37 -25.24 6.12
CA ASP B 517 -2.48 -25.24 4.65
C ASP B 517 -3.87 -25.71 4.25
N PHE B 518 -4.74 -24.77 3.86
CA PHE B 518 -6.15 -25.08 3.74
C PHE B 518 -6.86 -23.89 3.09
N PRO B 519 -7.87 -24.11 2.25
CA PRO B 519 -8.57 -22.96 1.65
C PRO B 519 -9.27 -22.13 2.72
N ARG B 520 -9.33 -20.82 2.47
CA ARG B 520 -9.79 -19.92 3.52
C ARG B 520 -10.56 -18.74 2.94
N SER B 521 -11.31 -19.00 1.87
CA SER B 521 -12.20 -18.02 1.25
C SER B 521 -13.67 -18.36 1.50
N GLU B 522 -14.51 -17.32 1.55
CA GLU B 522 -15.95 -17.55 1.60
C GLU B 522 -16.46 -18.29 0.36
N GLN B 523 -15.78 -18.12 -0.77
CA GLN B 523 -16.23 -18.78 -2.00
C GLN B 523 -16.08 -20.29 -1.91
N TRP B 524 -14.92 -20.76 -1.43
CA TRP B 524 -14.74 -22.19 -1.30
C TRP B 524 -15.84 -22.79 -0.44
N ILE B 525 -16.10 -22.19 0.73
CA ILE B 525 -17.14 -22.67 1.64
C ILE B 525 -18.49 -22.71 0.96
N ASN B 526 -18.90 -21.60 0.34
CA ASN B 526 -20.24 -21.58 -0.27
C ASN B 526 -20.39 -22.60 -1.39
N GLU B 527 -19.37 -22.74 -2.25
CA GLU B 527 -19.45 -23.68 -3.37
C GLU B 527 -19.47 -25.12 -2.89
N THR B 528 -18.64 -25.44 -1.87
CA THR B 528 -18.58 -26.81 -1.39
C THR B 528 -19.88 -27.18 -0.66
N LEU B 529 -20.41 -26.26 0.16
CA LEU B 529 -21.70 -26.54 0.78
C LEU B 529 -22.77 -26.71 -0.27
N LYS B 530 -22.72 -25.92 -1.34
CA LYS B 530 -23.72 -26.05 -2.40
C LYS B 530 -23.70 -27.47 -2.97
N LYS B 531 -22.52 -27.99 -3.31
CA LYS B 531 -22.44 -29.37 -3.80
C LYS B 531 -23.03 -30.34 -2.79
N ILE B 532 -22.57 -30.27 -1.55
CA ILE B 532 -23.03 -31.22 -0.53
C ILE B 532 -24.54 -31.17 -0.38
N LEU B 533 -25.07 -29.96 -0.21
CA LEU B 533 -26.46 -29.78 0.18
C LEU B 533 -27.42 -30.04 -0.95
N GLU B 534 -27.02 -29.79 -2.16
CA GLU B 534 -27.91 -30.04 -3.26
C GLU B 534 -27.85 -31.47 -3.73
N LYS B 535 -26.83 -32.24 -3.32
CA LYS B 535 -26.86 -33.67 -3.64
C LYS B 535 -27.89 -34.42 -2.78
N ALA B 536 -27.91 -34.19 -1.46
CA ALA B 536 -29.09 -34.55 -0.63
C ALA B 536 -29.64 -35.97 -0.76
N ASP C 1 -6.78 -6.02 0.78
CA ASP C 1 -6.43 -7.35 0.28
C ASP C 1 -7.39 -7.84 -0.79
N ALA C 2 -8.14 -6.93 -1.38
CA ALA C 2 -9.21 -7.32 -2.29
C ALA C 2 -8.66 -8.02 -3.54
N PRO C 3 -9.37 -9.03 -4.08
CA PRO C 3 -8.91 -9.70 -5.32
C PRO C 3 -8.62 -8.73 -6.46
N MET C 4 -9.48 -7.72 -6.61
CA MET C 4 -9.33 -6.67 -7.59
C MET C 4 -9.55 -5.34 -6.89
N ALA C 5 -8.58 -4.44 -7.02
CA ALA C 5 -8.74 -3.06 -6.56
C ALA C 5 -9.07 -2.21 -7.76
N VAL C 6 -9.98 -1.24 -7.58
CA VAL C 6 -10.24 -0.22 -8.59
C VAL C 6 -10.44 1.09 -7.88
N TRP C 7 -9.86 2.15 -8.39
CA TRP C 7 -9.98 3.44 -7.73
C TRP C 7 -9.98 4.52 -8.78
N LEU C 8 -10.26 5.75 -8.37
CA LEU C 8 -10.24 6.93 -9.23
C LEU C 8 -9.05 7.78 -8.86
N GLN C 9 -8.55 8.55 -9.84
CA GLN C 9 -7.37 9.37 -9.63
C GLN C 9 -7.40 10.49 -10.67
N SER C 10 -6.68 11.57 -10.40
CA SER C 10 -6.76 12.72 -11.31
C SER C 10 -5.82 12.53 -12.49
N SER C 11 -5.92 13.44 -13.44
CA SER C 11 -5.09 13.44 -14.63
C SER C 11 -3.69 13.98 -14.39
N LEU C 12 -3.28 14.25 -13.14
CA LEU C 12 -1.97 14.86 -12.91
C LEU C 12 -0.98 13.96 -12.15
N GLN C 13 -1.20 12.65 -12.15
CA GLN C 13 -0.37 11.73 -11.37
C GLN C 13 -0.18 10.47 -12.19
N ARG C 14 1.05 10.18 -12.57
CA ARG C 14 1.28 8.97 -13.31
C ARG C 14 1.05 7.75 -12.42
N ILE C 15 0.51 6.69 -13.00
CA ILE C 15 0.36 5.42 -12.30
C ILE C 15 1.36 4.42 -12.87
N PHE C 16 2.26 4.00 -12.06
CA PHE C 16 3.28 3.05 -12.49
C PHE C 16 2.85 1.61 -12.18
N PRO C 17 3.35 0.62 -12.91
CA PRO C 17 2.83 -0.74 -12.76
C PRO C 17 2.88 -1.26 -11.34
N GLN C 18 3.89 -0.83 -10.59
CA GLN C 18 4.15 -1.32 -9.23
C GLN C 18 3.65 -0.34 -8.18
N SER C 19 2.80 0.60 -8.57
CA SER C 19 2.07 1.43 -7.64
C SER C 19 1.17 0.58 -6.74
N PRO C 20 1.01 0.95 -5.48
CA PRO C 20 0.11 0.22 -4.61
C PRO C 20 -1.35 0.54 -4.88
N ALA C 21 -2.17 -0.48 -4.66
CA ALA C 21 -3.60 -0.30 -4.79
C ALA C 21 -4.07 0.84 -3.87
N GLN C 22 -5.11 1.51 -4.28
CA GLN C 22 -5.72 2.49 -3.42
C GLN C 22 -7.20 2.15 -3.31
N THR C 23 -7.86 2.82 -2.38
CA THR C 23 -9.31 2.80 -2.27
C THR C 23 -9.75 4.21 -2.61
N ALA C 24 -10.84 4.34 -3.36
CA ALA C 24 -11.30 5.68 -3.72
C ALA C 24 -12.81 5.72 -3.74
N ALA C 25 -13.37 5.42 -4.92
CA ALA C 25 -14.81 5.36 -5.13
C ALA C 25 -15.37 6.74 -5.43
N ALA C 26 -14.65 7.82 -5.06
CA ALA C 26 -15.19 9.15 -5.22
C ALA C 26 -14.10 10.12 -5.59
N LEU C 27 -14.38 10.91 -6.62
CA LEU C 27 -13.50 11.91 -7.19
C LEU C 27 -14.34 13.11 -7.56
N GLU C 28 -13.93 14.30 -7.17
CA GLU C 28 -14.57 15.52 -7.65
C GLU C 28 -13.63 16.30 -8.57
N LEU C 29 -14.20 16.87 -9.62
CA LEU C 29 -13.51 17.67 -10.61
C LEU C 29 -14.15 19.05 -10.65
N GLN C 30 -13.44 20.01 -11.24
CA GLN C 30 -13.97 21.34 -11.51
C GLN C 30 -13.66 21.71 -12.95
N ALA C 31 -14.58 22.46 -13.54
CA ALA C 31 -14.53 22.69 -14.97
C ALA C 31 -15.27 23.95 -15.33
N ALA C 32 -14.65 24.72 -16.21
CA ALA C 32 -15.36 25.77 -16.91
C ALA C 32 -16.27 25.13 -17.93
N ARG C 33 -17.27 25.89 -18.36
CA ARG C 33 -18.12 25.47 -19.44
C ARG C 33 -17.44 25.76 -20.76
N ASN C 34 -17.82 24.99 -21.77
CA ASN C 34 -17.13 24.98 -23.05
C ASN C 34 -15.66 24.61 -22.86
N SER C 35 -15.41 23.49 -22.16
CA SER C 35 -14.05 23.03 -21.94
C SER C 35 -14.04 21.52 -21.88
N ARG C 36 -12.86 20.96 -21.65
CA ARG C 36 -12.60 19.53 -21.67
C ARG C 36 -11.78 19.17 -20.44
N VAL C 37 -12.10 18.05 -19.78
CA VAL C 37 -11.45 17.76 -18.50
C VAL C 37 -11.27 16.25 -18.34
N SER C 38 -10.25 15.84 -17.60
CA SER C 38 -9.82 14.45 -17.68
C SER C 38 -9.57 13.82 -16.31
N PHE C 39 -9.60 12.49 -16.30
CA PHE C 39 -9.26 11.77 -15.09
C PHE C 39 -8.94 10.31 -15.41
N GLN C 40 -8.50 9.58 -14.41
CA GLN C 40 -8.12 8.19 -14.63
C GLN C 40 -8.94 7.27 -13.73
N VAL C 41 -9.15 6.07 -14.24
CA VAL C 41 -9.77 4.98 -13.52
C VAL C 41 -8.70 3.92 -13.39
N ALA C 42 -8.16 3.73 -12.18
CA ALA C 42 -7.04 2.82 -11.98
C ALA C 42 -7.53 1.46 -11.47
N PHE C 43 -6.68 0.44 -11.64
CA PHE C 43 -7.12 -0.92 -11.33
C PHE C 43 -5.87 -1.75 -11.11
N ARG C 44 -5.94 -2.67 -10.16
CA ARG C 44 -4.82 -3.58 -9.91
C ARG C 44 -5.36 -4.92 -9.47
N SER C 45 -5.08 -5.94 -10.27
CA SER C 45 -5.47 -7.28 -9.92
C SER C 45 -4.58 -7.80 -8.81
N ASN C 46 -5.19 -8.40 -7.79
CA ASN C 46 -4.47 -9.08 -6.72
C ASN C 46 -4.54 -10.60 -6.89
N MET C 47 -4.71 -11.09 -8.12
CA MET C 47 -4.99 -12.50 -8.42
C MET C 47 -3.85 -13.13 -9.25
N LYS C 48 -3.52 -14.39 -8.93
CA LYS C 48 -2.54 -15.14 -9.71
C LYS C 48 -2.90 -15.21 -11.19
N ASP C 49 -4.19 -15.27 -11.49
CA ASP C 49 -4.67 -15.61 -12.82
C ASP C 49 -5.12 -14.35 -13.53
N GLN C 50 -4.83 -14.26 -14.82
CA GLN C 50 -5.20 -13.03 -15.50
C GLN C 50 -6.69 -13.03 -15.78
N THR C 51 -7.25 -11.82 -15.97
CA THR C 51 -8.68 -11.72 -16.18
C THR C 51 -8.97 -10.56 -17.13
N HIS C 52 -10.21 -10.45 -17.58
CA HIS C 52 -10.55 -9.31 -18.44
C HIS C 52 -11.14 -8.20 -17.57
N ILE C 53 -11.02 -6.96 -18.04
CA ILE C 53 -11.65 -5.85 -17.33
C ILE C 53 -12.11 -4.81 -18.33
N SER C 54 -13.29 -4.24 -18.04
CA SER C 54 -14.01 -3.31 -18.90
C SER C 54 -14.42 -2.07 -18.14
N CYS C 55 -14.22 -0.93 -18.78
CA CYS C 55 -14.51 0.39 -18.23
C CYS C 55 -15.62 1.05 -19.04
N SER C 56 -16.60 1.63 -18.34
CA SER C 56 -17.69 2.32 -19.04
C SER C 56 -18.25 3.39 -18.12
N THR C 57 -19.02 4.30 -18.70
CA THR C 57 -19.68 5.36 -17.94
C THR C 57 -21.18 5.08 -17.88
N GLU C 58 -21.83 5.68 -16.87
CA GLU C 58 -23.27 5.61 -16.69
C GLU C 58 -23.76 6.97 -16.20
N GLY C 59 -24.72 7.54 -16.93
CA GLY C 59 -25.26 8.83 -16.62
C GLY C 59 -24.42 10.01 -17.04
N ALA C 60 -23.52 9.84 -18.01
CA ALA C 60 -22.66 10.92 -18.45
C ALA C 60 -22.95 11.36 -19.88
N GLU C 61 -24.09 10.95 -20.46
CA GLU C 61 -24.31 11.14 -21.90
C GLU C 61 -24.12 12.60 -22.30
N THR C 62 -24.50 13.54 -21.43
CA THR C 62 -24.39 14.95 -21.78
C THR C 62 -22.96 15.44 -21.85
N LEU C 63 -22.00 14.63 -21.41
CA LEU C 63 -20.59 15.01 -21.39
C LEU C 63 -19.78 14.32 -22.47
N HIS C 64 -20.43 13.59 -23.37
CA HIS C 64 -19.77 12.84 -24.44
C HIS C 64 -18.46 12.24 -23.94
N PRO C 65 -18.50 11.40 -22.91
CA PRO C 65 -17.26 10.83 -22.37
C PRO C 65 -16.57 10.00 -23.43
N ARG C 66 -15.25 9.93 -23.29
CA ARG C 66 -14.36 9.15 -24.15
C ARG C 66 -13.47 8.34 -23.23
N VAL C 67 -13.38 7.05 -23.51
CA VAL C 67 -12.72 6.08 -22.64
C VAL C 67 -11.56 5.47 -23.42
N ARG C 68 -10.33 5.66 -22.93
CA ARG C 68 -9.14 5.14 -23.57
C ARG C 68 -8.31 4.39 -22.53
N TYR C 69 -7.34 3.62 -23.00
CA TYR C 69 -6.52 2.78 -22.14
C TYR C 69 -5.10 3.34 -22.14
N VAL C 70 -4.52 3.53 -20.95
CA VAL C 70 -3.17 4.08 -20.83
C VAL C 70 -2.19 2.98 -21.15
N GLY C 71 -1.36 3.19 -22.17
CA GLY C 71 -0.33 2.24 -22.50
C GLY C 71 0.99 2.58 -21.89
N LEU C 72 1.84 1.59 -21.83
CA LEU C 72 3.16 1.74 -21.23
C LEU C 72 4.23 1.69 -22.31
N VAL C 73 5.29 2.46 -22.13
CA VAL C 73 6.49 2.36 -22.96
C VAL C 73 7.70 2.19 -22.03
N PRO C 74 8.79 1.66 -22.55
CA PRO C 74 10.00 1.48 -21.73
C PRO C 74 10.70 2.79 -21.53
N MET C 75 11.14 3.04 -20.30
CA MET C 75 12.05 4.15 -20.04
C MET C 75 13.36 3.59 -19.52
N PRO C 76 14.38 3.47 -20.37
CA PRO C 76 15.61 2.77 -19.95
C PRO C 76 16.39 3.51 -18.89
N HIS C 77 16.37 4.85 -18.93
CA HIS C 77 17.13 5.68 -18.01
C HIS C 77 16.36 6.94 -17.72
N PHE C 78 16.69 7.56 -16.60
CA PHE C 78 16.26 8.91 -16.37
C PHE C 78 17.00 9.82 -17.31
N ASN C 79 16.37 10.93 -17.67
CA ASN C 79 17.07 11.97 -18.39
C ASN C 79 18.10 12.56 -17.47
N THR C 80 19.24 12.98 -18.04
CA THR C 80 20.34 13.55 -17.29
C THR C 80 20.10 15.01 -16.97
N ASP C 81 20.87 15.53 -16.01
CA ASP C 81 20.72 16.92 -15.56
C ASP C 81 19.32 17.21 -15.04
N VAL C 82 18.75 16.28 -14.26
CA VAL C 82 17.49 16.52 -13.58
C VAL C 82 17.66 16.04 -12.14
N SER C 83 17.56 16.93 -11.19
CA SER C 83 17.70 16.49 -9.83
C SER C 83 16.52 15.59 -9.44
N PRO C 84 16.68 14.79 -8.41
CA PRO C 84 15.57 13.91 -8.00
C PRO C 84 14.32 14.66 -7.61
N GLU C 85 14.47 15.88 -7.07
CA GLU C 85 13.35 16.73 -6.70
C GLU C 85 12.44 17.03 -7.87
N GLU C 86 12.95 16.94 -9.08
CA GLU C 86 12.27 17.35 -10.29
C GLU C 86 11.89 16.19 -11.16
N LEU C 87 12.16 14.96 -10.72
CA LEU C 87 11.84 13.76 -11.47
C LEU C 87 10.53 13.16 -11.00
N ASP C 88 9.71 12.76 -11.94
CA ASP C 88 8.57 11.90 -11.69
C ASP C 88 9.07 10.47 -11.66
N GLY C 89 8.36 9.61 -10.96
CA GLY C 89 8.71 8.21 -10.97
C GLY C 89 9.85 7.76 -10.06
N VAL C 90 10.26 8.58 -9.10
CA VAL C 90 11.30 8.14 -8.17
C VAL C 90 10.82 6.91 -7.41
N GLY C 91 11.61 5.86 -7.44
CA GLY C 91 11.19 4.64 -6.82
C GLY C 91 10.51 3.69 -7.76
N TYR C 92 10.14 4.16 -8.95
CA TYR C 92 9.43 3.37 -9.94
C TYR C 92 10.15 3.27 -11.27
N LEU C 93 10.90 4.30 -11.66
CA LEU C 93 11.71 4.33 -12.87
C LEU C 93 13.19 4.27 -12.49
N PRO C 94 14.08 3.91 -13.44
CA PRO C 94 13.86 3.47 -14.82
C PRO C 94 12.91 2.25 -14.86
N GLY C 95 12.07 2.14 -15.90
CA GLY C 95 11.02 1.14 -15.86
C GLY C 95 9.99 1.40 -16.92
N TRP C 96 8.79 0.84 -16.73
CA TRP C 96 7.68 1.12 -17.62
C TRP C 96 7.03 2.44 -17.23
N LEU C 97 6.76 3.28 -18.23
CA LEU C 97 6.27 4.61 -18.11
C LEU C 97 4.91 4.67 -18.79
N PRO C 98 3.87 5.16 -18.13
CA PRO C 98 2.60 5.40 -18.82
C PRO C 98 2.73 6.59 -19.76
N ASP C 99 2.22 6.46 -20.97
CA ASP C 99 2.20 7.65 -21.81
C ASP C 99 1.20 7.55 -22.97
N PRO C 100 1.32 6.61 -23.91
CA PRO C 100 0.35 6.54 -25.01
C PRO C 100 -1.06 6.24 -24.53
N LEU C 101 -2.03 6.79 -25.24
CA LEU C 101 -3.46 6.54 -24.98
C LEU C 101 -4.07 5.77 -26.17
N TYR C 102 -4.57 4.56 -25.88
CA TYR C 102 -5.08 3.74 -26.97
C TYR C 102 -6.61 3.70 -26.90
N PRO C 103 -7.28 3.63 -28.05
CA PRO C 103 -8.75 3.64 -28.04
C PRO C 103 -9.36 2.25 -27.83
N VAL C 104 -9.18 1.70 -26.63
CA VAL C 104 -9.91 0.50 -26.21
C VAL C 104 -10.46 0.79 -24.82
N THR C 105 -11.56 0.11 -24.49
CA THR C 105 -12.20 0.21 -23.20
C THR C 105 -12.20 -1.12 -22.46
N LYS C 106 -11.58 -2.14 -23.05
CA LYS C 106 -11.46 -3.48 -22.48
C LYS C 106 -10.01 -3.88 -22.60
N THR C 107 -9.49 -4.51 -21.56
CA THR C 107 -8.13 -5.03 -21.66
C THR C 107 -8.01 -6.26 -20.79
N GLU C 108 -6.84 -6.89 -20.82
CA GLU C 108 -6.51 -7.95 -19.90
C GLU C 108 -5.85 -7.33 -18.68
N ALA C 109 -6.36 -7.66 -17.50
CA ALA C 109 -5.66 -7.36 -16.26
C ALA C 109 -4.66 -8.46 -15.93
N HIS C 110 -3.46 -8.06 -15.71
CA HIS C 110 -2.32 -8.91 -15.41
C HIS C 110 -2.02 -8.96 -13.92
N PRO C 111 -1.39 -10.04 -13.43
CA PRO C 111 -1.20 -10.18 -11.99
C PRO C 111 -0.37 -9.05 -11.40
N PHE C 112 -0.96 -8.38 -10.41
CA PHE C 112 -0.25 -7.50 -9.47
C PHE C 112 0.32 -6.28 -10.20
N GLU C 113 -0.42 -5.80 -11.21
CA GLU C 113 0.06 -4.78 -12.14
C GLU C 113 -0.98 -3.68 -12.20
N SER C 114 -0.60 -2.50 -11.73
CA SER C 114 -1.49 -1.35 -11.66
C SER C 114 -1.50 -0.59 -12.98
N ARG C 115 -2.68 -0.47 -13.57
CA ARG C 115 -2.90 0.17 -14.86
C ARG C 115 -4.09 1.11 -14.73
N SER C 116 -4.36 1.86 -15.79
CA SER C 116 -5.45 2.82 -15.72
C SER C 116 -6.06 3.08 -17.10
N PHE C 117 -7.39 3.35 -17.10
CA PHE C 117 -8.01 3.97 -18.26
C PHE C 117 -8.00 5.48 -18.07
N TRP C 118 -7.99 6.20 -19.20
CA TRP C 118 -7.96 7.65 -19.30
C TRP C 118 -9.29 8.08 -19.87
N ILE C 119 -10.01 8.92 -19.13
CA ILE C 119 -11.35 9.35 -19.52
C ILE C 119 -11.38 10.86 -19.73
N THR C 120 -12.02 11.26 -20.83
CA THR C 120 -12.10 12.65 -21.27
C THR C 120 -13.57 13.10 -21.28
N LEU C 121 -13.85 14.27 -20.69
CA LEU C 121 -15.19 14.83 -20.57
C LEU C 121 -15.25 16.12 -21.36
N GLN C 122 -16.37 16.34 -22.07
CA GLN C 122 -16.68 17.59 -22.76
C GLN C 122 -17.73 18.32 -21.93
N ILE C 123 -17.38 19.49 -21.38
CA ILE C 123 -18.30 20.32 -20.62
C ILE C 123 -18.87 21.34 -21.62
N PRO C 124 -20.10 21.15 -22.08
CA PRO C 124 -20.66 22.05 -23.11
C PRO C 124 -21.00 23.41 -22.55
N ALA C 125 -20.95 24.42 -23.41
CA ALA C 125 -21.27 25.79 -22.98
C ALA C 125 -22.66 25.90 -22.36
N SER C 126 -23.62 25.08 -22.82
CA SER C 126 -25.03 25.17 -22.43
C SER C 126 -25.36 24.46 -21.12
N LEU C 127 -24.41 23.76 -20.54
CA LEU C 127 -24.68 22.93 -19.39
C LEU C 127 -25.05 23.83 -18.20
N SER C 128 -25.94 23.35 -17.33
CA SER C 128 -26.32 24.16 -16.16
C SER C 128 -25.16 24.22 -15.17
N PRO C 129 -24.88 25.40 -14.58
CA PRO C 129 -23.84 25.46 -13.55
C PRO C 129 -24.22 24.60 -12.36
N GLY C 130 -23.20 24.25 -11.56
CA GLY C 130 -23.38 23.47 -10.36
C GLY C 130 -22.86 22.05 -10.52
N ILE C 131 -23.26 21.18 -9.58
CA ILE C 131 -22.68 19.85 -9.50
C ILE C 131 -23.44 18.89 -10.40
N HIS C 132 -22.70 18.23 -11.27
CA HIS C 132 -23.21 17.18 -12.14
C HIS C 132 -22.50 15.91 -11.72
N ASP C 133 -23.23 14.82 -11.58
CA ASP C 133 -22.57 13.60 -11.17
C ASP C 133 -22.82 12.50 -12.20
N PHE C 134 -21.90 11.54 -12.23
CA PHE C 134 -22.08 10.33 -13.00
C PHE C 134 -21.27 9.22 -12.34
N HIS C 135 -21.36 8.03 -12.92
CA HIS C 135 -20.65 6.89 -12.39
C HIS C 135 -19.80 6.23 -13.47
N VAL C 136 -18.74 5.59 -13.01
CA VAL C 136 -17.90 4.76 -13.86
C VAL C 136 -18.13 3.33 -13.40
N ARG C 137 -18.31 2.41 -14.36
CA ARG C 137 -18.47 1.02 -14.05
C ARG C 137 -17.27 0.21 -14.56
N MET C 138 -16.72 -0.60 -13.66
CA MET C 138 -15.65 -1.53 -13.97
C MET C 138 -16.23 -2.94 -13.82
N ARG C 139 -15.98 -3.80 -14.83
CA ARG C 139 -16.46 -5.19 -14.84
C ARG C 139 -15.32 -6.17 -15.11
N TRP C 140 -15.21 -7.22 -14.30
CA TRP C 140 -14.18 -8.22 -14.48
C TRP C 140 -14.70 -9.57 -14.01
N GLN C 141 -13.85 -10.59 -14.07
CA GLN C 141 -14.22 -11.95 -13.70
C GLN C 141 -13.30 -12.48 -12.62
N GLU C 142 -13.86 -13.23 -11.68
CA GLU C 142 -13.10 -13.98 -10.69
C GLU C 142 -13.54 -15.43 -10.82
N GLY C 143 -12.67 -16.26 -11.34
CA GLY C 143 -13.09 -17.57 -11.78
C GLY C 143 -14.17 -17.37 -12.81
N LYS C 144 -15.33 -17.94 -12.55
CA LYS C 144 -16.45 -17.84 -13.48
C LYS C 144 -17.50 -16.84 -12.98
N GLU C 145 -17.32 -16.29 -11.78
CA GLU C 145 -18.21 -15.26 -11.26
C GLU C 145 -17.91 -13.90 -11.90
N GLU C 146 -18.95 -13.20 -12.34
CA GLU C 146 -18.81 -11.83 -12.82
C GLU C 146 -18.77 -10.90 -11.62
N LYS C 147 -17.94 -9.87 -11.70
CA LYS C 147 -17.78 -8.90 -10.63
C LYS C 147 -17.82 -7.50 -11.23
N ASP C 148 -18.17 -6.51 -10.41
CA ASP C 148 -18.17 -5.16 -10.90
C ASP C 148 -18.06 -4.18 -9.73
N LYS C 149 -17.73 -2.94 -10.06
CA LYS C 149 -17.75 -1.88 -9.07
C LYS C 149 -18.15 -0.57 -9.72
N LEU C 150 -19.04 0.17 -9.06
CA LEU C 150 -19.34 1.54 -9.44
C LEU C 150 -18.46 2.51 -8.68
N LEU C 151 -18.00 3.55 -9.38
CA LEU C 151 -17.29 4.65 -8.77
C LEU C 151 -17.99 5.95 -9.13
N HIS C 152 -17.86 6.94 -8.25
CA HIS C 152 -18.67 8.14 -8.29
C HIS C 152 -17.79 9.31 -8.69
N VAL C 153 -18.18 10.04 -9.74
CA VAL C 153 -17.49 11.25 -10.17
C VAL C 153 -18.48 12.41 -10.07
N LYS C 154 -17.99 13.54 -9.56
CA LYS C 154 -18.75 14.79 -9.47
C LYS C 154 -17.95 15.88 -10.15
N VAL C 155 -18.60 16.68 -11.00
CA VAL C 155 -17.97 17.79 -11.70
C VAL C 155 -18.72 19.06 -11.30
N LYS C 156 -18.00 20.00 -10.67
CA LYS C 156 -18.59 21.26 -10.28
C LYS C 156 -18.35 22.20 -11.43
N VAL C 157 -19.41 22.49 -12.16
CA VAL C 157 -19.33 23.19 -13.43
C VAL C 157 -19.50 24.67 -13.14
N SER C 158 -18.50 25.45 -13.52
CA SER C 158 -18.49 26.87 -13.23
C SER C 158 -19.53 27.59 -14.07
N ALA C 159 -19.92 28.79 -13.60
CA ALA C 159 -20.68 29.70 -14.46
C ALA C 159 -19.84 30.18 -15.63
N LEU C 160 -18.52 30.35 -15.44
CA LEU C 160 -17.63 30.83 -16.51
C LEU C 160 -17.79 29.97 -17.75
N VAL C 161 -17.91 30.63 -18.91
CA VAL C 161 -17.84 29.96 -20.21
C VAL C 161 -16.60 30.44 -20.95
N LEU C 162 -15.78 29.48 -21.43
CA LEU C 162 -14.51 29.81 -22.08
C LEU C 162 -14.73 30.39 -23.47
N GLN C 163 -13.98 31.43 -23.78
CA GLN C 163 -13.91 32.03 -25.08
C GLN C 163 -12.68 31.52 -25.81
N PRO C 164 -12.66 31.57 -27.14
CA PRO C 164 -11.46 31.18 -27.86
C PRO C 164 -10.27 31.99 -27.40
N ARG C 165 -9.15 31.31 -27.25
CA ARG C 165 -7.91 32.01 -26.93
C ARG C 165 -7.67 33.08 -27.99
N SER C 166 -7.09 34.21 -27.55
CA SER C 166 -6.74 35.30 -28.44
C SER C 166 -5.38 35.88 -28.07
N ASN C 167 -4.64 36.32 -29.10
CA ASN C 167 -3.32 36.94 -28.94
C ASN C 167 -2.30 36.00 -28.29
N PHE C 168 -2.46 34.70 -28.44
CA PHE C 168 -1.45 33.76 -27.98
C PHE C 168 -1.42 32.58 -28.91
N HIS C 169 -0.28 32.39 -29.60
CA HIS C 169 -0.20 31.41 -30.68
C HIS C 169 0.82 30.33 -30.38
N VAL C 170 0.46 29.12 -30.79
CA VAL C 170 1.19 27.89 -30.48
C VAL C 170 1.47 27.17 -31.77
N THR C 171 2.74 26.85 -32.03
CA THR C 171 3.08 26.07 -33.20
C THR C 171 4.01 24.90 -32.84
N HIS C 172 3.80 23.79 -33.57
CA HIS C 172 4.62 22.59 -33.49
C HIS C 172 5.10 22.24 -34.89
N TRP C 173 6.38 21.89 -35.03
CA TRP C 173 6.93 21.50 -36.32
C TRP C 173 6.65 20.03 -36.61
N TRP C 174 5.38 19.74 -36.89
CA TRP C 174 5.01 18.41 -37.35
C TRP C 174 5.85 18.08 -38.58
N ARG C 175 6.06 16.79 -38.83
CA ARG C 175 7.00 16.26 -39.81
C ARG C 175 6.31 15.32 -40.81
N GLY C 176 6.18 15.76 -42.05
CA GLY C 176 5.68 14.89 -43.11
C GLY C 176 6.55 13.69 -43.41
N GLU C 177 7.88 13.85 -43.30
CA GLU C 177 8.73 12.70 -43.58
C GLU C 177 8.56 11.65 -42.49
N ALA C 178 8.13 12.08 -41.30
CA ALA C 178 7.84 11.14 -40.24
C ALA C 178 6.67 10.23 -40.61
N ILE C 179 5.66 10.79 -41.27
CA ILE C 179 4.56 9.96 -41.74
C ILE C 179 5.03 9.03 -42.84
N ALA C 180 5.73 9.56 -43.85
CA ALA C 180 6.24 8.67 -44.90
C ALA C 180 7.09 7.55 -44.33
N LEU C 181 7.94 7.84 -43.37
CA LEU C 181 8.85 6.80 -42.88
C LEU C 181 8.12 5.79 -42.01
N GLN C 182 7.32 6.26 -41.05
CA GLN C 182 6.72 5.31 -40.12
C GLN C 182 5.60 4.50 -40.76
N TYR C 183 4.87 5.04 -41.75
CA TYR C 183 3.84 4.23 -42.38
C TYR C 183 4.25 3.61 -43.71
N GLU C 184 5.48 3.86 -44.18
CA GLU C 184 6.00 3.31 -45.45
C GLU C 184 5.09 3.62 -46.65
N THR C 185 4.80 4.90 -46.85
CA THR C 185 4.12 5.35 -48.04
C THR C 185 4.87 6.44 -48.74
N LYS C 186 4.57 6.58 -50.02
CA LYS C 186 5.15 7.65 -50.81
C LYS C 186 4.73 8.99 -50.24
N MET C 187 5.70 9.89 -50.11
CA MET C 187 5.42 11.27 -49.73
C MET C 187 4.36 11.84 -50.68
N PHE C 188 3.32 12.44 -50.10
CA PHE C 188 2.21 13.13 -50.76
C PHE C 188 1.26 12.21 -51.51
N ASP C 189 1.34 10.91 -51.27
CA ASP C 189 0.27 10.04 -51.76
C ASP C 189 -0.97 10.19 -50.86
N GLU C 190 -2.00 9.44 -51.16
CA GLU C 190 -3.28 9.82 -50.59
C GLU C 190 -3.41 9.38 -49.14
N GLN C 191 -2.81 8.27 -48.76
CA GLN C 191 -2.74 7.93 -47.34
C GLN C 191 -1.98 8.99 -46.56
N TRP C 192 -0.89 9.50 -47.14
CA TRP C 192 -0.10 10.58 -46.55
C TRP C 192 -1.00 11.79 -46.27
N TRP C 193 -1.89 12.09 -47.21
CA TRP C 193 -2.78 13.22 -47.01
C TRP C 193 -3.82 12.95 -45.92
N LYS C 194 -4.35 11.72 -45.79
CA LYS C 194 -5.25 11.45 -44.66
C LYS C 194 -4.55 11.62 -43.34
N LEU C 195 -3.37 11.01 -43.23
CA LEU C 195 -2.63 11.07 -41.98
C LEU C 195 -2.26 12.52 -41.67
N THR C 196 -1.98 13.33 -42.69
CA THR C 196 -1.65 14.73 -42.42
C THR C 196 -2.88 15.48 -41.94
N ARG C 197 -4.03 15.24 -42.55
CA ARG C 197 -5.23 15.84 -41.98
C ARG C 197 -5.41 15.40 -40.53
N ALA C 198 -5.24 14.12 -40.26
CA ALA C 198 -5.46 13.65 -38.91
C ALA C 198 -4.48 14.32 -37.93
N CYS C 199 -3.22 14.46 -38.32
CA CYS C 199 -2.28 15.16 -37.45
C CYS C 199 -2.69 16.61 -37.22
N MET C 200 -3.07 17.33 -38.30
CA MET C 200 -3.34 18.77 -38.13
C MET C 200 -4.59 18.99 -37.31
N LYS C 201 -5.57 18.09 -37.44
CA LYS C 201 -6.77 18.15 -36.62
C LYS C 201 -6.45 17.86 -35.16
N ASN C 202 -5.62 16.82 -34.92
CA ASN C 202 -5.13 16.56 -33.58
C ASN C 202 -4.55 17.84 -32.97
N LEU C 203 -3.64 18.46 -33.73
CA LEU C 203 -2.99 19.68 -33.27
C LEU C 203 -4.00 20.77 -32.89
N ILE C 204 -4.95 21.05 -33.76
CA ILE C 204 -5.77 22.20 -33.43
C ILE C 204 -6.68 21.87 -32.25
N GLU C 205 -7.08 20.61 -32.10
CA GLU C 205 -7.86 20.22 -30.94
C GLU C 205 -7.05 20.16 -29.67
N HIS C 206 -5.74 20.31 -29.75
CA HIS C 206 -4.94 20.37 -28.53
C HIS C 206 -4.40 21.77 -28.27
N GLY C 207 -4.94 22.78 -28.95
CA GLY C 207 -4.59 24.15 -28.67
C GLY C 207 -3.55 24.75 -29.58
N ASN C 208 -3.04 23.97 -30.53
CA ASN C 208 -2.06 24.41 -31.52
C ASN C 208 -2.80 25.18 -32.62
N ASP C 209 -2.63 26.50 -32.72
CA ASP C 209 -3.41 27.25 -33.72
C ASP C 209 -2.58 27.77 -34.90
N VAL C 210 -1.36 27.30 -35.11
CA VAL C 210 -0.51 27.69 -36.23
C VAL C 210 -0.13 26.44 -37.04
N ALA C 211 -0.36 26.44 -38.35
CA ALA C 211 -0.07 25.29 -39.20
C ALA C 211 1.28 25.47 -39.89
N PHE C 212 2.23 24.61 -39.56
CA PHE C 212 3.57 24.63 -40.17
C PHE C 212 3.55 24.04 -41.56
N ILE C 213 4.20 24.75 -42.50
CA ILE C 213 4.38 24.32 -43.89
C ILE C 213 5.86 24.07 -44.12
N GLN C 214 6.30 22.81 -44.29
CA GLN C 214 7.71 22.69 -44.69
C GLN C 214 7.74 22.68 -46.20
N ASN C 215 7.65 23.92 -46.74
CA ASN C 215 7.83 24.14 -48.16
C ASN C 215 9.23 23.71 -48.59
N PHE C 216 10.23 23.99 -47.76
CA PHE C 216 11.58 23.44 -47.90
C PHE C 216 11.82 22.40 -46.81
N PHE C 217 12.45 21.28 -47.17
CA PHE C 217 12.80 20.29 -46.18
C PHE C 217 13.81 20.89 -45.22
N GLU C 218 13.61 20.65 -43.92
CA GLU C 218 14.33 21.36 -42.88
C GLU C 218 15.67 20.78 -42.50
N LEU C 219 15.88 19.47 -42.66
CA LEU C 219 17.07 18.84 -42.10
C LEU C 219 18.33 19.16 -42.90
N ARG C 220 19.46 19.25 -42.20
CA ARG C 220 20.74 19.30 -42.91
C ARG C 220 20.96 18.03 -43.71
N ALA C 221 20.63 16.88 -43.13
CA ALA C 221 20.81 15.60 -43.80
C ALA C 221 20.08 15.61 -45.12
N VAL C 222 20.69 14.99 -46.12
CA VAL C 222 20.14 14.90 -47.47
C VAL C 222 19.30 13.63 -47.54
N PHE C 223 18.02 13.76 -47.86
CA PHE C 223 17.16 12.60 -48.02
C PHE C 223 16.94 12.29 -49.49
N LYS C 224 16.63 11.02 -49.75
CA LYS C 224 16.18 10.59 -51.07
C LYS C 224 14.74 10.98 -51.32
N GLU C 225 13.87 10.85 -50.30
CA GLU C 225 12.50 11.36 -50.36
C GLU C 225 12.30 12.42 -49.28
N PRO C 226 12.71 13.66 -49.54
CA PRO C 226 12.48 14.74 -48.57
C PRO C 226 11.03 15.19 -48.53
N CYS C 227 10.66 15.77 -47.41
CA CYS C 227 9.38 16.43 -47.32
C CYS C 227 9.62 17.88 -47.71
N GLN C 228 9.58 18.14 -49.01
CA GLN C 228 9.64 19.50 -49.56
C GLN C 228 8.30 19.78 -50.22
N MET C 229 7.45 20.53 -49.53
CA MET C 229 6.09 20.65 -50.03
C MET C 229 6.02 21.55 -51.26
N LEU C 230 6.97 22.45 -51.43
CA LEU C 230 7.07 23.22 -52.67
C LEU C 230 7.63 22.33 -53.77
N ILE C 231 6.99 22.30 -54.92
CA ILE C 231 7.55 21.56 -56.07
C ILE C 231 8.44 22.55 -56.81
N VAL C 232 9.70 22.16 -57.02
CA VAL C 232 10.68 23.01 -57.68
C VAL C 232 11.25 22.24 -58.86
N ARG C 233 11.30 22.87 -60.03
CA ARG C 233 11.98 22.23 -61.16
C ARG C 233 12.90 23.25 -61.84
N GLU C 234 14.02 22.77 -62.40
CA GLU C 234 15.11 23.62 -62.93
C GLU C 234 15.33 23.28 -64.39
N PRO C 235 14.50 23.80 -65.30
CA PRO C 235 14.61 23.36 -66.71
C PRO C 235 15.94 23.72 -67.36
N SER C 236 16.45 24.93 -67.17
CA SER C 236 17.76 25.34 -67.66
C SER C 236 18.61 25.86 -66.51
N PRO C 237 19.92 25.88 -66.66
CA PRO C 237 20.80 26.27 -65.54
C PRO C 237 20.40 27.57 -64.85
N GLY C 238 20.09 27.48 -63.56
CA GLY C 238 19.84 28.69 -62.79
C GLY C 238 18.50 29.36 -63.05
N LYS C 239 17.60 28.76 -63.82
CA LYS C 239 16.26 29.28 -63.98
C LYS C 239 15.28 28.25 -63.44
N TYR C 240 14.52 28.68 -62.45
CA TYR C 240 13.70 27.80 -61.64
C TYR C 240 12.25 28.11 -61.95
N GLU C 241 11.41 27.07 -61.89
CA GLU C 241 9.96 27.25 -61.86
C GLU C 241 9.38 26.47 -60.69
N PHE C 242 8.24 26.97 -60.21
CA PHE C 242 7.66 26.61 -58.93
C PHE C 242 6.20 26.19 -59.08
N ASP C 243 5.83 25.07 -58.46
CA ASP C 243 4.46 24.54 -58.42
C ASP C 243 4.00 24.50 -56.96
N TRP C 244 2.95 25.26 -56.65
CA TRP C 244 2.46 25.48 -55.29
C TRP C 244 1.29 24.55 -54.96
N SER C 245 1.02 23.56 -55.80
CA SER C 245 -0.24 22.85 -55.65
C SER C 245 -0.31 22.05 -54.34
N ARG C 246 0.81 21.48 -53.89
CA ARG C 246 0.78 20.75 -52.62
C ARG C 246 0.56 21.68 -51.45
N ILE C 247 1.22 22.84 -51.46
CA ILE C 247 1.02 23.82 -50.40
C ILE C 247 -0.40 24.34 -50.43
N LYS C 248 -0.94 24.52 -51.62
CA LYS C 248 -2.31 25.01 -51.69
C LYS C 248 -3.29 23.99 -51.14
N ARG C 249 -3.06 22.70 -51.39
CA ARG C 249 -3.92 21.69 -50.77
C ARG C 249 -3.78 21.72 -49.26
N PHE C 250 -2.54 21.84 -48.77
CA PHE C 250 -2.34 21.86 -47.33
C PHE C 250 -3.07 23.04 -46.68
N VAL C 251 -3.04 24.20 -47.36
CA VAL C 251 -3.68 25.40 -46.83
C VAL C 251 -5.20 25.26 -46.84
N ASP C 252 -5.76 24.70 -47.93
CA ASP C 252 -7.20 24.39 -47.94
C ASP C 252 -7.56 23.53 -46.74
N MET C 253 -6.79 22.47 -46.55
CA MET C 253 -7.08 21.52 -45.47
C MET C 253 -7.07 22.21 -44.12
N CYS C 254 -5.99 22.94 -43.81
CA CYS C 254 -5.89 23.58 -42.51
C CYS C 254 -7.00 24.60 -42.30
N ARG C 255 -7.33 25.36 -43.35
CA ARG C 255 -8.43 26.31 -43.19
C ARG C 255 -9.75 25.59 -42.92
N GLU C 256 -9.99 24.44 -43.58
CA GLU C 256 -11.22 23.70 -43.29
C GLU C 256 -11.23 23.25 -41.85
N LEU C 257 -10.05 22.92 -41.31
CA LEU C 257 -9.97 22.43 -39.93
C LEU C 257 -10.07 23.53 -38.89
N GLY C 258 -9.93 24.80 -39.29
CA GLY C 258 -10.01 25.94 -38.38
C GLY C 258 -8.79 26.83 -38.30
N TYR C 259 -7.69 26.57 -38.99
CA TYR C 259 -6.54 27.43 -38.78
C TYR C 259 -6.69 28.75 -39.54
N LYS C 260 -6.05 29.79 -39.02
CA LYS C 260 -5.98 31.11 -39.64
C LYS C 260 -4.53 31.53 -39.77
N LYS C 261 -3.68 31.03 -38.89
CA LYS C 261 -2.24 31.35 -38.90
C LYS C 261 -1.41 30.19 -39.46
N PHE C 262 -0.38 30.54 -40.24
CA PHE C 262 0.55 29.55 -40.80
C PHE C 262 2.01 29.95 -40.61
N GLU C 263 2.89 28.98 -40.78
CA GLU C 263 4.32 29.13 -40.54
C GLU C 263 5.10 28.46 -41.65
N TRP C 264 6.13 29.14 -42.13
CA TRP C 264 6.95 28.70 -43.25
C TRP C 264 8.32 28.23 -42.74
N ALA C 265 8.99 27.41 -43.56
CA ALA C 265 10.25 26.81 -43.21
C ALA C 265 11.39 27.83 -43.20
N HIS C 266 12.54 27.36 -42.73
CA HIS C 266 13.71 28.21 -42.69
C HIS C 266 14.24 28.47 -44.09
N LEU C 267 14.87 29.63 -44.25
CA LEU C 267 15.51 30.03 -45.50
C LEU C 267 17.03 29.89 -45.48
N TRP C 268 17.63 29.68 -44.30
CA TRP C 268 19.05 29.40 -44.21
C TRP C 268 19.27 28.27 -43.22
N LEU C 269 20.21 27.42 -43.56
CA LEU C 269 20.40 26.15 -42.89
C LEU C 269 21.22 26.34 -41.61
N TYR C 270 20.85 25.54 -40.61
CA TYR C 270 20.94 25.80 -39.17
C TYR C 270 22.34 25.59 -38.59
N TRP C 271 23.30 25.15 -39.40
CA TRP C 271 24.71 25.38 -39.10
C TRP C 271 25.06 26.87 -39.02
N GLY C 272 24.90 27.51 -37.85
CA GLY C 272 25.05 28.97 -37.84
C GLY C 272 23.97 29.58 -38.72
N VAL C 273 24.35 30.52 -39.61
CA VAL C 273 23.46 31.00 -40.68
C VAL C 273 24.23 30.98 -42.00
N GLN C 274 25.09 29.99 -42.16
CA GLN C 274 26.13 30.05 -43.17
C GLN C 274 25.83 29.23 -44.43
N ASP C 275 24.92 28.25 -44.38
CA ASP C 275 24.68 27.38 -45.53
C ASP C 275 23.31 27.64 -46.17
N ALA C 276 23.21 27.36 -47.46
CA ALA C 276 21.92 27.49 -48.12
C ALA C 276 21.06 26.27 -47.83
N MET C 277 19.74 26.46 -47.97
CA MET C 277 18.82 25.34 -47.78
C MET C 277 19.07 24.28 -48.85
N HIS C 278 18.84 23.03 -48.49
CA HIS C 278 18.83 21.92 -49.44
C HIS C 278 17.50 21.93 -50.19
N VAL C 279 17.52 22.26 -51.48
CA VAL C 279 16.29 22.32 -52.29
C VAL C 279 16.43 21.26 -53.39
N TYR C 280 15.36 20.48 -53.62
CA TYR C 280 15.46 19.33 -54.50
C TYR C 280 14.53 19.48 -55.69
N LYS C 281 14.83 18.70 -56.72
CA LYS C 281 14.01 18.59 -57.91
C LYS C 281 13.77 17.11 -58.19
N LYS C 282 12.59 16.78 -58.69
CA LYS C 282 12.27 15.38 -58.92
C LYS C 282 13.17 14.81 -60.03
N GLU C 283 13.43 13.52 -59.96
CA GLU C 283 14.18 12.82 -61.00
C GLU C 283 13.92 11.34 -60.76
N GLY C 284 13.42 10.67 -61.79
CA GLY C 284 13.02 9.29 -61.60
C GLY C 284 12.13 9.14 -60.39
N ASN C 285 12.48 8.18 -59.54
CA ASN C 285 11.62 7.80 -58.43
C ASN C 285 11.74 8.70 -57.22
N ALA C 286 12.80 9.52 -57.16
CA ALA C 286 13.00 10.29 -55.95
C ALA C 286 13.67 11.59 -56.36
N TYR C 287 14.20 12.33 -55.39
CA TYR C 287 14.58 13.70 -55.67
C TYR C 287 16.10 13.84 -55.60
N LYS C 288 16.60 14.87 -56.27
CA LYS C 288 18.03 15.15 -56.31
C LYS C 288 18.26 16.62 -56.04
N LEU C 289 19.33 16.92 -55.31
CA LEU C 289 19.63 18.29 -54.97
C LEU C 289 19.88 19.13 -56.21
N LEU C 290 19.55 20.42 -56.11
CA LEU C 290 19.80 21.42 -57.15
C LEU C 290 21.24 21.93 -57.21
N TRP C 291 21.98 21.80 -56.13
CA TRP C 291 23.32 22.36 -56.00
C TRP C 291 24.03 21.60 -54.89
N ALA C 292 25.27 22.00 -54.60
CA ALA C 292 26.11 21.20 -53.73
C ALA C 292 25.62 21.21 -52.29
N GLU C 293 25.88 20.11 -51.57
CA GLU C 293 25.45 20.02 -50.18
C GLU C 293 25.96 21.18 -49.33
N ASN C 294 27.16 21.68 -49.62
CA ASN C 294 27.83 22.65 -48.77
C ASN C 294 27.70 24.07 -49.29
N LEU C 295 26.85 24.29 -50.30
CA LEU C 295 26.65 25.63 -50.85
C LEU C 295 26.40 26.66 -49.76
N SER C 296 27.03 27.82 -49.89
CA SER C 296 26.97 28.83 -48.84
C SER C 296 25.68 29.64 -48.93
N GLY C 297 25.28 30.20 -47.79
CA GLY C 297 24.13 31.07 -47.74
C GLY C 297 24.26 32.30 -48.61
N THR C 298 25.48 32.81 -48.77
CA THR C 298 25.70 34.03 -49.55
C THR C 298 26.24 33.78 -50.95
N SER C 299 26.27 32.51 -51.36
CA SER C 299 26.55 32.10 -52.73
C SER C 299 25.92 32.99 -53.78
N ASP C 300 26.50 33.06 -54.97
CA ASP C 300 25.79 33.62 -56.11
C ASP C 300 24.61 32.75 -56.51
N THR C 301 24.80 31.43 -56.53
CA THR C 301 23.73 30.51 -56.90
C THR C 301 22.50 30.69 -56.02
N TYR C 302 22.70 30.72 -54.70
CA TYR C 302 21.54 30.75 -53.84
C TYR C 302 20.86 32.11 -53.90
N ILE C 303 21.62 33.18 -54.09
CA ILE C 303 20.94 34.45 -54.17
C ILE C 303 20.21 34.56 -55.50
N HIS C 304 20.76 33.98 -56.55
CA HIS C 304 20.05 33.99 -57.82
C HIS C 304 18.76 33.20 -57.72
N PHE C 305 18.73 32.16 -56.90
CA PHE C 305 17.46 31.48 -56.70
C PHE C 305 16.53 32.28 -55.80
N LEU C 306 17.04 32.92 -54.75
CA LEU C 306 16.14 33.70 -53.90
C LEU C 306 15.52 34.86 -54.67
N LYS C 307 16.27 35.47 -55.60
CA LYS C 307 15.73 36.53 -56.44
C LYS C 307 14.51 36.06 -57.25
N GLN C 308 14.42 34.77 -57.59
CA GLN C 308 13.26 34.26 -58.34
C GLN C 308 12.18 33.68 -57.43
N TYR C 309 12.59 33.02 -56.33
CA TYR C 309 11.64 32.37 -55.44
C TYR C 309 10.84 33.39 -54.64
N LEU C 310 11.50 34.40 -54.06
CA LEU C 310 10.78 35.28 -53.14
C LEU C 310 9.65 36.06 -53.78
N PRO C 311 9.76 36.57 -55.01
CA PRO C 311 8.59 37.18 -55.66
C PRO C 311 7.48 36.18 -56.00
N GLN C 312 7.82 34.92 -56.31
CA GLN C 312 6.79 33.91 -56.52
C GLN C 312 6.06 33.60 -55.21
N LEU C 313 6.81 33.52 -54.11
CA LEU C 313 6.19 33.40 -52.79
C LEU C 313 5.23 34.56 -52.52
N HIS C 314 5.70 35.79 -52.78
CA HIS C 314 4.86 36.96 -52.55
C HIS C 314 3.59 36.88 -53.39
N ARG C 315 3.71 36.45 -54.65
CA ARG C 315 2.51 36.30 -55.49
C ARG C 315 1.56 35.26 -54.92
N PHE C 316 2.09 34.12 -54.49
CA PHE C 316 1.24 33.08 -53.93
C PHE C 316 0.52 33.58 -52.68
N LEU C 317 1.26 34.20 -51.76
CA LEU C 317 0.70 34.70 -50.52
C LEU C 317 -0.40 35.71 -50.80
N LEU C 318 -0.21 36.59 -51.77
CA LEU C 318 -1.27 37.49 -52.16
C LEU C 318 -2.47 36.71 -52.67
N LYS C 319 -2.25 35.79 -53.60
CA LYS C 319 -3.35 35.08 -54.21
C LYS C 319 -4.19 34.39 -53.16
N GLU C 320 -3.56 33.82 -52.14
CA GLU C 320 -4.21 32.98 -51.17
C GLU C 320 -4.58 33.73 -49.89
N ASN C 321 -4.31 35.04 -49.85
CA ASN C 321 -4.67 35.88 -48.72
C ASN C 321 -3.97 35.40 -47.44
N LEU C 322 -2.62 35.28 -47.52
CA LEU C 322 -1.81 34.70 -46.45
C LEU C 322 -0.67 35.54 -45.90
N LEU C 323 -0.38 36.73 -46.46
CA LEU C 323 0.76 37.48 -45.94
C LEU C 323 0.62 37.77 -44.46
N SER C 324 -0.42 38.51 -44.08
CA SER C 324 -0.55 38.96 -42.72
C SER C 324 -0.82 37.79 -41.77
N ASP C 325 -1.11 36.61 -42.29
CA ASP C 325 -1.39 35.46 -41.45
C ASP C 325 -0.25 34.45 -41.45
N SER C 326 0.94 34.87 -41.85
CA SER C 326 2.08 33.98 -41.97
C SER C 326 3.21 34.43 -41.06
N TYR C 327 3.86 33.46 -40.46
CA TYR C 327 5.08 33.68 -39.71
C TYR C 327 6.22 33.13 -40.57
N PHE C 328 7.34 33.83 -40.62
CA PHE C 328 8.45 33.43 -41.47
C PHE C 328 9.71 33.29 -40.63
N HIS C 329 10.55 32.35 -41.03
CA HIS C 329 11.79 32.03 -40.37
C HIS C 329 12.95 32.31 -41.30
N LEU C 330 14.06 32.76 -40.72
CA LEU C 330 15.32 32.95 -41.41
C LEU C 330 16.24 31.80 -41.02
N SER C 331 16.82 31.86 -39.84
CA SER C 331 17.64 30.74 -39.37
C SER C 331 17.75 30.83 -37.86
N ASP C 332 18.04 29.70 -37.22
CA ASP C 332 18.04 29.62 -35.77
C ASP C 332 19.41 29.89 -35.16
N GLU C 333 19.37 30.36 -33.92
CA GLU C 333 20.47 30.47 -32.95
C GLU C 333 21.85 30.69 -33.56
N PRO C 334 22.17 31.90 -33.99
CA PRO C 334 23.56 32.26 -34.26
C PRO C 334 24.25 32.62 -32.96
N TRP C 335 25.40 32.03 -32.69
CA TRP C 335 26.16 32.48 -31.52
C TRP C 335 26.60 33.93 -31.78
N SER C 336 27.34 34.54 -30.84
CA SER C 336 27.86 35.89 -31.08
C SER C 336 28.68 35.95 -32.35
N GLU C 337 29.63 35.03 -32.51
CA GLU C 337 30.50 35.01 -33.68
C GLU C 337 29.71 34.94 -34.99
N HIS C 338 28.67 34.08 -35.05
CA HIS C 338 27.86 33.92 -36.25
C HIS C 338 27.06 35.17 -36.60
N VAL C 339 26.98 36.15 -35.70
CA VAL C 339 26.00 37.24 -35.85
C VAL C 339 26.08 37.86 -37.24
N GLU C 340 27.29 38.12 -37.76
CA GLU C 340 27.38 38.78 -39.05
C GLU C 340 26.85 37.92 -40.20
N ASN C 341 27.07 36.60 -40.18
CA ASN C 341 26.31 35.70 -41.04
C ASN C 341 24.85 36.15 -41.08
N TYR C 342 24.19 36.09 -39.91
CA TYR C 342 22.76 36.37 -39.87
C TYR C 342 22.48 37.80 -40.30
N LYS C 343 23.31 38.77 -39.90
CA LYS C 343 23.08 40.13 -40.36
C LYS C 343 23.08 40.16 -41.88
N LYS C 344 24.09 39.54 -42.50
CA LYS C 344 24.17 39.59 -43.96
C LYS C 344 22.92 38.97 -44.57
N ALA C 345 22.51 37.79 -44.08
CA ALA C 345 21.30 37.16 -44.61
C ALA C 345 20.10 38.07 -44.42
N ARG C 346 19.99 38.68 -43.24
CA ARG C 346 18.82 39.51 -43.00
C ARG C 346 18.78 40.64 -44.00
N ASN C 347 19.92 41.27 -44.30
CA ASN C 347 19.90 42.39 -45.24
C ASN C 347 19.48 41.91 -46.62
N ILE C 348 19.91 40.72 -47.00
CA ILE C 348 19.47 40.20 -48.29
C ILE C 348 17.94 40.14 -48.32
N LEU C 349 17.32 39.58 -47.27
CA LEU C 349 15.85 39.56 -47.23
C LEU C 349 15.26 40.98 -47.29
N ARG C 350 15.83 41.96 -46.55
CA ARG C 350 15.29 43.31 -46.65
C ARG C 350 15.34 43.82 -48.08
N GLN C 351 16.41 43.46 -48.82
CA GLN C 351 16.55 43.91 -50.20
C GLN C 351 15.55 43.20 -51.09
N LEU C 352 15.32 41.92 -50.84
CA LEU C 352 14.57 41.14 -51.82
C LEU C 352 13.11 40.93 -51.43
N ALA C 353 12.77 41.10 -50.16
CA ALA C 353 11.44 40.83 -49.63
C ALA C 353 11.20 41.74 -48.42
N PRO C 354 11.20 43.05 -48.64
CA PRO C 354 10.96 43.99 -47.51
C PRO C 354 9.65 43.75 -46.82
N TRP C 355 8.72 43.09 -47.52
CA TRP C 355 7.44 42.74 -46.96
C TRP C 355 7.54 41.68 -45.87
N MET C 356 8.62 40.90 -45.86
CA MET C 356 8.71 39.72 -45.02
C MET C 356 9.32 40.09 -43.66
N LYS C 357 8.55 39.89 -42.61
CA LYS C 357 9.04 40.00 -41.25
C LYS C 357 9.35 38.58 -40.74
N VAL C 358 10.39 38.49 -39.94
CA VAL C 358 10.98 37.21 -39.56
C VAL C 358 10.90 37.00 -38.06
N MET C 359 10.81 35.73 -37.66
CA MET C 359 10.91 35.37 -36.26
C MET C 359 11.81 34.17 -36.12
N ASP C 360 12.68 34.20 -35.12
CA ASP C 360 13.65 33.16 -34.95
C ASP C 360 14.07 33.05 -33.50
N ALA C 361 14.47 31.84 -33.14
CA ALA C 361 15.14 31.57 -31.88
C ALA C 361 16.42 32.38 -31.81
N LEU C 362 16.38 33.49 -31.07
CA LEU C 362 17.58 34.21 -30.65
C LEU C 362 17.51 34.26 -29.14
N SER C 363 18.35 33.46 -28.50
CA SER C 363 18.35 33.45 -27.04
C SER C 363 19.33 34.45 -26.44
N ASP C 364 20.25 35.01 -27.23
CA ASP C 364 21.13 36.09 -26.80
C ASP C 364 20.36 37.41 -26.85
N VAL C 365 20.14 38.02 -25.68
CA VAL C 365 19.28 39.21 -25.63
C VAL C 365 19.99 40.41 -26.23
N ARG C 366 21.31 40.50 -26.05
CA ARG C 366 22.09 41.61 -26.61
C ARG C 366 22.11 41.60 -28.14
N TYR C 367 21.79 40.47 -28.78
CA TYR C 367 21.70 40.40 -30.23
C TYR C 367 20.26 40.13 -30.69
N GLY C 368 19.27 40.41 -29.83
CA GLY C 368 17.87 40.47 -30.24
C GLY C 368 17.33 41.85 -29.91
N ARG C 369 18.02 42.49 -28.97
CA ARG C 369 17.94 43.93 -28.74
C ARG C 369 18.45 44.74 -29.93
N GLU C 370 19.50 44.26 -30.62
CA GLU C 370 20.08 44.93 -31.78
C GLU C 370 19.18 44.88 -33.02
N GLN C 371 17.96 44.30 -32.93
CA GLN C 371 16.99 44.20 -34.03
C GLN C 371 17.28 43.11 -35.06
N LEU C 372 18.25 42.20 -34.84
CA LEU C 372 18.58 41.25 -35.91
C LEU C 372 17.31 40.68 -36.52
N THR C 373 16.43 40.12 -35.67
CA THR C 373 15.15 39.58 -36.07
C THR C 373 14.04 40.57 -35.75
N ASP C 374 12.84 40.27 -36.24
CA ASP C 374 11.67 41.10 -36.01
C ASP C 374 10.85 40.62 -34.81
N ILE C 375 10.72 39.32 -34.64
CA ILE C 375 10.04 38.78 -33.46
C ILE C 375 10.91 37.68 -32.85
N PRO C 376 11.55 37.92 -31.71
CA PRO C 376 12.47 36.92 -31.20
C PRO C 376 11.78 35.83 -30.40
N ILE C 377 12.44 34.68 -30.38
CA ILE C 377 11.94 33.51 -29.68
C ILE C 377 13.06 33.00 -28.77
N PRO C 378 13.30 33.63 -27.64
CA PRO C 378 14.27 33.05 -26.70
C PRO C 378 13.82 31.71 -26.15
N ILE C 379 14.81 30.87 -25.85
CA ILE C 379 14.53 29.71 -25.04
C ILE C 379 14.08 30.20 -23.66
N ILE C 380 13.31 29.39 -22.96
CA ILE C 380 12.67 29.88 -21.74
C ILE C 380 13.70 30.37 -20.72
N SER C 381 14.88 29.75 -20.68
CA SER C 381 15.90 30.17 -19.73
C SER C 381 16.48 31.53 -20.08
N SER C 382 16.20 32.08 -21.26
CA SER C 382 16.56 33.46 -21.57
C SER C 382 15.40 34.44 -21.46
N ASP C 383 14.17 33.94 -21.26
CA ASP C 383 13.00 34.80 -21.11
C ASP C 383 13.23 35.95 -20.12
N GLU C 384 13.74 35.65 -18.93
CA GLU C 384 13.92 36.71 -17.92
C GLU C 384 14.68 37.91 -18.50
N ALA C 385 15.78 37.66 -19.22
CA ALA C 385 16.56 38.79 -19.74
C ALA C 385 15.70 39.62 -20.70
N TYR C 386 15.03 38.95 -21.62
CA TYR C 386 14.15 39.65 -22.54
C TYR C 386 13.06 40.42 -21.80
N ARG C 387 12.63 39.98 -20.62
CA ARG C 387 11.58 40.71 -19.93
C ARG C 387 12.12 41.95 -19.22
N LYS C 388 13.39 41.95 -18.79
CA LYS C 388 13.91 43.13 -18.11
C LYS C 388 14.20 44.25 -19.10
N GLU C 389 14.57 43.88 -20.34
CA GLU C 389 14.60 44.76 -21.49
C GLU C 389 13.20 45.16 -21.95
N GLN C 390 12.17 44.53 -21.39
CA GLN C 390 10.80 44.49 -21.93
C GLN C 390 10.68 44.55 -23.46
N ILE C 391 11.27 43.53 -24.09
CA ILE C 391 11.14 43.24 -25.51
C ILE C 391 10.05 42.19 -25.70
N PRO C 392 9.02 42.43 -26.50
CA PRO C 392 8.03 41.39 -26.76
C PRO C 392 8.61 40.20 -27.50
N HIS C 393 8.15 38.99 -27.13
CA HIS C 393 8.77 37.76 -27.61
C HIS C 393 7.88 36.54 -27.39
N TRP C 394 8.18 35.49 -28.18
CA TRP C 394 7.77 34.10 -28.01
C TRP C 394 8.77 33.38 -27.13
N VAL C 395 8.46 32.16 -26.72
CA VAL C 395 9.41 31.33 -25.97
C VAL C 395 9.37 29.94 -26.58
N TYR C 396 10.48 29.21 -26.49
CA TYR C 396 10.43 27.78 -26.83
C TYR C 396 11.21 26.98 -25.80
N PHE C 397 11.11 25.66 -25.90
CA PHE C 397 11.94 24.77 -25.09
C PHE C 397 12.02 23.50 -25.91
N CYS C 398 13.05 22.70 -25.63
CA CYS C 398 13.36 21.50 -26.43
C CYS C 398 13.99 20.45 -25.48
N THR C 399 15.08 19.73 -25.86
CA THR C 399 15.68 18.82 -24.86
C THR C 399 16.07 19.58 -23.62
N GLY C 400 16.38 20.85 -23.77
CA GLY C 400 16.65 21.70 -22.64
C GLY C 400 15.84 22.97 -22.73
N PRO C 401 15.91 23.78 -21.65
CA PRO C 401 16.69 23.46 -20.45
C PRO C 401 16.06 22.36 -19.57
N ARG C 402 16.71 21.94 -18.47
CA ARG C 402 16.14 20.88 -17.64
C ARG C 402 16.13 21.26 -16.16
N ASN C 403 16.42 20.29 -15.29
CA ASN C 403 16.31 20.43 -13.85
C ASN C 403 15.06 21.23 -13.46
N LYS C 404 15.22 22.36 -12.76
CA LYS C 404 14.08 23.13 -12.27
C LYS C 404 13.19 23.71 -13.39
N TRP C 405 13.64 23.72 -14.64
CA TRP C 405 12.93 24.42 -15.73
C TRP C 405 11.72 23.65 -16.24
N LEU C 406 10.72 24.41 -16.67
CA LEU C 406 9.59 23.83 -17.37
C LEU C 406 10.09 22.99 -18.56
N ASN C 407 9.40 21.89 -18.83
CA ASN C 407 9.69 21.03 -19.99
C ASN C 407 8.60 19.96 -20.05
N ARG C 408 8.74 19.03 -21.00
CA ARG C 408 7.65 18.13 -21.34
C ARG C 408 8.15 16.70 -21.50
N LEU C 409 9.05 16.31 -20.63
CA LEU C 409 9.75 15.06 -20.87
C LEU C 409 8.99 13.88 -20.25
N TYR C 410 9.47 12.69 -20.61
CA TYR C 410 8.92 11.48 -20.02
C TYR C 410 8.97 11.53 -18.50
N ASP C 411 10.01 12.13 -17.93
CA ASP C 411 10.13 12.17 -16.46
C ASP C 411 9.91 13.57 -15.88
N THR C 412 9.22 14.44 -16.62
CA THR C 412 8.72 15.70 -16.09
C THR C 412 7.39 15.52 -15.36
N PRO C 413 7.29 15.85 -14.07
CA PRO C 413 6.03 15.60 -13.34
C PRO C 413 4.86 16.34 -13.96
N LEU C 414 3.72 15.70 -13.97
CA LEU C 414 2.63 16.31 -14.70
C LEU C 414 2.14 17.64 -14.12
N PRO C 415 2.13 17.89 -12.79
CA PRO C 415 1.69 19.23 -12.33
C PRO C 415 2.60 20.33 -12.83
N LYS C 416 3.90 20.03 -12.92
CA LYS C 416 4.87 20.94 -13.53
C LYS C 416 4.48 21.24 -14.98
N LEU C 417 4.23 20.20 -15.77
CA LEU C 417 3.85 20.40 -17.18
C LEU C 417 2.55 21.18 -17.29
N ARG C 418 1.61 20.86 -16.41
CA ARG C 418 0.33 21.53 -16.37
C ARG C 418 0.49 23.02 -16.08
N MET C 419 1.61 23.44 -15.49
CA MET C 419 1.82 24.90 -15.31
C MET C 419 2.20 25.67 -16.60
N SER C 420 2.41 25.01 -17.76
CA SER C 420 2.93 25.73 -18.93
C SER C 420 2.12 26.96 -19.29
N GLY C 421 0.81 26.81 -19.45
CA GLY C 421 0.00 27.93 -19.89
C GLY C 421 -0.13 29.03 -18.84
N TRP C 422 -0.11 28.65 -17.55
CA TRP C 422 -0.06 29.66 -16.49
C TRP C 422 1.19 30.50 -16.65
N LEU C 423 2.31 29.86 -17.00
CA LEU C 423 3.56 30.60 -17.15
C LEU C 423 3.50 31.45 -18.41
N PHE C 424 3.05 30.87 -19.52
CA PHE C 424 2.86 31.63 -20.75
C PHE C 424 2.04 32.89 -20.50
N TYR C 425 0.97 32.76 -19.72
CA TYR C 425 0.03 33.84 -19.47
C TYR C 425 0.63 34.91 -18.57
N LYS C 426 1.15 34.48 -17.42
CA LYS C 426 1.62 35.44 -16.42
C LYS C 426 2.86 36.16 -16.92
N LEU C 427 3.75 35.45 -17.63
CA LEU C 427 4.97 36.04 -18.15
C LEU C 427 4.77 36.64 -19.54
N LYS C 428 3.54 36.65 -20.03
CA LYS C 428 3.16 37.44 -21.20
C LYS C 428 3.96 37.06 -22.44
N ALA C 429 4.17 35.78 -22.66
CA ALA C 429 4.71 35.36 -23.94
C ALA C 429 3.72 35.68 -25.04
N LEU C 430 4.23 36.03 -26.22
CA LEU C 430 3.39 36.14 -27.40
C LEU C 430 2.97 34.79 -27.95
N GLY C 431 3.74 33.75 -27.67
CA GLY C 431 3.49 32.45 -28.26
C GLY C 431 4.53 31.45 -27.82
N PHE C 432 4.32 30.20 -28.23
CA PHE C 432 5.13 29.05 -27.87
C PHE C 432 5.37 28.22 -29.10
N LEU C 433 6.61 27.75 -29.26
CA LEU C 433 7.04 27.00 -30.43
C LEU C 433 7.69 25.73 -29.92
N HIS C 434 7.49 24.60 -30.61
CA HIS C 434 8.18 23.37 -30.22
C HIS C 434 8.44 22.49 -31.44
N TRP C 435 9.57 21.78 -31.41
CA TRP C 435 10.08 21.10 -32.60
C TRP C 435 9.54 19.68 -32.76
N GLY C 436 8.94 19.12 -31.71
CA GLY C 436 8.77 17.71 -31.54
C GLY C 436 7.36 17.27 -31.23
N TYR C 437 6.52 17.35 -32.25
CA TYR C 437 5.20 16.77 -32.19
C TYR C 437 5.23 15.30 -32.56
N ASN C 438 5.74 14.97 -33.75
CA ASN C 438 5.75 13.60 -34.21
C ASN C 438 7.10 13.25 -34.89
N PHE C 439 8.21 13.57 -34.22
CA PHE C 439 9.51 13.22 -34.78
C PHE C 439 9.80 11.82 -34.29
N TRP C 440 9.24 10.89 -35.04
CA TRP C 440 9.12 9.47 -34.73
C TRP C 440 10.31 8.66 -35.21
N TYR C 441 11.19 9.25 -36.01
CA TYR C 441 12.19 8.43 -36.66
C TYR C 441 13.54 8.69 -36.02
N THR C 442 14.58 8.12 -36.64
CA THR C 442 15.95 8.16 -36.15
C THR C 442 16.53 9.54 -36.39
N LEU C 443 17.08 10.15 -35.36
CA LEU C 443 17.48 11.54 -35.48
C LEU C 443 18.46 11.77 -36.66
N ASP C 444 18.08 12.68 -37.56
CA ASP C 444 18.93 13.15 -38.66
C ASP C 444 19.34 12.03 -39.62
N LYS C 445 18.45 11.08 -39.86
CA LYS C 445 18.71 9.97 -40.78
C LYS C 445 17.39 9.56 -41.38
N GLU C 446 17.43 9.11 -42.63
CA GLU C 446 16.24 8.66 -43.37
C GLU C 446 15.99 7.19 -43.05
N GLN C 447 15.59 6.97 -41.83
CA GLN C 447 15.52 5.63 -41.26
C GLN C 447 14.41 5.61 -40.22
N PRO C 448 13.34 4.85 -40.41
CA PRO C 448 12.27 4.90 -39.42
C PRO C 448 12.78 4.44 -38.07
N GLY C 449 12.05 4.83 -37.04
CA GLY C 449 12.34 4.40 -35.69
C GLY C 449 11.21 3.55 -35.14
N ASP C 450 11.10 3.43 -33.81
CA ASP C 450 9.96 2.77 -33.19
C ASP C 450 9.51 3.53 -31.95
N PRO C 451 8.61 4.51 -32.11
CA PRO C 451 8.22 5.33 -30.97
C PRO C 451 7.66 4.55 -29.80
N PHE C 452 7.22 3.31 -29.99
CA PHE C 452 6.68 2.54 -28.86
C PHE C 452 7.75 1.92 -27.99
N THR C 453 9.00 1.85 -28.46
CA THR C 453 10.12 1.35 -27.65
C THR C 453 11.27 2.34 -27.54
N GLU C 454 11.25 3.47 -28.26
CA GLU C 454 12.35 4.44 -28.25
C GLU C 454 11.79 5.87 -28.19
N GLY C 455 12.10 6.59 -27.12
CA GLY C 455 11.50 7.87 -26.90
C GLY C 455 12.43 9.04 -27.09
N ALA C 456 13.66 8.81 -27.52
CA ALA C 456 14.57 9.92 -27.69
C ALA C 456 15.26 9.87 -29.05
N ALA C 457 14.56 9.34 -30.05
CA ALA C 457 15.08 9.34 -31.42
C ALA C 457 16.46 8.69 -31.53
N TYR C 458 16.76 7.74 -30.63
CA TYR C 458 18.02 6.98 -30.60
C TYR C 458 19.24 7.87 -30.29
N ALA C 459 19.04 9.01 -29.64
CA ALA C 459 20.06 10.03 -29.43
C ALA C 459 20.20 10.38 -27.95
N TYR C 460 19.83 9.51 -27.08
CA TYR C 460 19.98 9.86 -25.68
C TYR C 460 21.43 9.78 -25.25
N PRO C 461 21.86 10.67 -24.33
CA PRO C 461 21.06 11.62 -23.54
C PRO C 461 20.95 13.03 -24.08
N GLY C 462 21.67 13.34 -25.15
CA GLY C 462 21.53 14.65 -25.78
C GLY C 462 20.10 14.98 -26.14
N ILE C 463 19.38 14.02 -26.74
CA ILE C 463 17.92 14.10 -26.85
C ILE C 463 17.30 13.38 -25.65
N ALA C 464 16.45 14.10 -24.91
CA ALA C 464 15.75 13.57 -23.75
C ALA C 464 14.59 12.70 -24.19
N TYR C 465 14.37 11.62 -23.45
CA TYR C 465 13.15 10.85 -23.63
C TYR C 465 11.94 11.74 -23.43
N GLY C 466 11.05 11.78 -24.43
CA GLY C 466 9.88 12.62 -24.36
C GLY C 466 10.02 13.89 -25.18
N ASP C 467 11.23 14.23 -25.61
CA ASP C 467 11.46 15.46 -26.36
C ASP C 467 11.01 15.39 -27.82
N PRO C 468 11.21 14.27 -28.53
CA PRO C 468 10.89 14.25 -29.96
C PRO C 468 9.42 14.17 -30.29
N PHE C 469 8.55 13.66 -29.41
CA PHE C 469 7.18 13.44 -29.89
C PHE C 469 6.23 13.34 -28.71
N VAL C 470 5.05 13.93 -28.87
CA VAL C 470 4.00 13.87 -27.87
C VAL C 470 2.84 13.00 -28.28
N VAL C 471 2.83 12.51 -29.52
CA VAL C 471 1.81 11.60 -30.03
C VAL C 471 2.52 10.39 -30.59
N TYR C 472 1.77 9.30 -30.74
CA TYR C 472 2.36 8.11 -31.30
C TYR C 472 1.67 7.77 -32.61
N PRO C 473 2.33 7.02 -33.52
CA PRO C 473 1.69 6.68 -34.81
C PRO C 473 0.62 5.60 -34.64
N GLY C 474 -0.62 5.96 -34.92
CA GLY C 474 -1.71 5.03 -34.90
C GLY C 474 -2.09 4.64 -36.30
N PRO C 475 -2.91 3.60 -36.45
CA PRO C 475 -3.20 3.05 -37.80
C PRO C 475 -3.79 4.02 -38.77
N ASP C 476 -4.56 5.00 -38.27
CA ASP C 476 -5.29 5.98 -39.08
C ASP C 476 -4.97 7.42 -38.70
N GLY C 477 -3.92 7.66 -37.90
CA GLY C 477 -3.59 8.98 -37.43
C GLY C 477 -2.95 8.84 -36.07
N PRO C 478 -2.79 9.95 -35.36
CA PRO C 478 -2.07 9.92 -34.09
C PRO C 478 -2.92 9.38 -32.95
N TYR C 479 -2.23 8.64 -32.08
CA TYR C 479 -2.65 8.35 -30.73
C TYR C 479 -2.14 9.45 -29.81
N ASP C 480 -3.00 9.92 -28.92
CA ASP C 480 -2.62 10.92 -27.94
C ASP C 480 -1.71 10.33 -26.86
N SER C 481 -1.04 11.20 -26.13
CA SER C 481 -0.31 10.80 -24.93
C SER C 481 -0.82 11.55 -23.70
N ILE C 482 -0.48 11.03 -22.50
CA ILE C 482 -0.82 11.73 -21.27
C ILE C 482 -0.23 13.13 -21.29
N ARG C 483 1.04 13.23 -21.66
CA ARG C 483 1.69 14.54 -21.74
C ARG C 483 0.89 15.48 -22.61
N TRP C 484 0.40 14.98 -23.75
CA TRP C 484 -0.31 15.83 -24.70
C TRP C 484 -1.66 16.25 -24.13
N GLU C 485 -2.33 15.36 -23.40
CA GLU C 485 -3.61 15.78 -22.83
C GLU C 485 -3.40 16.83 -21.74
N VAL C 486 -2.35 16.66 -20.94
CA VAL C 486 -2.08 17.61 -19.86
C VAL C 486 -1.66 18.97 -20.43
N PHE C 487 -0.77 18.97 -21.43
CA PHE C 487 -0.33 20.22 -22.05
C PHE C 487 -1.51 20.94 -22.69
N SER C 488 -2.40 20.18 -23.32
CA SER C 488 -3.60 20.76 -23.87
C SER C 488 -4.46 21.38 -22.79
N GLU C 489 -4.61 20.68 -21.67
CA GLU C 489 -5.41 21.21 -20.58
C GLU C 489 -4.75 22.44 -19.98
N SER C 490 -3.43 22.54 -20.09
CA SER C 490 -2.69 23.70 -19.61
C SER C 490 -2.92 24.92 -20.51
N LEU C 491 -2.98 24.70 -21.83
CA LEU C 491 -3.39 25.79 -22.73
C LEU C 491 -4.83 26.20 -22.47
N GLN C 492 -5.68 25.24 -22.19
CA GLN C 492 -7.03 25.61 -21.78
C GLN C 492 -7.02 26.44 -20.50
N ASP C 493 -6.13 26.14 -19.55
CA ASP C 493 -6.08 26.98 -18.37
C ASP C 493 -5.70 28.41 -18.77
N TYR C 494 -4.89 28.56 -19.81
CA TYR C 494 -4.61 29.93 -20.27
C TYR C 494 -5.88 30.60 -20.76
N ALA C 495 -6.72 29.85 -21.45
CA ALA C 495 -8.02 30.41 -21.81
C ALA C 495 -8.91 30.70 -20.59
N ILE C 496 -8.81 29.91 -19.50
CA ILE C 496 -9.61 30.20 -18.32
C ILE C 496 -9.21 31.54 -17.71
N LEU C 497 -7.90 31.73 -17.47
CA LEU C 497 -7.41 33.02 -16.97
C LEU C 497 -7.84 34.18 -17.86
N GLN C 498 -7.79 34.00 -19.19
CA GLN C 498 -8.16 35.07 -20.10
C GLN C 498 -9.66 35.36 -20.01
N SER C 499 -10.48 34.31 -20.11
CA SER C 499 -11.92 34.47 -20.15
C SER C 499 -12.49 35.00 -18.85
N ALA C 500 -11.87 34.66 -17.72
CA ALA C 500 -12.33 35.15 -16.43
C ALA C 500 -11.83 36.56 -16.11
N GLY C 501 -10.94 37.13 -16.93
CA GLY C 501 -10.43 38.46 -16.71
C GLY C 501 -9.29 38.60 -15.71
N ILE C 502 -8.60 37.51 -15.38
CA ILE C 502 -7.50 37.57 -14.43
C ILE C 502 -6.31 38.22 -15.11
N GLN C 503 -5.80 39.19 -14.49
CA GLN C 503 -4.67 39.91 -15.05
C GLN C 503 -3.35 39.24 -14.68
N PRO C 504 -2.33 39.24 -15.56
CA PRO C 504 -1.03 38.63 -15.20
C PRO C 504 -0.47 39.11 -13.89
N GLU C 505 -0.78 40.36 -13.54
CA GLU C 505 -0.32 41.02 -12.32
C GLU C 505 -1.19 40.66 -11.13
N ASP C 506 -2.22 39.85 -11.35
CA ASP C 506 -3.12 39.53 -10.25
C ASP C 506 -2.32 38.84 -9.15
N PRO C 507 -2.54 39.22 -7.89
CA PRO C 507 -1.80 38.57 -6.79
C PRO C 507 -1.87 37.04 -6.78
N MET C 508 -2.96 36.41 -7.26
CA MET C 508 -3.02 34.95 -7.21
C MET C 508 -1.95 34.29 -8.08
N LEU C 509 -1.30 35.04 -8.97
CA LEU C 509 -0.29 34.53 -9.89
C LEU C 509 1.10 35.06 -9.55
N ALA C 510 1.28 35.65 -8.38
CA ALA C 510 2.51 36.39 -8.18
C ALA C 510 3.72 35.50 -7.93
N ALA C 511 3.52 34.25 -7.52
CA ALA C 511 4.61 33.30 -7.30
C ALA C 511 5.17 32.73 -8.60
N LEU C 512 4.50 32.94 -9.72
CA LEU C 512 5.05 32.55 -11.00
C LEU C 512 6.14 33.55 -11.38
N HIS C 513 7.36 33.31 -10.94
CA HIS C 513 8.39 34.31 -11.16
C HIS C 513 9.14 34.11 -12.47
N THR C 514 9.54 32.88 -12.78
CA THR C 514 10.23 32.59 -14.03
C THR C 514 9.78 31.25 -14.56
N TYR C 515 10.26 30.88 -15.79
CA TYR C 515 10.03 29.50 -16.24
C TYR C 515 10.85 28.47 -15.39
N GLU C 516 11.49 28.93 -14.32
CA GLU C 516 12.21 28.07 -13.38
C GLU C 516 11.64 28.13 -11.96
N ASP C 517 11.26 29.32 -11.49
CA ASP C 517 10.83 29.60 -10.12
C ASP C 517 9.32 29.81 -10.12
N PHE C 518 8.56 28.78 -9.71
CA PHE C 518 7.12 28.79 -9.96
C PHE C 518 6.51 27.60 -9.22
N PRO C 519 5.30 27.71 -8.70
CA PRO C 519 4.69 26.57 -8.03
C PRO C 519 4.39 25.45 -9.01
N ARG C 520 4.46 24.21 -8.49
CA ARG C 520 4.38 23.01 -9.32
C ARG C 520 3.74 21.88 -8.55
N SER C 521 2.74 22.18 -7.74
CA SER C 521 1.99 21.17 -7.04
C SER C 521 0.59 21.08 -7.61
N GLU C 522 0.02 19.88 -7.56
CA GLU C 522 -1.38 19.76 -7.93
C GLU C 522 -2.26 20.60 -7.02
N GLN C 523 -1.86 20.80 -5.75
CA GLN C 523 -2.70 21.57 -4.83
C GLN C 523 -2.84 23.03 -5.29
N TRP C 524 -1.72 23.67 -5.68
CA TRP C 524 -1.77 25.06 -6.16
C TRP C 524 -2.70 25.20 -7.37
N ILE C 525 -2.55 24.31 -8.35
CA ILE C 525 -3.42 24.33 -9.53
C ILE C 525 -4.88 24.23 -9.10
N ASN C 526 -5.21 23.22 -8.30
CA ASN C 526 -6.62 23.02 -7.96
C ASN C 526 -7.18 24.21 -7.17
N GLU C 527 -6.44 24.71 -6.19
CA GLU C 527 -6.99 25.79 -5.39
C GLU C 527 -7.12 27.09 -6.17
N THR C 528 -6.15 27.39 -7.03
CA THR C 528 -6.27 28.61 -7.80
C THR C 528 -7.43 28.54 -8.77
N LEU C 529 -7.63 27.37 -9.42
CA LEU C 529 -8.80 27.24 -10.28
C LEU C 529 -10.10 27.33 -9.46
N LYS C 530 -10.13 26.76 -8.25
CA LYS C 530 -11.35 26.86 -7.45
C LYS C 530 -11.72 28.32 -7.19
N LYS C 531 -10.73 29.15 -6.83
CA LYS C 531 -10.99 30.59 -6.70
C LYS C 531 -11.57 31.18 -8.00
N ILE C 532 -10.84 30.98 -9.12
CA ILE C 532 -11.26 31.59 -10.39
C ILE C 532 -12.67 31.15 -10.76
N LEU C 533 -12.92 29.85 -10.71
CA LEU C 533 -14.15 29.26 -11.24
C LEU C 533 -15.35 29.50 -10.32
N GLU C 534 -15.17 29.55 -9.00
CA GLU C 534 -16.32 29.79 -8.16
C GLU C 534 -16.61 31.28 -7.99
N LYS C 535 -15.69 32.20 -8.39
CA LYS C 535 -16.06 33.62 -8.36
C LYS C 535 -17.08 33.94 -9.45
N ALA C 536 -16.82 33.50 -10.70
CA ALA C 536 -17.87 33.35 -11.73
C ALA C 536 -18.82 34.57 -11.84
N ASP D 1 7.75 -1.55 -0.08
CA ASP D 1 7.75 -2.81 0.66
C ASP D 1 8.76 -2.91 1.82
N ALA D 2 9.35 -1.78 2.23
CA ALA D 2 10.44 -1.79 3.20
C ALA D 2 10.00 -2.25 4.58
N PRO D 3 10.87 -2.92 5.32
CA PRO D 3 10.52 -3.36 6.68
C PRO D 3 10.03 -2.25 7.60
N MET D 4 10.64 -1.06 7.53
CA MET D 4 10.22 0.08 8.35
C MET D 4 10.23 1.33 7.51
N ALA D 5 9.11 2.04 7.43
CA ALA D 5 9.05 3.34 6.77
C ALA D 5 9.17 4.46 7.80
N VAL D 6 9.88 5.55 7.43
CA VAL D 6 9.93 6.76 8.25
C VAL D 6 9.88 7.97 7.32
N TRP D 7 9.08 8.98 7.67
CA TRP D 7 8.97 10.16 6.81
C TRP D 7 8.68 11.38 7.66
N LEU D 8 8.80 12.56 7.06
CA LEU D 8 8.52 13.82 7.73
C LEU D 8 7.19 14.35 7.23
N GLN D 9 6.51 15.12 8.09
CA GLN D 9 5.19 15.61 7.76
C GLN D 9 4.94 16.88 8.57
N SER D 10 4.04 17.73 8.07
CA SER D 10 3.88 19.01 8.74
C SER D 10 2.96 18.87 9.97
N SER D 11 2.90 19.93 10.76
CA SER D 11 2.07 19.99 11.96
C SER D 11 0.58 20.19 11.67
N LEU D 12 0.16 20.21 10.40
CA LEU D 12 -1.25 20.48 10.10
C LEU D 12 -1.96 19.27 9.46
N GLN D 13 -1.47 18.06 9.68
CA GLN D 13 -1.99 16.87 9.02
C GLN D 13 -2.03 15.73 10.03
N ARG D 14 -3.23 15.24 10.33
CA ARG D 14 -3.32 14.11 11.24
C ARG D 14 -2.83 12.85 10.54
N ILE D 15 -2.14 12.00 11.29
CA ILE D 15 -1.71 10.69 10.82
C ILE D 15 -2.53 9.62 11.55
N PHE D 16 -3.32 8.89 10.81
CA PHE D 16 -4.14 7.89 11.48
C PHE D 16 -3.44 6.54 11.44
N PRO D 17 -3.76 5.65 12.37
CA PRO D 17 -3.01 4.39 12.47
C PRO D 17 -2.95 3.58 11.19
N GLN D 18 -3.99 3.65 10.38
CA GLN D 18 -4.08 2.87 9.15
C GLN D 18 -3.78 3.72 7.92
N SER D 19 -3.21 4.92 8.11
CA SER D 19 -2.63 5.70 7.03
C SER D 19 -1.54 4.91 6.31
N PRO D 20 -1.40 5.07 5.01
CA PRO D 20 -0.33 4.41 4.28
C PRO D 20 1.01 5.10 4.43
N ALA D 21 2.06 4.30 4.35
CA ALA D 21 3.41 4.84 4.45
C ALA D 21 3.64 5.90 3.38
N GLN D 22 4.50 6.85 3.69
CA GLN D 22 4.92 7.83 2.71
C GLN D 22 6.44 7.80 2.67
N THR D 23 7.03 8.40 1.63
CA THR D 23 8.46 8.62 1.61
C THR D 23 8.66 10.12 1.61
N ALA D 24 9.61 10.59 2.40
CA ALA D 24 9.83 12.02 2.48
C ALA D 24 11.31 12.30 2.61
N ALA D 25 11.82 12.33 3.84
CA ALA D 25 13.25 12.54 4.07
C ALA D 25 13.62 14.01 4.14
N ALA D 26 12.79 14.90 3.57
CA ALA D 26 13.15 16.32 3.50
C ALA D 26 11.93 17.16 3.77
N LEU D 27 12.08 18.16 4.63
CA LEU D 27 10.99 19.05 4.99
C LEU D 27 11.54 20.45 5.14
N GLU D 28 10.88 21.42 4.53
CA GLU D 28 11.23 22.81 4.76
C GLU D 28 10.13 23.52 5.54
N LEU D 29 10.56 24.29 6.51
CA LEU D 29 9.69 25.04 7.42
C LEU D 29 10.03 26.52 7.27
N GLN D 30 9.11 27.35 7.73
CA GLN D 30 9.30 28.78 7.79
C GLN D 30 8.85 29.29 9.15
N ALA D 31 9.53 30.34 9.60
CA ALA D 31 9.39 30.85 10.95
C ALA D 31 9.85 32.30 11.01
N ALA D 32 9.06 33.11 11.69
CA ALA D 32 9.55 34.38 12.15
C ALA D 32 10.51 34.15 13.31
N ARG D 33 11.38 35.11 13.53
CA ARG D 33 12.25 34.99 14.69
C ARG D 33 11.47 35.33 15.94
N ASN D 34 11.95 34.81 17.07
CA ASN D 34 11.21 34.85 18.32
C ASN D 34 9.86 34.15 18.18
N SER D 35 9.88 32.93 17.63
CA SER D 35 8.62 32.21 17.45
C SER D 35 8.86 30.72 17.63
N ARG D 36 7.80 29.96 17.49
CA ARG D 36 7.83 28.54 17.78
C ARG D 36 7.19 27.80 16.63
N VAL D 37 7.78 26.68 16.22
CA VAL D 37 7.30 26.03 15.01
C VAL D 37 7.41 24.52 15.13
N SER D 38 6.55 23.77 14.43
CA SER D 38 6.36 22.35 14.73
C SER D 38 6.34 21.47 13.50
N PHE D 39 6.66 20.20 13.70
CA PHE D 39 6.52 19.24 12.60
C PHE D 39 6.45 17.82 13.18
N GLN D 40 6.22 16.83 12.31
CA GLN D 40 6.06 15.44 12.75
C GLN D 40 7.08 14.55 12.05
N VAL D 41 7.48 13.51 12.78
CA VAL D 41 8.35 12.44 12.28
C VAL D 41 7.49 11.18 12.37
N ALA D 42 7.03 10.68 11.23
CA ALA D 42 6.13 9.55 11.17
C ALA D 42 6.89 8.28 10.83
N PHE D 43 6.26 7.13 11.17
CA PHE D 43 6.93 5.84 11.04
C PHE D 43 5.84 4.79 10.95
N ARG D 44 6.11 3.76 10.16
CA ARG D 44 5.18 2.64 10.05
C ARG D 44 5.96 1.35 9.82
N SER D 45 5.87 0.45 10.78
CA SER D 45 6.51 -0.85 10.69
C SER D 45 5.75 -1.77 9.75
N ASN D 46 6.47 -2.41 8.84
CA ASN D 46 5.89 -3.40 7.96
C ASN D 46 6.27 -4.82 8.38
N MET D 47 6.51 -5.05 9.68
CA MET D 47 7.02 -6.31 10.22
C MET D 47 5.99 -6.97 11.15
N LYS D 48 5.85 -8.31 11.04
CA LYS D 48 5.01 -9.10 11.94
C LYS D 48 5.36 -8.89 13.41
N ASP D 49 6.63 -8.67 13.69
CA ASP D 49 7.14 -8.65 15.05
C ASP D 49 7.34 -7.21 15.50
N GLN D 50 6.99 -6.94 16.75
CA GLN D 50 7.09 -5.57 17.22
C GLN D 50 8.55 -5.23 17.54
N THR D 51 8.84 -3.93 17.56
CA THR D 51 10.23 -3.50 17.73
C THR D 51 10.23 -2.17 18.48
N HIS D 52 11.41 -1.68 18.85
CA HIS D 52 11.53 -0.34 19.44
C HIS D 52 11.95 0.69 18.38
N ILE D 53 11.60 1.94 18.61
CA ILE D 53 12.03 3.00 17.73
C ILE D 53 12.29 4.26 18.55
N SER D 54 13.36 4.99 18.17
CA SER D 54 13.88 6.16 18.87
C SER D 54 14.03 7.34 17.93
N CYS D 55 13.63 8.49 18.41
CA CYS D 55 13.66 9.73 17.64
C CYS D 55 14.64 10.69 18.31
N SER D 56 15.51 11.31 17.52
CA SER D 56 16.42 12.27 18.12
C SER D 56 16.84 13.29 17.08
N THR D 57 17.38 14.40 17.56
CA THR D 57 17.87 15.40 16.62
C THR D 57 19.40 15.45 16.65
N GLU D 58 19.95 15.98 15.57
CA GLU D 58 21.38 16.20 15.44
C GLU D 58 21.62 17.55 14.76
N GLY D 59 22.38 18.41 15.44
CA GLY D 59 22.71 19.72 14.95
C GLY D 59 21.63 20.75 15.13
N ALA D 60 20.71 20.52 16.07
CA ALA D 60 19.57 21.41 16.29
C ALA D 60 19.67 22.15 17.63
N GLU D 61 20.85 22.15 18.25
CA GLU D 61 21.00 22.61 19.62
C GLU D 61 20.52 24.06 19.79
N THR D 62 20.78 24.92 18.80
CA THR D 62 20.40 26.33 18.86
C THR D 62 18.89 26.56 18.78
N LEU D 63 18.11 25.53 18.41
CA LEU D 63 16.65 25.63 18.29
C LEU D 63 15.92 24.99 19.45
N HIS D 64 16.65 24.60 20.49
CA HIS D 64 16.15 23.93 21.69
C HIS D 64 15.03 22.96 21.36
N PRO D 65 15.31 21.95 20.53
CA PRO D 65 14.28 21.04 20.08
C PRO D 65 13.65 20.29 21.25
N ARG D 66 12.40 19.92 21.05
CA ARG D 66 11.66 19.15 22.01
C ARG D 66 10.96 18.03 21.26
N VAL D 67 11.10 16.80 21.75
CA VAL D 67 10.66 15.61 21.05
C VAL D 67 9.63 14.91 21.93
N ARG D 68 8.43 14.75 21.40
CA ARG D 68 7.33 14.11 22.12
C ARG D 68 6.72 13.05 21.21
N TYR D 69 5.89 12.20 21.80
CA TYR D 69 5.24 11.09 21.11
C TYR D 69 3.76 11.38 21.00
N VAL D 70 3.20 11.18 19.81
CA VAL D 70 1.78 11.43 19.63
C VAL D 70 1.01 10.21 20.09
N GLY D 71 0.22 10.35 21.12
CA GLY D 71 -0.64 9.28 21.55
C GLY D 71 -1.99 9.35 20.92
N LEU D 72 -2.71 8.25 20.97
CA LEU D 72 -4.03 8.17 20.38
C LEU D 72 -5.13 8.06 21.44
N VAL D 73 -6.28 8.68 21.19
CA VAL D 73 -7.46 8.49 22.05
C VAL D 73 -8.57 7.93 21.18
N PRO D 74 -9.53 7.24 21.80
CA PRO D 74 -10.62 6.64 21.03
C PRO D 74 -11.62 7.71 20.63
N MET D 75 -12.04 7.69 19.38
CA MET D 75 -13.14 8.54 18.95
C MET D 75 -14.30 7.68 18.49
N PRO D 76 -15.33 7.53 19.31
CA PRO D 76 -16.43 6.59 19.00
C PRO D 76 -17.30 6.97 17.81
N HIS D 77 -17.58 8.26 17.63
CA HIS D 77 -18.45 8.71 16.56
C HIS D 77 -17.89 10.02 16.08
N PHE D 78 -18.25 10.38 14.84
CA PHE D 78 -18.06 11.75 14.37
C PHE D 78 -19.01 12.67 15.15
N ASN D 79 -18.62 13.93 15.29
CA ASN D 79 -19.53 14.91 15.88
C ASN D 79 -20.68 15.18 14.92
N THR D 80 -21.86 15.44 15.47
CA THR D 80 -23.02 15.68 14.63
C THR D 80 -23.02 17.11 14.10
N ASP D 81 -23.85 17.32 13.08
CA ASP D 81 -23.97 18.61 12.39
C ASP D 81 -22.63 19.04 11.80
N VAL D 82 -21.89 18.10 11.22
CA VAL D 82 -20.67 18.44 10.53
C VAL D 82 -20.65 17.68 9.22
N SER D 83 -20.76 18.41 8.11
CA SER D 83 -20.77 17.73 6.83
C SER D 83 -19.41 17.09 6.53
N PRO D 84 -19.39 16.10 5.64
CA PRO D 84 -18.13 15.39 5.36
C PRO D 84 -17.04 16.29 4.82
N GLU D 85 -17.40 17.36 4.10
CA GLU D 85 -16.42 18.33 3.62
C GLU D 85 -15.68 18.99 4.75
N GLU D 86 -16.27 19.04 5.94
CA GLU D 86 -15.72 19.77 7.08
C GLU D 86 -15.15 18.86 8.15
N LEU D 87 -15.16 17.54 7.93
CA LEU D 87 -14.62 16.57 8.87
C LEU D 87 -13.20 16.18 8.47
N ASP D 88 -12.33 16.07 9.46
CA ASP D 88 -11.04 15.40 9.30
C ASP D 88 -11.22 13.89 9.47
N GLY D 89 -10.32 13.12 8.88
CA GLY D 89 -10.31 11.71 9.11
C GLY D 89 -11.34 10.93 8.34
N VAL D 90 -11.93 11.52 7.31
CA VAL D 90 -12.83 10.73 6.48
C VAL D 90 -12.04 9.58 5.87
N GLY D 91 -12.56 8.37 6.01
CA GLY D 91 -11.90 7.15 5.64
C GLY D 91 -11.17 6.46 6.77
N TYR D 92 -10.99 7.15 7.88
CA TYR D 92 -10.22 6.67 9.03
C TYR D 92 -10.98 6.68 10.34
N LEU D 93 -11.91 7.56 10.49
CA LEU D 93 -12.70 7.64 11.68
C LEU D 93 -14.13 7.20 11.37
N PRO D 94 -14.91 6.84 12.40
CA PRO D 94 -14.59 6.68 13.81
C PRO D 94 -13.45 5.68 14.01
N GLY D 95 -12.64 5.87 15.06
CA GLY D 95 -11.41 5.09 15.18
C GLY D 95 -10.48 5.75 16.19
N TRP D 96 -9.19 5.44 16.08
CA TRP D 96 -8.21 6.07 16.94
C TRP D 96 -7.82 7.42 16.36
N LEU D 97 -7.74 8.43 17.24
CA LEU D 97 -7.49 9.81 16.90
C LEU D 97 -6.19 10.26 17.55
N PRO D 98 -5.25 10.83 16.80
CA PRO D 98 -4.05 11.39 17.43
C PRO D 98 -4.38 12.70 18.15
N ASP D 99 -3.89 12.87 19.36
CA ASP D 99 -4.15 14.12 20.08
C ASP D 99 -3.17 14.38 21.23
N PRO D 100 -3.15 13.60 22.32
CA PRO D 100 -2.19 13.87 23.40
C PRO D 100 -0.75 13.77 22.93
N LEU D 101 0.10 14.59 23.55
CA LEU D 101 1.53 14.59 23.34
C LEU D 101 2.21 14.16 24.63
N TYR D 102 2.97 13.07 24.55
CA TYR D 102 3.59 12.50 25.71
C TYR D 102 5.07 12.77 25.69
N PRO D 103 5.69 12.99 26.84
CA PRO D 103 7.14 13.28 26.89
C PRO D 103 7.97 12.01 26.86
N VAL D 104 7.97 11.32 25.72
CA VAL D 104 8.89 10.21 25.47
C VAL D 104 9.45 10.36 24.07
N THR D 105 10.66 9.82 23.89
CA THR D 105 11.36 9.82 22.63
C THR D 105 11.62 8.42 22.09
N LYS D 106 11.18 7.41 22.81
CA LYS D 106 11.33 6.02 22.42
C LYS D 106 9.98 5.35 22.66
N THR D 107 9.54 4.52 21.72
CA THR D 107 8.32 3.77 21.93
C THR D 107 8.46 2.39 21.28
N GLU D 108 7.44 1.57 21.44
CA GLU D 108 7.34 0.30 20.71
C GLU D 108 6.58 0.55 19.42
N ALA D 109 7.17 0.15 18.29
CA ALA D 109 6.51 0.12 17.00
C ALA D 109 5.72 -1.17 16.82
N HIS D 110 4.46 -1.01 16.50
CA HIS D 110 3.55 -2.13 16.37
C HIS D 110 3.30 -2.49 14.92
N PRO D 111 2.91 -3.74 14.64
CA PRO D 111 2.75 -4.15 13.23
C PRO D 111 1.71 -3.31 12.50
N PHE D 112 2.13 -2.74 11.38
CA PHE D 112 1.23 -2.21 10.33
C PHE D 112 0.39 -1.04 10.84
N GLU D 113 1.01 -0.21 11.67
CA GLU D 113 0.37 0.88 12.42
C GLU D 113 1.21 2.15 12.27
N SER D 114 0.65 3.18 11.64
CA SER D 114 1.34 4.45 11.40
C SER D 114 1.20 5.36 12.61
N ARG D 115 2.35 5.81 13.17
CA ARG D 115 2.39 6.69 14.33
C ARG D 115 3.40 7.81 14.08
N SER D 116 3.48 8.78 14.99
CA SER D 116 4.42 9.88 14.78
C SER D 116 4.90 10.48 16.10
N PHE D 117 6.16 10.99 16.07
CA PHE D 117 6.62 11.93 17.08
C PHE D 117 6.35 13.38 16.62
N TRP D 118 6.19 14.25 17.62
CA TRP D 118 5.92 15.67 17.45
C TRP D 118 7.14 16.46 17.94
N ILE D 119 7.73 17.27 17.06
CA ILE D 119 8.92 18.03 17.42
C ILE D 119 8.59 19.52 17.37
N THR D 120 9.01 20.22 18.43
CA THR D 120 8.76 21.65 18.65
C THR D 120 10.11 22.38 18.64
N LEU D 121 10.22 23.43 17.82
CA LEU D 121 11.43 24.22 17.64
C LEU D 121 11.21 25.62 18.18
N GLN D 122 12.22 26.17 18.85
CA GLN D 122 12.23 27.55 19.33
C GLN D 122 13.10 28.37 18.42
N ILE D 123 12.54 29.29 17.67
CA ILE D 123 13.32 30.15 16.80
C ILE D 123 13.68 31.41 17.58
N PRO D 124 14.92 31.57 18.04
CA PRO D 124 15.29 32.73 18.85
C PRO D 124 15.36 34.02 18.06
N ALA D 125 15.12 35.15 18.74
CA ALA D 125 15.19 36.46 18.07
C ALA D 125 16.57 36.75 17.46
N SER D 126 17.62 36.23 18.08
CA SER D 126 19.00 36.47 17.70
C SER D 126 19.51 35.59 16.58
N LEU D 127 18.71 34.66 16.08
CA LEU D 127 19.20 33.75 15.05
C LEU D 127 19.44 34.55 13.77
N SER D 128 20.49 34.19 13.01
CA SER D 128 20.72 34.88 11.72
C SER D 128 19.66 34.46 10.70
N PRO D 129 19.01 35.40 10.01
CA PRO D 129 18.02 35.01 9.00
C PRO D 129 18.64 34.17 7.90
N GLY D 130 17.77 33.51 7.15
CA GLY D 130 18.16 32.58 6.12
C GLY D 130 17.92 31.15 6.56
N ILE D 131 18.52 30.23 5.82
CA ILE D 131 18.23 28.82 5.96
C ILE D 131 19.09 28.26 7.09
N HIS D 132 18.45 27.60 8.05
CA HIS D 132 19.09 26.82 9.09
C HIS D 132 18.61 25.38 8.94
N ASP D 133 19.52 24.41 8.95
CA ASP D 133 19.12 23.03 8.77
C ASP D 133 19.59 22.20 9.94
N PHE D 134 18.92 21.06 10.12
CA PHE D 134 19.35 20.07 11.08
C PHE D 134 18.88 18.71 10.59
N HIS D 135 19.23 17.68 11.34
CA HIS D 135 18.83 16.32 11.01
C HIS D 135 18.06 15.67 12.13
N VAL D 136 17.17 14.76 11.73
CA VAL D 136 16.44 13.89 12.64
C VAL D 136 16.92 12.47 12.40
N ARG D 137 17.23 11.75 13.47
CA ARG D 137 17.65 10.37 13.36
C ARG D 137 16.63 9.44 14.01
N MET D 138 16.20 8.45 13.26
CA MET D 138 15.30 7.41 13.71
C MET D 138 16.09 6.11 13.79
N ARG D 139 16.00 5.41 14.94
CA ARG D 139 16.73 4.17 15.22
C ARG D 139 15.82 3.03 15.69
N TRP D 140 15.95 1.86 15.07
CA TRP D 140 15.11 0.72 15.42
C TRP D 140 15.89 -0.56 15.18
N GLN D 141 15.22 -1.70 15.39
CA GLN D 141 15.84 -3.01 15.23
C GLN D 141 15.01 -3.84 14.27
N GLU D 142 15.71 -4.61 13.43
CA GLU D 142 15.12 -5.66 12.62
C GLU D 142 15.85 -6.92 13.04
N GLY D 143 15.14 -7.81 13.73
CA GLY D 143 15.81 -8.91 14.39
C GLY D 143 16.83 -8.38 15.36
N LYS D 144 18.08 -8.75 15.12
CA LYS D 144 19.19 -8.31 15.95
C LYS D 144 20.04 -7.24 15.27
N GLU D 145 19.75 -6.93 14.01
CA GLU D 145 20.44 -5.84 13.33
C GLU D 145 19.86 -4.50 13.79
N GLU D 146 20.74 -3.56 14.13
CA GLU D 146 20.33 -2.18 14.37
C GLU D 146 20.20 -1.45 13.04
N LYS D 147 19.17 -0.62 12.92
CA LYS D 147 18.88 0.13 11.70
C LYS D 147 18.64 1.58 12.06
N ASP D 148 18.83 2.48 11.10
CA ASP D 148 18.56 3.89 11.34
C ASP D 148 18.29 4.59 10.02
N LYS D 149 17.74 5.81 10.12
CA LYS D 149 17.56 6.69 8.98
C LYS D 149 17.68 8.14 9.44
N LEU D 150 18.39 8.95 8.65
CA LEU D 150 18.39 10.39 8.82
C LEU D 150 17.39 11.05 7.91
N LEU D 151 16.79 12.11 8.41
CA LEU D 151 15.91 12.97 7.64
C LEU D 151 16.42 14.39 7.78
N HIS D 152 16.14 15.20 6.77
CA HIS D 152 16.73 16.53 6.66
C HIS D 152 15.63 17.56 6.83
N VAL D 153 15.80 18.47 7.79
CA VAL D 153 14.84 19.54 8.01
C VAL D 153 15.51 20.88 7.74
N LYS D 154 14.82 21.74 7.03
CA LYS D 154 15.29 23.10 6.76
C LYS D 154 14.28 24.09 7.29
N VAL D 155 14.75 25.14 7.97
CA VAL D 155 13.89 26.21 8.44
C VAL D 155 14.38 27.50 7.81
N LYS D 156 13.53 28.15 7.03
CA LYS D 156 13.86 29.41 6.39
C LYS D 156 13.42 30.53 7.33
N VAL D 157 14.39 31.13 8.01
CA VAL D 157 14.13 32.06 9.09
C VAL D 157 14.02 33.46 8.52
N SER D 158 12.87 34.09 8.77
CA SER D 158 12.56 35.41 8.25
C SER D 158 13.34 36.48 9.01
N ALA D 159 13.49 37.64 8.37
CA ALA D 159 14.01 38.78 9.09
C ALA D 159 13.04 39.26 10.17
N LEU D 160 11.74 39.04 9.95
CA LEU D 160 10.71 39.46 10.91
C LEU D 160 11.02 38.93 12.31
N VAL D 161 10.95 39.80 13.30
CA VAL D 161 11.04 39.41 14.70
C VAL D 161 9.71 39.67 15.40
N LEU D 162 9.12 38.65 16.01
CA LEU D 162 7.77 38.83 16.51
C LEU D 162 7.75 39.71 17.74
N GLN D 163 6.83 40.65 17.74
CA GLN D 163 6.63 41.44 18.93
C GLN D 163 5.50 40.89 19.75
N PRO D 164 5.48 41.19 21.04
CA PRO D 164 4.36 40.74 21.87
C PRO D 164 3.02 41.22 21.32
N ARG D 165 2.07 40.30 21.32
CA ARG D 165 0.74 40.65 20.87
C ARG D 165 0.21 41.81 21.72
N SER D 166 -0.58 42.68 21.09
CA SER D 166 -1.18 43.83 21.78
C SER D 166 -2.64 43.99 21.37
N ASN D 167 -3.45 44.49 22.31
CA ASN D 167 -4.86 44.81 22.07
C ASN D 167 -5.64 43.59 21.62
N PHE D 168 -5.22 42.41 22.06
CA PHE D 168 -5.99 41.20 21.82
C PHE D 168 -5.73 40.21 22.97
N HIS D 169 -6.77 39.87 23.71
CA HIS D 169 -6.58 39.07 24.92
C HIS D 169 -7.32 37.75 24.83
N VAL D 170 -6.72 36.71 25.41
CA VAL D 170 -7.23 35.36 25.29
C VAL D 170 -7.41 34.77 26.67
N THR D 171 -8.58 34.24 26.94
CA THR D 171 -8.83 33.61 28.23
C THR D 171 -9.46 32.23 28.06
N HIS D 172 -9.08 31.34 28.98
CA HIS D 172 -9.65 30.02 29.12
C HIS D 172 -10.04 29.85 30.56
N TRP D 173 -11.25 29.32 30.79
CA TRP D 173 -11.77 29.03 32.12
C TRP D 173 -11.23 27.69 32.62
N TRP D 174 -9.95 27.68 32.99
CA TRP D 174 -9.35 26.52 33.63
C TRP D 174 -10.08 26.21 34.94
N ARG D 175 -10.04 24.94 35.37
CA ARG D 175 -10.89 24.42 36.44
C ARG D 175 -10.07 23.79 37.57
N GLY D 176 -9.99 24.48 38.72
CA GLY D 176 -9.34 23.90 39.87
C GLY D 176 -9.99 22.62 40.36
N GLU D 177 -11.33 22.51 40.21
CA GLU D 177 -12.01 21.29 40.66
C GLU D 177 -11.65 20.11 39.77
N ALA D 178 -11.31 20.37 38.50
CA ALA D 178 -10.85 19.29 37.63
C ALA D 178 -9.53 18.71 38.13
N ILE D 179 -8.61 19.57 38.60
CA ILE D 179 -7.37 19.10 39.22
C ILE D 179 -7.68 18.31 40.48
N ALA D 180 -8.56 18.85 41.33
CA ALA D 180 -8.94 18.11 42.52
C ALA D 180 -9.52 16.73 42.17
N LEU D 181 -10.39 16.64 41.16
CA LEU D 181 -11.06 15.37 40.83
C LEU D 181 -10.14 14.38 40.15
N GLN D 182 -9.42 14.82 39.12
CA GLN D 182 -8.60 13.88 38.37
C GLN D 182 -7.38 13.45 39.16
N TYR D 183 -6.80 14.31 40.02
CA TYR D 183 -5.65 13.83 40.78
C TYR D 183 -6.00 13.38 42.21
N GLU D 184 -7.25 13.51 42.63
CA GLU D 184 -7.67 13.09 43.98
C GLU D 184 -6.84 13.78 45.07
N THR D 185 -6.78 15.10 45.04
CA THR D 185 -6.14 15.87 46.10
C THR D 185 -7.10 16.85 46.70
N LYS D 186 -6.86 17.22 47.97
CA LYS D 186 -7.68 18.24 48.61
C LYS D 186 -7.53 19.53 47.82
N MET D 187 -8.66 20.18 47.57
CA MET D 187 -8.63 21.50 46.97
C MET D 187 -7.68 22.38 47.77
N PHE D 188 -6.81 23.08 47.05
CA PHE D 188 -5.87 24.08 47.57
C PHE D 188 -4.75 23.51 48.40
N ASP D 189 -4.51 22.18 48.37
CA ASP D 189 -3.32 21.64 48.99
C ASP D 189 -2.13 21.92 48.07
N GLU D 190 -0.96 21.47 48.48
CA GLU D 190 0.25 21.96 47.86
C GLU D 190 0.47 21.30 46.52
N GLN D 191 0.07 20.03 46.39
CA GLN D 191 -0.01 19.42 45.08
C GLN D 191 -0.96 20.20 44.18
N TRP D 192 -2.09 20.64 44.73
CA TRP D 192 -3.02 21.43 43.92
C TRP D 192 -2.32 22.66 43.38
N TRP D 193 -1.47 23.30 44.20
CA TRP D 193 -0.81 24.53 43.78
C TRP D 193 0.27 24.28 42.72
N LYS D 194 0.97 23.14 42.77
CA LYS D 194 1.91 22.82 41.69
C LYS D 194 1.18 22.62 40.39
N LEU D 195 0.13 21.83 40.42
CA LEU D 195 -0.59 21.56 39.20
C LEU D 195 -1.18 22.84 38.66
N THR D 196 -1.61 23.74 39.55
CA THR D 196 -2.19 25.00 39.10
C THR D 196 -1.13 25.91 38.49
N ARG D 197 0.05 26.01 39.12
CA ARG D 197 1.11 26.76 38.49
C ARG D 197 1.44 26.17 37.12
N ALA D 198 1.54 24.84 37.05
CA ALA D 198 1.95 24.22 35.80
C ALA D 198 0.93 24.50 34.70
N CYS D 199 -0.36 24.46 35.05
CA CYS D 199 -1.40 24.79 34.07
C CYS D 199 -1.32 26.24 33.62
N MET D 200 -1.18 27.19 34.57
CA MET D 200 -1.19 28.59 34.15
C MET D 200 0.05 28.90 33.31
N LYS D 201 1.14 28.21 33.62
CA LYS D 201 2.35 28.40 32.82
C LYS D 201 2.13 27.87 31.41
N ASN D 202 1.56 26.66 31.30
CA ASN D 202 1.16 26.13 30.00
C ASN D 202 0.34 27.15 29.20
N LEU D 203 -0.72 27.69 29.84
CA LEU D 203 -1.62 28.62 29.17
C LEU D 203 -0.86 29.82 28.59
N ILE D 204 0.01 30.43 29.38
CA ILE D 204 0.61 31.67 28.90
C ILE D 204 1.61 31.34 27.81
N GLU D 205 2.25 30.17 27.89
CA GLU D 205 3.14 29.70 26.82
C GLU D 205 2.37 29.24 25.58
N HIS D 206 1.04 29.19 25.62
CA HIS D 206 0.27 28.91 24.42
C HIS D 206 -0.60 30.08 23.97
N GLY D 207 -0.34 31.29 24.47
CA GLY D 207 -0.99 32.49 23.97
C GLY D 207 -2.11 33.06 24.80
N ASN D 208 -2.49 32.39 25.89
CA ASN D 208 -3.53 32.82 26.82
C ASN D 208 -2.91 33.87 27.76
N ASP D 209 -3.29 35.15 27.64
CA ASP D 209 -2.68 36.16 28.50
C ASP D 209 -3.61 36.69 29.59
N VAL D 210 -4.73 36.01 29.85
CA VAL D 210 -5.66 36.39 30.90
C VAL D 210 -5.83 35.24 31.88
N ALA D 211 -5.61 35.50 33.15
CA ALA D 211 -5.71 34.47 34.15
C ALA D 211 -7.06 34.52 34.82
N PHE D 212 -7.84 33.46 34.64
CA PHE D 212 -9.14 33.31 35.29
C PHE D 212 -8.96 33.00 36.78
N ILE D 213 -9.77 33.69 37.60
CA ILE D 213 -9.87 33.47 39.05
C ILE D 213 -11.29 32.97 39.31
N GLN D 214 -11.52 31.72 39.77
CA GLN D 214 -12.92 31.44 40.19
C GLN D 214 -13.03 31.69 41.69
N ASN D 215 -13.21 32.97 41.99
CA ASN D 215 -13.49 33.39 43.37
C ASN D 215 -14.78 32.78 43.88
N PHE D 216 -15.81 32.73 43.03
CA PHE D 216 -17.03 31.96 43.26
C PHE D 216 -17.00 30.76 42.31
N PHE D 217 -17.40 29.60 42.82
CA PHE D 217 -17.51 28.40 42.02
C PHE D 217 -18.61 28.59 40.98
N GLU D 218 -18.34 28.15 39.75
CA GLU D 218 -19.15 28.54 38.60
C GLU D 218 -20.36 27.65 38.34
N LEU D 219 -20.34 26.38 38.74
CA LEU D 219 -21.38 25.45 38.33
C LEU D 219 -22.68 25.63 39.10
N ARG D 220 -23.79 25.37 38.41
CA ARG D 220 -25.08 25.26 39.08
C ARG D 220 -25.09 24.09 40.05
N ALA D 221 -24.48 22.99 39.67
CA ALA D 221 -24.45 21.83 40.53
C ALA D 221 -23.80 22.18 41.86
N VAL D 222 -24.30 21.59 42.94
CA VAL D 222 -23.76 21.81 44.28
C VAL D 222 -22.68 20.77 44.56
N PHE D 223 -21.47 21.22 44.92
CA PHE D 223 -20.37 20.33 45.28
C PHE D 223 -20.13 20.27 46.79
N LYS D 224 -19.59 19.14 47.23
CA LYS D 224 -19.06 19.02 48.59
C LYS D 224 -17.69 19.69 48.71
N GLU D 225 -16.83 19.54 47.68
CA GLU D 225 -15.57 20.27 47.58
C GLU D 225 -15.57 21.18 46.34
N PRO D 226 -16.15 22.35 46.44
CA PRO D 226 -16.10 23.30 45.33
C PRO D 226 -14.80 24.06 45.25
N CYS D 227 -14.49 24.52 44.04
CA CYS D 227 -13.36 25.40 43.80
C CYS D 227 -13.86 26.82 43.90
N GLN D 228 -13.91 27.31 45.12
CA GLN D 228 -14.23 28.69 45.43
C GLN D 228 -12.97 29.30 46.03
N MET D 229 -12.26 30.12 45.24
CA MET D 229 -10.98 30.58 45.72
C MET D 229 -11.11 31.66 46.78
N LEU D 230 -12.22 32.42 46.77
CA LEU D 230 -12.50 33.35 47.85
C LEU D 230 -12.96 32.59 49.09
N ILE D 231 -12.37 32.91 50.25
CA ILE D 231 -12.80 32.29 51.50
C ILE D 231 -13.90 33.13 52.14
N VAL D 232 -15.05 32.52 52.44
CA VAL D 232 -16.17 33.26 53.02
C VAL D 232 -16.58 32.59 54.33
N ARG D 233 -16.81 33.40 55.36
CA ARG D 233 -17.37 32.86 56.59
C ARG D 233 -18.50 33.77 57.08
N GLU D 234 -19.50 33.16 57.74
CA GLU D 234 -20.74 33.84 58.15
C GLU D 234 -20.91 33.70 59.65
N PRO D 235 -20.20 34.50 60.44
CA PRO D 235 -20.27 34.33 61.90
C PRO D 235 -21.64 34.57 62.51
N SER D 236 -22.35 35.61 62.09
CA SER D 236 -23.72 35.83 62.53
C SER D 236 -24.60 35.97 61.29
N PRO D 237 -25.92 35.72 61.43
CA PRO D 237 -26.81 35.75 60.26
C PRO D 237 -26.65 36.99 59.40
N GLY D 238 -26.30 36.78 58.13
CA GLY D 238 -26.27 37.85 57.18
C GLY D 238 -25.10 38.80 57.28
N LYS D 239 -24.14 38.54 58.16
CA LYS D 239 -22.94 39.36 58.26
C LYS D 239 -21.74 38.48 57.91
N TYR D 240 -21.07 38.84 56.82
CA TYR D 240 -20.10 37.98 56.17
C TYR D 240 -18.72 38.60 56.34
N GLU D 241 -17.70 37.75 56.42
CA GLU D 241 -16.33 38.24 56.31
C GLU D 241 -15.56 37.40 55.29
N PHE D 242 -14.54 38.03 54.71
CA PHE D 242 -13.86 37.53 53.52
C PHE D 242 -12.36 37.45 53.73
N ASP D 243 -11.77 36.31 53.37
CA ASP D 243 -10.33 36.06 53.42
C ASP D 243 -9.84 35.85 51.99
N TRP D 244 -8.95 36.74 51.54
CA TRP D 244 -8.49 36.83 50.16
C TRP D 244 -7.16 36.09 49.95
N SER D 245 -6.71 35.34 50.93
CA SER D 245 -5.33 34.88 50.89
C SER D 245 -5.08 33.91 49.73
N ARG D 246 -6.05 33.05 49.37
CA ARG D 246 -5.83 32.13 48.23
C ARG D 246 -5.76 32.87 46.90
N ILE D 247 -6.66 33.82 46.69
CA ILE D 247 -6.64 34.62 45.49
C ILE D 247 -5.36 35.42 45.43
N LYS D 248 -4.90 35.88 46.57
CA LYS D 248 -3.69 36.69 46.57
C LYS D 248 -2.50 35.83 46.16
N ARG D 249 -2.45 34.58 46.62
CA ARG D 249 -1.39 33.70 46.18
C ARG D 249 -1.48 33.41 44.68
N PHE D 250 -2.69 33.17 44.18
CA PHE D 250 -2.84 32.90 42.76
C PHE D 250 -2.38 34.09 41.92
N VAL D 251 -2.69 35.31 42.37
CA VAL D 251 -2.27 36.50 41.63
C VAL D 251 -0.76 36.65 41.69
N ASP D 252 -0.15 36.43 42.86
CA ASP D 252 1.32 36.43 42.91
C ASP D 252 1.89 35.46 41.89
N MET D 253 1.37 34.22 41.90
CA MET D 253 1.90 33.19 41.01
C MET D 253 1.77 33.62 39.55
N CYS D 254 0.57 34.03 39.15
CA CYS D 254 0.34 34.40 37.75
C CYS D 254 1.21 35.59 37.35
N ARG D 255 1.40 36.56 38.24
CA ARG D 255 2.28 37.68 37.89
C ARG D 255 3.72 37.21 37.73
N GLU D 256 4.17 36.27 38.57
CA GLU D 256 5.51 35.71 38.40
C GLU D 256 5.66 35.02 37.06
N LEU D 257 4.59 34.40 36.55
CA LEU D 257 4.64 33.70 35.27
C LEU D 257 4.57 34.62 34.07
N GLY D 258 4.18 35.88 34.29
CA GLY D 258 4.11 36.84 33.21
C GLY D 258 2.74 37.45 32.96
N TYR D 259 1.68 37.08 33.71
CA TYR D 259 0.37 37.65 33.43
C TYR D 259 0.25 39.09 33.95
N LYS D 260 -0.63 39.87 33.30
CA LYS D 260 -1.00 41.22 33.71
C LYS D 260 -2.50 41.38 33.80
N LYS D 261 -3.24 40.58 33.07
CA LYS D 261 -4.69 40.64 33.03
C LYS D 261 -5.28 39.49 33.84
N PHE D 262 -6.36 39.78 34.56
CA PHE D 262 -7.08 38.76 35.28
C PHE D 262 -8.58 38.87 35.01
N GLU D 263 -9.29 37.77 35.30
CA GLU D 263 -10.71 37.61 35.00
C GLU D 263 -11.42 36.99 36.19
N TRP D 264 -12.57 37.53 36.53
CA TRP D 264 -13.29 37.12 37.72
C TRP D 264 -14.51 36.30 37.34
N ALA D 265 -14.97 35.50 38.29
CA ALA D 265 -16.08 34.60 38.05
C ALA D 265 -17.40 35.37 37.91
N HIS D 266 -18.43 34.65 37.48
CA HIS D 266 -19.75 35.23 37.31
C HIS D 266 -20.33 35.61 38.68
N LEU D 267 -21.21 36.62 38.66
CA LEU D 267 -21.92 37.09 39.85
C LEU D 267 -23.38 36.66 39.91
N TRP D 268 -23.97 36.17 38.82
CA TRP D 268 -25.30 35.58 38.82
C TRP D 268 -25.25 34.31 37.99
N LEU D 269 -26.04 33.34 38.42
CA LEU D 269 -25.96 31.97 37.95
C LEU D 269 -26.76 31.78 36.66
N TYR D 270 -26.21 30.95 35.79
CA TYR D 270 -26.37 30.99 34.34
C TYR D 270 -27.71 30.44 33.85
N TRP D 271 -28.52 29.87 34.72
CA TRP D 271 -29.95 29.77 34.42
C TRP D 271 -30.54 31.13 34.07
N GLY D 272 -30.41 31.59 32.83
CA GLY D 272 -30.80 32.97 32.55
C GLY D 272 -29.89 33.91 33.33
N VAL D 273 -30.49 34.88 34.03
CA VAL D 273 -29.79 35.68 35.04
C VAL D 273 -30.63 35.72 36.32
N GLN D 274 -31.30 34.61 36.60
CA GLN D 274 -32.40 34.61 37.54
C GLN D 274 -32.02 34.07 38.93
N ASP D 275 -30.92 33.33 39.05
CA ASP D 275 -30.51 32.74 40.33
C ASP D 275 -29.23 33.40 40.85
N ALA D 276 -29.05 33.34 42.16
CA ALA D 276 -27.83 33.84 42.77
C ALA D 276 -26.73 32.78 42.74
N MET D 277 -25.48 33.24 42.87
CA MET D 277 -24.38 32.30 42.89
C MET D 277 -24.43 31.42 44.14
N HIS D 278 -23.97 30.20 43.98
CA HIS D 278 -23.74 29.28 45.08
C HIS D 278 -22.45 29.72 45.78
N VAL D 279 -22.55 30.16 47.03
CA VAL D 279 -21.40 30.62 47.80
C VAL D 279 -21.31 29.80 49.07
N TYR D 280 -20.13 29.26 49.36
CA TYR D 280 -20.06 28.26 50.40
C TYR D 280 -19.22 28.77 51.56
N LYS D 281 -19.41 28.11 52.70
CA LYS D 281 -18.62 28.37 53.89
C LYS D 281 -18.12 27.02 54.39
N LYS D 282 -16.92 27.03 54.96
CA LYS D 282 -16.33 25.78 55.42
C LYS D 282 -17.12 25.24 56.61
N GLU D 283 -17.10 23.91 56.76
CA GLU D 283 -17.73 23.24 57.88
C GLU D 283 -17.21 21.81 57.92
N GLY D 284 -16.69 21.41 59.07
CA GLY D 284 -16.04 20.11 59.16
C GLY D 284 -15.02 19.96 58.04
N ASN D 285 -15.11 18.86 57.33
CA ASN D 285 -14.12 18.55 56.30
C ASN D 285 -14.41 19.20 54.97
N ALA D 286 -15.62 19.70 54.75
CA ALA D 286 -15.97 20.17 53.41
C ALA D 286 -16.91 21.37 53.55
N TYR D 287 -17.54 21.76 52.45
CA TYR D 287 -18.17 23.06 52.43
C TYR D 287 -19.69 22.91 52.33
N LYS D 288 -20.38 23.96 52.82
CA LYS D 288 -21.82 23.96 52.84
C LYS D 288 -22.37 25.31 52.41
N LEU D 289 -23.49 25.29 51.70
CA LEU D 289 -24.07 26.50 51.15
C LEU D 289 -24.43 27.51 52.24
N LEU D 290 -24.36 28.80 51.87
CA LEU D 290 -24.77 29.89 52.76
C LEU D 290 -26.28 30.11 52.81
N TRP D 291 -27.01 29.65 51.80
CA TRP D 291 -28.42 29.90 51.60
C TRP D 291 -28.95 28.83 50.64
N ALA D 292 -30.21 28.93 50.26
CA ALA D 292 -30.86 27.87 49.50
C ALA D 292 -30.35 27.78 48.06
N GLU D 293 -30.33 26.55 47.53
CA GLU D 293 -29.84 26.29 46.17
C GLU D 293 -30.53 27.14 45.13
N ASN D 294 -31.81 27.44 45.36
CA ASN D 294 -32.70 28.11 44.42
C ASN D 294 -32.86 29.60 44.70
N LEU D 295 -32.08 30.15 45.64
CA LEU D 295 -32.14 31.57 45.97
C LEU D 295 -32.07 32.45 44.74
N SER D 296 -32.88 33.50 44.72
CA SER D 296 -32.99 34.31 43.52
C SER D 296 -31.90 35.38 43.47
N GLY D 297 -31.58 35.82 42.24
CA GLY D 297 -30.60 36.86 42.05
C GLY D 297 -30.98 38.18 42.69
N THR D 298 -32.28 38.47 42.77
CA THR D 298 -32.81 39.71 43.31
C THR D 298 -33.31 39.59 44.75
N SER D 299 -33.12 38.42 45.38
CA SER D 299 -33.39 38.18 46.79
C SER D 299 -32.92 39.31 47.69
N ASP D 300 -33.53 39.43 48.87
CA ASP D 300 -32.97 40.29 49.91
C ASP D 300 -31.65 39.74 50.47
N THR D 301 -31.56 38.43 50.69
CA THR D 301 -30.33 37.83 51.20
C THR D 301 -29.13 38.08 50.28
N TYR D 302 -29.30 37.81 48.98
CA TYR D 302 -28.14 37.90 48.10
C TYR D 302 -27.72 39.35 47.87
N ILE D 303 -28.67 40.27 47.83
CA ILE D 303 -28.29 41.66 47.70
C ILE D 303 -27.67 42.16 49.00
N HIS D 304 -28.08 41.62 50.16
CA HIS D 304 -27.38 41.99 51.39
C HIS D 304 -25.96 41.46 51.40
N PHE D 305 -25.73 40.30 50.78
CA PHE D 305 -24.35 39.83 50.68
C PHE D 305 -23.57 40.66 49.67
N LEU D 306 -24.16 41.05 48.56
CA LEU D 306 -23.41 41.88 47.62
C LEU D 306 -23.05 43.23 48.24
N LYS D 307 -23.96 43.81 49.05
CA LYS D 307 -23.68 45.09 49.71
C LYS D 307 -22.40 45.03 50.54
N GLN D 308 -22.05 43.85 51.06
CA GLN D 308 -20.84 43.70 51.87
C GLN D 308 -19.66 43.23 51.02
N TYR D 309 -19.89 42.34 50.04
CA TYR D 309 -18.82 41.77 49.25
C TYR D 309 -18.20 42.77 48.29
N LEU D 310 -19.02 43.47 47.51
CA LEU D 310 -18.45 44.29 46.44
C LEU D 310 -17.49 45.34 46.99
N PRO D 311 -17.76 46.04 48.09
CA PRO D 311 -16.77 46.98 48.59
C PRO D 311 -15.48 46.31 49.04
N GLN D 312 -15.57 45.07 49.55
CA GLN D 312 -14.38 44.31 49.92
C GLN D 312 -13.55 43.97 48.69
N LEU D 313 -14.23 43.59 47.60
CA LEU D 313 -13.57 43.37 46.32
C LEU D 313 -12.87 44.64 45.87
N HIS D 314 -13.53 45.79 46.00
CA HIS D 314 -12.91 47.05 45.60
C HIS D 314 -11.65 47.31 46.42
N ARG D 315 -11.71 47.07 47.73
CA ARG D 315 -10.51 47.26 48.54
C ARG D 315 -9.39 46.32 48.11
N PHE D 316 -9.73 45.07 47.81
CA PHE D 316 -8.71 44.12 47.37
C PHE D 316 -8.07 44.56 46.06
N LEU D 317 -8.91 44.96 45.10
CA LEU D 317 -8.43 45.41 43.81
C LEU D 317 -7.51 46.60 43.96
N LEU D 318 -7.85 47.54 44.83
CA LEU D 318 -6.95 48.66 45.07
C LEU D 318 -5.64 48.19 45.66
N LYS D 319 -5.72 47.42 46.74
CA LYS D 319 -4.55 46.99 47.48
C LYS D 319 -3.57 46.23 46.60
N GLU D 320 -4.07 45.45 45.62
CA GLU D 320 -3.23 44.61 44.78
C GLU D 320 -3.01 45.20 43.40
N ASN D 321 -3.50 46.40 43.14
CA ASN D 321 -3.29 47.09 41.87
C ASN D 321 -3.88 46.28 40.72
N LEU D 322 -5.18 46.03 40.81
CA LEU D 322 -5.89 45.21 39.87
C LEU D 322 -7.10 45.85 39.20
N LEU D 323 -7.49 47.08 39.54
CA LEU D 323 -8.67 47.64 38.91
C LEU D 323 -8.52 47.72 37.40
N SER D 324 -7.47 48.38 36.92
CA SER D 324 -7.39 48.55 35.48
C SER D 324 -7.11 47.24 34.74
N ASP D 325 -6.72 46.19 35.44
CA ASP D 325 -6.28 44.96 34.81
C ASP D 325 -7.24 43.79 35.04
N SER D 326 -8.50 44.07 35.36
CA SER D 326 -9.44 43.01 35.62
C SER D 326 -10.65 43.10 34.70
N TYR D 327 -11.06 41.93 34.24
CA TYR D 327 -12.29 41.73 33.47
C TYR D 327 -13.29 41.09 34.41
N PHE D 328 -14.55 41.53 34.32
CA PHE D 328 -15.59 41.10 35.23
C PHE D 328 -16.76 40.53 34.47
N HIS D 329 -17.42 39.57 35.09
CA HIS D 329 -18.56 38.90 34.51
C HIS D 329 -19.80 39.08 35.38
N LEU D 330 -20.94 39.18 34.71
CA LEU D 330 -22.24 39.21 35.38
C LEU D 330 -22.92 37.86 35.19
N SER D 331 -23.49 37.61 34.01
CA SER D 331 -24.09 36.32 33.76
C SER D 331 -24.18 36.09 32.26
N ASP D 332 -24.34 34.83 31.89
CA ASP D 332 -24.27 34.43 30.50
C ASP D 332 -25.65 34.41 29.85
N GLU D 333 -25.64 34.70 28.54
CA GLU D 333 -26.68 34.50 27.55
C GLU D 333 -28.10 34.55 28.11
N PRO D 334 -28.65 35.74 28.33
CA PRO D 334 -30.10 35.87 28.52
C PRO D 334 -30.78 35.89 27.16
N TRP D 335 -31.76 35.01 26.94
CA TRP D 335 -32.53 35.11 25.71
C TRP D 335 -33.29 36.43 25.76
N SER D 336 -34.10 36.73 24.73
CA SER D 336 -34.90 37.97 24.73
C SER D 336 -35.74 38.10 26.00
N GLU D 337 -36.50 37.06 26.32
CA GLU D 337 -37.36 37.06 27.50
C GLU D 337 -36.59 37.34 28.79
N HIS D 338 -35.41 36.72 28.95
CA HIS D 338 -34.60 36.93 30.15
C HIS D 338 -34.08 38.36 30.28
N VAL D 339 -34.21 39.19 29.23
CA VAL D 339 -33.48 40.47 29.21
C VAL D 339 -33.72 41.25 30.49
N GLU D 340 -34.98 41.35 30.93
CA GLU D 340 -35.24 42.17 32.11
C GLU D 340 -34.58 41.60 33.36
N ASN D 341 -34.57 40.26 33.53
CA ASN D 341 -33.70 39.67 34.55
C ASN D 341 -32.37 40.41 34.59
N TYR D 342 -31.62 40.32 33.48
CA TYR D 342 -30.27 40.87 33.45
C TYR D 342 -30.28 42.39 33.62
N LYS D 343 -31.27 43.11 33.04
CA LYS D 343 -31.32 44.56 33.27
C LYS D 343 -31.34 44.85 34.77
N LYS D 344 -32.20 44.14 35.51
CA LYS D 344 -32.29 44.41 36.94
C LYS D 344 -30.93 44.17 37.59
N ALA D 345 -30.31 43.02 37.29
CA ALA D 345 -29.00 42.73 37.86
C ALA D 345 -28.00 43.80 37.49
N ARG D 346 -27.99 44.24 36.23
CA ARG D 346 -26.99 45.23 35.83
C ARG D 346 -27.16 46.50 36.66
N ASN D 347 -28.42 46.94 36.82
CA ASN D 347 -28.62 48.19 37.58
C ASN D 347 -28.18 47.99 39.02
N ILE D 348 -28.40 46.81 39.58
CA ILE D 348 -27.92 46.54 40.92
C ILE D 348 -26.41 46.79 41.01
N LEU D 349 -25.64 46.24 40.06
CA LEU D 349 -24.21 46.51 40.04
C LEU D 349 -23.94 48.01 39.93
N ARG D 350 -24.64 48.70 39.01
CA ARG D 350 -24.40 50.14 38.85
C ARG D 350 -24.62 50.86 40.16
N GLN D 351 -25.57 50.38 40.98
CA GLN D 351 -25.82 51.02 42.27
C GLN D 351 -24.72 50.71 43.27
N LEU D 352 -24.23 49.48 43.28
CA LEU D 352 -23.36 49.01 44.34
C LEU D 352 -21.87 49.03 43.98
N ALA D 353 -21.54 49.07 42.69
CA ALA D 353 -20.17 48.96 42.19
C ALA D 353 -20.07 49.73 40.87
N PRO D 354 -20.34 51.03 40.89
CA PRO D 354 -20.31 51.81 39.64
C PRO D 354 -18.95 51.82 38.99
N TRP D 355 -17.90 51.53 39.75
CA TRP D 355 -16.57 51.37 39.20
C TRP D 355 -16.43 50.14 38.31
N MET D 356 -17.35 49.18 38.41
CA MET D 356 -17.21 47.89 37.75
C MET D 356 -17.86 47.94 36.37
N LYS D 357 -17.06 47.70 35.33
CA LYS D 357 -17.55 47.45 33.98
C LYS D 357 -17.54 45.95 33.73
N VAL D 358 -18.52 45.50 32.95
CA VAL D 358 -18.81 44.08 32.77
C VAL D 358 -18.58 43.68 31.32
N MET D 359 -18.24 42.41 31.11
CA MET D 359 -18.25 41.79 29.80
C MET D 359 -18.93 40.44 29.95
N ASP D 360 -19.74 40.09 28.96
CA ASP D 360 -20.49 38.85 29.00
C ASP D 360 -20.83 38.41 27.59
N ALA D 361 -21.05 37.10 27.46
CA ALA D 361 -21.67 36.50 26.30
C ALA D 361 -23.06 37.08 26.06
N LEU D 362 -23.22 37.99 25.11
CA LEU D 362 -24.53 38.37 24.58
C LEU D 362 -24.48 38.16 23.08
N SER D 363 -25.15 37.12 22.60
CA SER D 363 -25.17 36.87 21.16
C SER D 363 -26.31 37.57 20.42
N ASP D 364 -27.33 38.04 21.13
CA ASP D 364 -28.39 38.83 20.52
C ASP D 364 -27.89 40.25 20.33
N VAL D 365 -27.73 40.67 19.07
CA VAL D 365 -27.13 41.98 18.82
C VAL D 365 -28.09 43.10 19.20
N ARG D 366 -29.40 42.88 19.03
CA ARG D 366 -30.39 43.89 19.40
C ARG D 366 -30.40 44.18 20.90
N TYR D 367 -29.86 43.27 21.73
CA TYR D 367 -29.78 43.46 23.18
C TYR D 367 -28.33 43.49 23.68
N GLY D 368 -27.35 43.77 22.83
CA GLY D 368 -26.00 44.08 23.29
C GLY D 368 -25.61 45.46 22.80
N ARG D 369 -26.34 45.84 21.76
CA ARG D 369 -26.48 47.22 21.28
C ARG D 369 -27.21 48.11 22.27
N GLU D 370 -28.21 47.57 22.98
CA GLU D 370 -28.94 48.35 23.98
C GLU D 370 -28.07 48.71 25.18
N GLN D 371 -26.77 48.34 25.17
CA GLN D 371 -25.80 48.59 26.24
C GLN D 371 -25.95 47.65 27.45
N LEU D 372 -26.77 46.58 27.38
CA LEU D 372 -26.99 45.74 28.56
C LEU D 372 -25.66 45.44 29.25
N THR D 373 -24.68 45.00 28.47
CA THR D 373 -23.33 44.77 28.97
C THR D 373 -22.45 45.92 28.51
N ASP D 374 -21.22 45.97 29.03
CA ASP D 374 -20.25 47.00 28.66
C ASP D 374 -19.30 46.56 27.55
N ILE D 375 -18.89 45.29 27.54
CA ILE D 375 -18.09 44.73 26.44
C ILE D 375 -18.69 43.38 26.04
N PRO D 376 -19.37 43.28 24.90
CA PRO D 376 -20.08 42.04 24.61
C PRO D 376 -19.19 40.97 23.97
N ILE D 377 -19.59 39.72 24.21
CA ILE D 377 -18.86 38.53 23.78
C ILE D 377 -19.83 37.67 22.98
N PRO D 378 -20.13 38.02 21.73
CA PRO D 378 -20.95 37.12 20.92
C PRO D 378 -20.24 35.83 20.59
N ILE D 379 -21.05 34.79 20.43
CA ILE D 379 -20.57 33.58 19.80
C ILE D 379 -20.22 33.92 18.35
N ILE D 380 -19.30 33.17 17.74
CA ILE D 380 -18.76 33.58 16.43
C ILE D 380 -19.86 33.68 15.36
N SER D 381 -20.90 32.86 15.44
CA SER D 381 -21.98 32.92 14.47
C SER D 381 -22.83 34.20 14.60
N SER D 382 -22.70 34.98 15.67
CA SER D 382 -23.31 36.31 15.76
C SER D 382 -22.32 37.43 15.47
N ASP D 383 -21.04 37.10 15.32
CA ASP D 383 -20.03 38.11 15.03
C ASP D 383 -20.48 39.06 13.92
N GLU D 384 -20.90 38.52 12.77
CA GLU D 384 -21.25 39.37 11.63
C GLU D 384 -22.23 40.49 12.02
N ALA D 385 -23.28 40.15 12.80
CA ALA D 385 -24.27 41.16 13.17
C ALA D 385 -23.61 42.28 13.96
N TYR D 386 -22.82 41.91 14.97
CA TYR D 386 -22.08 42.90 15.74
C TYR D 386 -21.16 43.72 14.83
N ARG D 387 -20.60 43.12 13.77
CA ARG D 387 -19.72 43.92 12.93
C ARG D 387 -20.49 44.89 12.02
N LYS D 388 -21.73 44.58 11.65
CA LYS D 388 -22.43 45.53 10.79
C LYS D 388 -22.95 46.72 11.58
N GLU D 389 -23.29 46.53 12.85
CA GLU D 389 -23.52 47.60 13.82
C GLU D 389 -22.25 48.35 14.19
N GLN D 390 -21.08 47.85 13.75
CA GLN D 390 -19.76 48.18 14.32
C GLN D 390 -19.75 48.43 15.84
N ILE D 391 -20.09 47.39 16.58
CA ILE D 391 -19.94 47.34 18.03
C ILE D 391 -18.65 46.59 18.34
N PRO D 392 -17.73 47.16 19.12
CA PRO D 392 -16.51 46.43 19.48
C PRO D 392 -16.83 45.25 20.40
N HIS D 393 -16.13 44.13 20.19
CA HIS D 393 -16.53 42.91 20.87
C HIS D 393 -15.43 41.86 20.88
N TRP D 394 -15.54 40.96 21.86
CA TRP D 394 -14.86 39.66 21.96
C TRP D 394 -15.71 38.60 21.26
N VAL D 395 -15.14 37.42 20.99
CA VAL D 395 -15.89 36.31 20.40
C VAL D 395 -15.55 35.06 21.18
N TYR D 396 -16.51 34.14 21.26
CA TYR D 396 -16.24 32.85 21.88
C TYR D 396 -16.83 31.77 21.00
N PHE D 397 -16.49 30.53 21.33
CA PHE D 397 -17.07 29.39 20.63
C PHE D 397 -16.95 28.26 21.62
N CYS D 398 -17.75 27.20 21.40
CA CYS D 398 -17.87 26.10 22.38
C CYS D 398 -18.24 24.82 21.64
N THR D 399 -19.16 24.00 22.15
CA THR D 399 -19.59 22.87 21.33
C THR D 399 -20.07 23.33 19.95
N GLY D 400 -20.59 24.54 19.89
CA GLY D 400 -21.00 25.08 18.63
C GLY D 400 -20.46 26.46 18.46
N PRO D 401 -20.66 27.01 17.26
CA PRO D 401 -21.33 26.31 16.15
C PRO D 401 -20.43 25.26 15.49
N ARG D 402 -20.98 24.57 14.50
CA ARG D 402 -20.22 23.53 13.83
C ARG D 402 -20.31 23.67 12.32
N ASN D 403 -20.41 22.54 11.62
CA ASN D 403 -20.34 22.45 10.18
C ASN D 403 -19.27 23.40 9.60
N LYS D 404 -19.64 24.36 8.76
CA LYS D 404 -18.65 25.25 8.14
C LYS D 404 -17.91 26.13 9.15
N TRP D 405 -18.42 26.30 10.38
CA TRP D 405 -17.88 27.29 11.33
C TRP D 405 -16.55 26.84 11.94
N LEU D 406 -15.69 27.83 12.19
CA LEU D 406 -14.47 27.57 12.95
C LEU D 406 -14.80 26.87 14.27
N ASN D 407 -13.91 25.98 14.70
CA ASN D 407 -14.03 25.34 16.01
C ASN D 407 -12.76 24.52 16.23
N ARG D 408 -12.72 23.79 17.32
CA ARG D 408 -11.49 23.20 17.80
C ARG D 408 -11.71 21.75 18.21
N LEU D 409 -12.52 21.03 17.45
CA LEU D 409 -12.98 19.73 17.91
C LEU D 409 -12.02 18.65 17.48
N TYR D 410 -12.22 17.45 18.02
CA TYR D 410 -11.45 16.29 17.62
C TYR D 410 -11.44 16.09 16.11
N ASP D 411 -12.57 16.37 15.44
CA ASP D 411 -12.69 16.15 14.02
C ASP D 411 -12.72 17.46 13.20
N THR D 412 -12.26 18.55 13.78
CA THR D 412 -11.99 19.77 13.01
C THR D 412 -10.62 19.67 12.37
N PRO D 413 -10.52 19.76 11.05
CA PRO D 413 -9.20 19.65 10.40
C PRO D 413 -8.24 20.70 10.93
N LEU D 414 -6.96 20.34 11.00
CA LEU D 414 -6.03 21.26 11.64
C LEU D 414 -5.86 22.59 10.87
N PRO D 415 -5.86 22.63 9.55
CA PRO D 415 -5.71 23.94 8.89
C PRO D 415 -6.85 24.89 9.18
N LYS D 416 -8.05 24.34 9.27
CA LYS D 416 -9.20 25.14 9.66
C LYS D 416 -8.97 25.76 11.02
N LEU D 417 -8.51 24.95 12.01
CA LEU D 417 -8.21 25.45 13.35
C LEU D 417 -7.12 26.52 13.33
N ARG D 418 -6.09 26.27 12.52
CA ARG D 418 -4.98 27.18 12.35
C ARG D 418 -5.43 28.54 11.80
N MET D 419 -6.57 28.62 11.12
CA MET D 419 -7.09 29.93 10.74
C MET D 419 -7.62 30.78 11.91
N SER D 420 -7.68 30.26 13.14
CA SER D 420 -8.35 31.00 14.21
C SER D 420 -7.83 32.43 14.36
N GLY D 421 -6.52 32.58 14.52
CA GLY D 421 -5.94 33.89 14.76
C GLY D 421 -5.97 34.81 13.57
N TRP D 422 -5.88 34.24 12.35
CA TRP D 422 -6.06 35.05 11.15
C TRP D 422 -7.44 35.68 11.16
N LEU D 423 -8.46 34.88 11.50
CA LEU D 423 -9.83 35.37 11.52
C LEU D 423 -10.01 36.39 12.66
N PHE D 424 -9.50 36.08 13.84
CA PHE D 424 -9.50 37.03 14.94
C PHE D 424 -8.94 38.39 14.51
N TYR D 425 -7.82 38.36 13.77
CA TYR D 425 -7.16 39.59 13.35
C TYR D 425 -8.00 40.34 12.32
N LYS D 426 -8.37 39.64 11.27
CA LYS D 426 -9.03 40.27 10.14
C LYS D 426 -10.41 40.77 10.54
N LEU D 427 -11.13 40.04 11.37
CA LEU D 427 -12.45 40.47 11.82
C LEU D 427 -12.36 41.32 13.08
N LYS D 428 -11.17 41.66 13.53
CA LYS D 428 -10.93 42.69 14.52
C LYS D 428 -11.63 42.41 15.86
N ALA D 429 -11.60 41.15 16.29
CA ALA D 429 -12.04 40.86 17.64
C ALA D 429 -11.07 41.46 18.65
N LEU D 430 -11.64 41.90 19.77
CA LEU D 430 -10.86 42.34 20.94
C LEU D 430 -10.24 41.19 21.73
N GLY D 431 -10.81 40.01 21.65
CA GLY D 431 -10.32 38.91 22.43
C GLY D 431 -11.18 37.70 22.17
N PHE D 432 -10.73 36.59 22.71
CA PHE D 432 -11.33 35.28 22.54
C PHE D 432 -11.39 34.60 23.88
N LEU D 433 -12.51 33.95 24.12
CA LEU D 433 -12.80 33.31 25.38
C LEU D 433 -13.17 31.87 25.09
N HIS D 434 -12.76 30.95 25.96
CA HIS D 434 -13.18 29.57 25.78
C HIS D 434 -13.31 28.89 27.14
N TRP D 435 -14.32 28.03 27.28
CA TRP D 435 -14.71 27.45 28.56
C TRP D 435 -13.95 26.17 28.92
N GLY D 436 -13.26 25.58 27.94
CA GLY D 436 -12.86 24.19 28.00
C GLY D 436 -11.38 24.01 27.73
N TYR D 437 -10.57 24.39 28.72
CA TYR D 437 -9.13 24.11 28.72
C TYR D 437 -8.83 22.76 29.35
N ASN D 438 -9.30 22.53 30.59
CA ASN D 438 -9.04 21.27 31.29
C ASN D 438 -10.30 20.77 31.99
N PHE D 439 -11.43 20.79 31.29
CA PHE D 439 -12.67 20.31 31.92
C PHE D 439 -12.71 18.81 31.66
N TRP D 440 -12.04 18.10 32.56
CA TRP D 440 -11.65 16.70 32.47
C TRP D 440 -12.67 15.75 33.08
N TYR D 441 -13.68 16.28 33.79
CA TYR D 441 -14.53 15.42 34.58
C TYR D 441 -15.95 15.29 33.98
N THR D 442 -16.83 14.61 34.70
CA THR D 442 -18.16 14.27 34.21
C THR D 442 -18.99 15.53 34.18
N LEU D 443 -19.65 15.78 33.06
CA LEU D 443 -20.31 17.07 32.93
C LEU D 443 -21.31 17.29 34.07
N ASP D 444 -21.15 18.41 34.77
CA ASP D 444 -22.07 18.89 35.81
C ASP D 444 -22.20 17.94 36.99
N LYS D 445 -21.16 17.20 37.33
CA LYS D 445 -21.23 16.28 38.46
C LYS D 445 -19.87 16.20 39.12
N GLU D 446 -19.87 16.07 40.45
CA GLU D 446 -18.63 15.97 41.21
C GLU D 446 -18.19 14.51 41.10
N GLN D 447 -17.78 14.17 39.91
CA GLN D 447 -17.46 12.80 39.58
C GLN D 447 -16.36 12.84 38.53
N PRO D 448 -15.13 12.40 38.84
CA PRO D 448 -14.07 12.48 37.84
C PRO D 448 -14.40 11.66 36.62
N GLY D 449 -13.72 11.98 35.51
CA GLY D 449 -13.87 11.24 34.28
C GLY D 449 -12.57 10.58 33.86
N ASP D 450 -12.42 10.31 32.56
CA ASP D 450 -11.15 9.79 32.00
C ASP D 450 -10.83 10.47 30.66
N PRO D 451 -10.09 11.56 30.68
CA PRO D 451 -9.84 12.28 29.41
C PRO D 451 -9.17 11.43 28.34
N PHE D 452 -8.50 10.37 28.69
CA PHE D 452 -7.80 9.54 27.71
C PHE D 452 -8.72 8.56 26.97
N THR D 453 -9.95 8.34 27.47
CA THR D 453 -10.95 7.52 26.80
C THR D 453 -12.28 8.23 26.56
N GLU D 454 -12.51 9.45 27.07
CA GLU D 454 -13.78 10.14 26.92
C GLU D 454 -13.53 11.62 26.62
N GLY D 455 -13.94 12.08 25.43
CA GLY D 455 -13.57 13.41 24.99
C GLY D 455 -14.73 14.39 25.00
N ALA D 456 -15.88 14.00 25.49
CA ALA D 456 -17.02 14.88 25.48
C ALA D 456 -17.72 14.91 26.84
N ALA D 457 -16.97 14.69 27.91
CA ALA D 457 -17.50 14.80 29.25
C ALA D 457 -18.72 13.92 29.43
N TYR D 458 -18.75 12.80 28.71
CA TYR D 458 -19.84 11.82 28.81
C TYR D 458 -21.17 12.42 28.37
N ALA D 459 -21.15 13.49 27.56
CA ALA D 459 -22.34 14.22 27.21
C ALA D 459 -22.51 14.32 25.69
N TYR D 460 -21.94 13.36 24.94
CA TYR D 460 -22.11 13.40 23.50
C TYR D 460 -23.51 12.97 23.09
N PRO D 461 -24.08 13.60 22.05
CA PRO D 461 -23.49 14.58 21.14
C PRO D 461 -23.68 16.05 21.51
N GLY D 462 -24.47 16.38 22.54
CA GLY D 462 -24.60 17.79 22.94
C GLY D 462 -23.26 18.45 23.20
N ILE D 463 -22.39 17.76 23.93
CA ILE D 463 -20.98 18.14 24.03
C ILE D 463 -20.22 17.39 22.94
N ALA D 464 -19.50 18.14 22.11
CA ALA D 464 -18.74 17.57 21.02
C ALA D 464 -17.45 16.98 21.56
N TYR D 465 -17.04 15.82 21.02
CA TYR D 465 -15.71 15.34 21.34
C TYR D 465 -14.70 16.44 21.01
N GLY D 466 -13.86 16.80 21.99
CA GLY D 466 -12.86 17.83 21.79
C GLY D 466 -13.18 19.18 22.38
N ASP D 467 -14.41 19.43 22.76
CA ASP D 467 -14.82 20.72 23.30
C ASP D 467 -14.40 20.93 24.74
N PRO D 468 -14.46 19.91 25.59
CA PRO D 468 -14.16 20.15 27.00
C PRO D 468 -12.73 20.43 27.29
N PHE D 469 -11.77 19.96 26.49
CA PHE D 469 -10.39 20.03 26.95
C PHE D 469 -9.39 19.92 25.81
N VAL D 470 -8.33 20.75 25.91
CA VAL D 470 -7.23 20.73 24.94
C VAL D 470 -5.93 20.24 25.56
N VAL D 471 -5.90 20.01 26.85
CA VAL D 471 -4.73 19.43 27.48
C VAL D 471 -5.18 18.18 28.22
N TYR D 472 -4.23 17.34 28.54
CA TYR D 472 -4.56 16.15 29.27
C TYR D 472 -3.86 16.14 30.62
N PRO D 473 -4.37 15.40 31.61
CA PRO D 473 -3.72 15.37 32.93
C PRO D 473 -2.47 14.49 32.92
N GLY D 474 -1.33 15.11 33.16
CA GLY D 474 -0.09 14.40 33.30
C GLY D 474 0.29 14.34 34.76
N PRO D 475 1.26 13.50 35.10
CA PRO D 475 1.61 13.30 36.51
C PRO D 475 2.04 14.56 37.24
N ASP D 476 2.64 15.52 36.55
CA ASP D 476 3.15 16.74 37.17
C ASP D 476 2.55 18.00 36.58
N GLY D 477 1.52 17.88 35.74
CA GLY D 477 0.96 19.03 35.08
C GLY D 477 0.31 18.59 33.77
N PRO D 478 -0.03 19.53 32.92
CA PRO D 478 -0.73 19.16 31.68
C PRO D 478 0.21 18.63 30.63
N TYR D 479 -0.26 17.60 29.92
CA TYR D 479 0.26 17.20 28.61
C TYR D 479 -0.45 18.01 27.54
N ASP D 480 0.31 18.57 26.60
CA ASP D 480 -0.29 19.26 25.45
C ASP D 480 -0.98 18.27 24.51
N SER D 481 -1.82 18.80 23.62
CA SER D 481 -2.37 18.03 22.50
C SER D 481 -1.98 18.69 21.18
N ILE D 482 -2.14 17.95 20.08
CA ILE D 482 -1.90 18.53 18.75
C ILE D 482 -2.74 19.79 18.55
N ARG D 483 -4.03 19.70 18.89
CA ARG D 483 -4.94 20.82 18.72
C ARG D 483 -4.41 22.05 19.44
N TRP D 484 -3.84 21.86 20.64
CA TRP D 484 -3.38 22.99 21.44
C TRP D 484 -2.13 23.60 20.84
N GLU D 485 -1.27 22.76 20.27
CA GLU D 485 -0.08 23.30 19.63
C GLU D 485 -0.46 24.08 18.38
N VAL D 486 -1.41 23.56 17.60
CA VAL D 486 -1.86 24.28 16.41
C VAL D 486 -2.57 25.56 16.80
N PHE D 487 -3.45 25.52 17.81
CA PHE D 487 -4.12 26.74 18.23
C PHE D 487 -3.11 27.79 18.67
N SER D 488 -2.10 27.38 19.42
CA SER D 488 -1.05 28.30 19.86
C SER D 488 -0.28 28.88 18.69
N GLU D 489 0.03 28.05 17.72
CA GLU D 489 0.74 28.54 16.55
C GLU D 489 -0.13 29.51 15.76
N SER D 490 -1.46 29.35 15.85
CA SER D 490 -2.40 30.28 15.21
C SER D 490 -2.44 31.64 15.92
N LEU D 491 -2.39 31.65 17.26
CA LEU D 491 -2.26 32.95 17.94
C LEU D 491 -0.93 33.60 17.60
N GLN D 492 0.10 32.78 17.38
CA GLN D 492 1.36 33.31 16.87
C GLN D 492 1.20 33.95 15.49
N ASP D 493 0.44 33.31 14.58
CA ASP D 493 0.21 33.91 13.26
C ASP D 493 -0.47 35.27 13.41
N TYR D 494 -1.31 35.43 14.42
CA TYR D 494 -1.87 36.76 14.67
C TYR D 494 -0.78 37.74 15.03
N ALA D 495 0.19 37.30 15.84
CA ALA D 495 1.32 38.19 16.11
C ALA D 495 2.16 38.44 14.86
N ILE D 496 2.22 37.49 13.94
CA ILE D 496 2.99 37.72 12.72
C ILE D 496 2.35 38.85 11.91
N LEU D 497 1.03 38.76 11.71
CA LEU D 497 0.33 39.83 10.99
C LEU D 497 0.58 41.18 11.63
N GLN D 498 0.50 41.24 12.96
CA GLN D 498 0.65 42.51 13.65
C GLN D 498 2.08 43.03 13.55
N SER D 499 3.06 42.16 13.80
CA SER D 499 4.44 42.59 13.76
C SER D 499 4.87 43.00 12.37
N ALA D 500 4.34 42.36 11.35
CA ALA D 500 4.68 42.70 9.99
C ALA D 500 3.92 43.91 9.47
N GLY D 501 2.98 44.45 10.23
CA GLY D 501 2.27 45.62 9.75
C GLY D 501 1.17 45.35 8.76
N ILE D 502 0.68 44.12 8.66
CA ILE D 502 -0.38 43.81 7.71
C ILE D 502 -1.70 44.34 8.25
N GLN D 503 -2.44 45.05 7.41
CA GLN D 503 -3.72 45.62 7.82
C GLN D 503 -4.86 44.64 7.60
N PRO D 504 -5.87 44.60 8.46
CA PRO D 504 -7.00 43.69 8.24
C PRO D 504 -7.62 43.80 6.87
N GLU D 505 -7.57 45.01 6.29
CA GLU D 505 -8.12 45.32 4.97
C GLU D 505 -7.19 44.93 3.83
N ASP D 506 -6.00 44.38 4.13
CA ASP D 506 -5.03 44.04 3.10
C ASP D 506 -5.65 43.03 2.13
N PRO D 507 -5.45 43.18 0.82
CA PRO D 507 -6.03 42.22 -0.10
C PRO D 507 -5.65 40.79 0.19
N MET D 508 -4.44 40.52 0.70
CA MET D 508 -4.04 39.13 0.91
C MET D 508 -4.94 38.41 1.92
N LEU D 509 -5.75 39.15 2.69
CA LEU D 509 -6.63 38.60 3.69
C LEU D 509 -8.10 38.70 3.28
N ALA D 510 -8.39 39.06 2.04
CA ALA D 510 -9.76 39.45 1.71
C ALA D 510 -10.72 38.27 1.64
N ALA D 511 -10.23 37.04 1.50
CA ALA D 511 -11.15 35.91 1.48
C ALA D 511 -11.69 35.53 2.86
N LEU D 512 -11.09 36.07 3.93
CA LEU D 512 -11.62 35.86 5.26
C LEU D 512 -12.85 36.74 5.43
N HIS D 513 -14.04 36.22 5.06
CA HIS D 513 -15.28 36.99 5.12
C HIS D 513 -16.02 36.86 6.47
N THR D 514 -16.19 35.63 6.99
CA THR D 514 -16.81 35.45 8.28
C THR D 514 -16.11 34.32 8.99
N TYR D 515 -16.51 34.07 10.25
CA TYR D 515 -16.03 32.89 10.97
C TYR D 515 -16.60 31.58 10.39
N GLU D 516 -17.27 31.67 9.25
CA GLU D 516 -17.80 30.53 8.51
C GLU D 516 -17.20 30.41 7.12
N ASP D 517 -16.99 31.54 6.45
CA ASP D 517 -16.63 31.64 5.04
C ASP D 517 -15.19 32.13 4.94
N PHE D 518 -14.23 31.22 4.68
CA PHE D 518 -12.83 31.60 4.87
C PHE D 518 -11.99 30.45 4.32
N PRO D 519 -10.83 30.72 3.73
CA PRO D 519 -9.99 29.61 3.24
C PRO D 519 -9.49 28.73 4.39
N ARG D 520 -9.29 27.45 4.09
CA ARG D 520 -8.98 26.48 5.13
C ARG D 520 -8.10 25.36 4.58
N SER D 521 -7.17 25.70 3.71
CA SER D 521 -6.19 24.76 3.19
C SER D 521 -4.82 25.07 3.75
N GLU D 522 -4.03 24.02 3.97
CA GLU D 522 -2.66 24.23 4.40
C GLU D 522 -1.89 25.09 3.40
N GLN D 523 -2.24 24.99 2.12
CA GLN D 523 -1.53 25.78 1.14
C GLN D 523 -1.79 27.29 1.24
N TRP D 524 -3.04 27.70 1.41
CA TRP D 524 -3.30 29.12 1.60
C TRP D 524 -2.45 29.70 2.73
N ILE D 525 -2.40 29.00 3.89
CA ILE D 525 -1.56 29.39 5.04
C ILE D 525 -0.09 29.46 4.65
N ASN D 526 0.43 28.42 4.00
CA ASN D 526 1.86 28.45 3.66
C ASN D 526 2.17 29.59 2.69
N GLU D 527 1.35 29.78 1.66
CA GLU D 527 1.61 30.82 0.66
C GLU D 527 1.54 32.23 1.28
N THR D 528 0.54 32.47 2.12
CA THR D 528 0.38 33.80 2.68
C THR D 528 1.51 34.11 3.64
N LEU D 529 1.91 33.13 4.46
CA LEU D 529 3.08 33.32 5.30
C LEU D 529 4.34 33.54 4.46
N LYS D 530 4.50 32.83 3.35
CA LYS D 530 5.71 33.03 2.56
C LYS D 530 5.81 34.48 2.08
N LYS D 531 4.71 35.03 1.59
CA LYS D 531 4.70 36.44 1.20
C LYS D 531 5.12 37.33 2.37
N ILE D 532 4.43 37.20 3.51
CA ILE D 532 4.69 38.07 4.65
C ILE D 532 6.13 37.94 5.10
N LEU D 533 6.61 36.71 5.26
CA LEU D 533 7.88 36.50 5.90
C LEU D 533 9.04 36.85 4.99
N GLU D 534 8.91 36.62 3.69
CA GLU D 534 10.01 37.01 2.81
C GLU D 534 9.98 38.49 2.46
N LYS D 535 8.89 39.22 2.75
CA LYS D 535 8.94 40.67 2.55
C LYS D 535 9.79 41.36 3.63
N ALA D 536 9.57 41.05 4.90
CA ALA D 536 10.59 41.31 5.96
C ALA D 536 11.20 42.71 6.01
S SO4 E . 23.32 -0.12 -20.35
O1 SO4 E . 24.27 0.53 -19.42
O2 SO4 E . 23.47 0.44 -21.69
O3 SO4 E . 23.47 -1.59 -20.46
O4 SO4 E . 21.99 0.04 -19.77
S SO4 F . 36.02 -26.76 -35.88
O1 SO4 F . 36.00 -26.37 -34.48
O2 SO4 F . 37.10 -26.18 -36.69
O3 SO4 F . 36.21 -28.23 -36.00
O4 SO4 F . 34.69 -26.31 -36.33
S SO4 G . 28.48 -41.50 -14.17
O1 SO4 G . 28.57 -41.81 -12.73
O2 SO4 G . 29.82 -41.60 -14.77
O3 SO4 G . 27.51 -42.44 -14.81
O4 SO4 G . 28.06 -40.08 -14.28
NA NA H . 10.33 -37.39 -24.75
S SO4 I . -23.44 2.49 19.78
O1 SO4 I . -23.20 1.09 20.12
O2 SO4 I . -22.15 3.02 19.33
O3 SO4 I . -24.01 3.24 20.91
O4 SO4 I . -24.45 2.56 18.71
S SO4 J . -3.63 2.82 22.59
O1 SO4 J . -2.16 2.78 22.87
O2 SO4 J . -3.88 2.93 21.12
O3 SO4 J . -4.24 1.63 23.28
O4 SO4 J . -4.26 4.09 23.07
NA NA K . -4.04 -30.84 30.66
S SO4 L . -0.98 -4.43 -22.26
O1 SO4 L . 0.23 -4.55 -21.46
O2 SO4 L . -0.98 -3.09 -22.87
O3 SO4 L . -2.12 -4.63 -21.36
O4 SO4 L . -1.09 -5.43 -23.31
S SO4 M . -8.85 14.33 -48.38
O1 SO4 M . -8.27 14.30 -46.99
O2 SO4 M . -7.85 13.85 -49.32
O3 SO4 M . -10.08 13.51 -48.54
O4 SO4 M . -9.17 15.72 -48.77
S SO4 N . -6.31 35.83 -32.43
O1 SO4 N . -5.39 36.84 -31.87
O2 SO4 N . -6.00 35.62 -33.88
O3 SO4 N . -6.13 34.53 -31.76
O4 SO4 N . -7.68 36.32 -32.25
S SO4 O . 3.44 -3.33 -21.82
O1 SO4 O . 3.38 -3.78 -20.39
O2 SO4 O . 4.79 -2.73 -21.96
O3 SO4 O . 3.30 -4.45 -22.82
O4 SO4 O . 2.38 -2.26 -22.02
NA NA P . 13.90 29.66 -36.68
S SO4 Q . 1.13 3.04 22.38
O1 SO4 Q . 1.38 2.38 23.67
O2 SO4 Q . 2.38 2.90 21.60
O3 SO4 Q . 0.80 4.44 22.63
O4 SO4 Q . 0.03 2.52 21.58
NA NA R . -20.39 35.67 31.24
#